data_3L1M
# 
_entry.id   3L1M 
# 
_audit_conform.dict_name       mmcif_pdbx.dic 
_audit_conform.dict_version    5.398 
_audit_conform.dict_location   http://mmcif.pdb.org/dictionaries/ascii/mmcif_pdbx.dic 
# 
loop_
_database_2.database_id 
_database_2.database_code 
_database_2.pdbx_database_accession 
_database_2.pdbx_DOI 
PDB   3L1M         pdb_00003l1m 10.2210/pdb3l1m/pdb 
RCSB  RCSB056718   ?            ?                   
WWPDB D_1000056718 ?            ?                   
# 
loop_
_pdbx_audit_revision_history.ordinal 
_pdbx_audit_revision_history.data_content_type 
_pdbx_audit_revision_history.major_revision 
_pdbx_audit_revision_history.minor_revision 
_pdbx_audit_revision_history.revision_date 
1 'Structure model' 1 0 2010-04-28 
2 'Structure model' 1 1 2011-07-13 
3 'Structure model' 1 2 2018-08-29 
4 'Structure model' 1 3 2021-10-13 
5 'Structure model' 1 4 2023-09-06 
6 'Structure model' 1 5 2024-11-06 
# 
_pdbx_audit_revision_details.ordinal             1 
_pdbx_audit_revision_details.revision_ordinal    1 
_pdbx_audit_revision_details.data_content_type   'Structure model' 
_pdbx_audit_revision_details.provider            repository 
_pdbx_audit_revision_details.type                'Initial release' 
_pdbx_audit_revision_details.description         ? 
_pdbx_audit_revision_details.details             ? 
# 
loop_
_pdbx_audit_revision_group.ordinal 
_pdbx_audit_revision_group.revision_ordinal 
_pdbx_audit_revision_group.data_content_type 
_pdbx_audit_revision_group.group 
1  2 'Structure model' 'Version format compliance' 
2  3 'Structure model' Advisory                    
3  3 'Structure model' 'Data collection'           
4  3 'Structure model' 'Source and taxonomy'       
5  3 'Structure model' 'Structure summary'         
6  4 'Structure model' Advisory                    
7  4 'Structure model' 'Database references'       
8  4 'Structure model' 'Derived calculations'      
9  5 'Structure model' 'Data collection'           
10 5 'Structure model' 'Refinement description'    
11 6 'Structure model' 'Structure summary'         
# 
loop_
_pdbx_audit_revision_category.ordinal 
_pdbx_audit_revision_category.revision_ordinal 
_pdbx_audit_revision_category.data_content_type 
_pdbx_audit_revision_category.category 
1  3 'Structure model' entity                        
2  3 'Structure model' entity_src_gen                
3  3 'Structure model' entity_src_nat                
4  3 'Structure model' pdbx_unobs_or_zero_occ_atoms  
5  4 'Structure model' database_2                    
6  4 'Structure model' pdbx_struct_conn_angle        
7  4 'Structure model' pdbx_unobs_or_zero_occ_atoms  
8  4 'Structure model' struct_conn                   
9  4 'Structure model' struct_conn_type              
10 4 'Structure model' struct_ref_seq_dif            
11 4 'Structure model' struct_site                   
12 5 'Structure model' chem_comp_atom                
13 5 'Structure model' chem_comp_bond                
14 5 'Structure model' pdbx_initial_refinement_model 
15 6 'Structure model' pdbx_entry_details            
16 6 'Structure model' pdbx_modification_feature     
# 
loop_
_pdbx_audit_revision_item.ordinal 
_pdbx_audit_revision_item.revision_ordinal 
_pdbx_audit_revision_item.data_content_type 
_pdbx_audit_revision_item.item 
1  3 'Structure model' '_entity.src_method'                          
2  4 'Structure model' '_database_2.pdbx_DOI'                        
3  4 'Structure model' '_database_2.pdbx_database_accession'         
4  4 'Structure model' '_pdbx_struct_conn_angle.ptnr1_auth_comp_id'  
5  4 'Structure model' '_pdbx_struct_conn_angle.ptnr1_auth_seq_id'   
6  4 'Structure model' '_pdbx_struct_conn_angle.ptnr1_label_asym_id' 
7  4 'Structure model' '_pdbx_struct_conn_angle.ptnr1_label_atom_id' 
8  4 'Structure model' '_pdbx_struct_conn_angle.ptnr1_label_comp_id' 
9  4 'Structure model' '_pdbx_struct_conn_angle.ptnr1_label_seq_id'  
10 4 'Structure model' '_pdbx_struct_conn_angle.ptnr2_auth_comp_id'  
11 4 'Structure model' '_pdbx_struct_conn_angle.ptnr2_auth_seq_id'   
12 4 'Structure model' '_pdbx_struct_conn_angle.ptnr2_label_asym_id' 
13 4 'Structure model' '_pdbx_struct_conn_angle.ptnr2_label_atom_id' 
14 4 'Structure model' '_pdbx_struct_conn_angle.ptnr2_label_comp_id' 
15 4 'Structure model' '_pdbx_struct_conn_angle.ptnr3_auth_comp_id'  
16 4 'Structure model' '_pdbx_struct_conn_angle.ptnr3_auth_seq_id'   
17 4 'Structure model' '_pdbx_struct_conn_angle.ptnr3_label_asym_id' 
18 4 'Structure model' '_pdbx_struct_conn_angle.ptnr3_label_atom_id' 
19 4 'Structure model' '_pdbx_struct_conn_angle.ptnr3_label_comp_id' 
20 4 'Structure model' '_pdbx_struct_conn_angle.ptnr3_label_seq_id'  
21 4 'Structure model' '_pdbx_struct_conn_angle.value'               
22 4 'Structure model' '_struct_conn.conn_type_id'                   
23 4 'Structure model' '_struct_conn.id'                             
24 4 'Structure model' '_struct_conn.pdbx_dist_value'                
25 4 'Structure model' '_struct_conn.pdbx_leaving_atom_flag'         
26 4 'Structure model' '_struct_conn.ptnr1_auth_comp_id'             
27 4 'Structure model' '_struct_conn.ptnr1_auth_seq_id'              
28 4 'Structure model' '_struct_conn.ptnr1_label_asym_id'            
29 4 'Structure model' '_struct_conn.ptnr1_label_atom_id'            
30 4 'Structure model' '_struct_conn.ptnr1_label_comp_id'            
31 4 'Structure model' '_struct_conn.ptnr1_label_seq_id'             
32 4 'Structure model' '_struct_conn.ptnr2_auth_comp_id'             
33 4 'Structure model' '_struct_conn.ptnr2_auth_seq_id'              
34 4 'Structure model' '_struct_conn.ptnr2_label_asym_id'            
35 4 'Structure model' '_struct_conn.ptnr2_label_atom_id'            
36 4 'Structure model' '_struct_conn.ptnr2_label_comp_id'            
37 4 'Structure model' '_struct_conn.ptnr2_label_seq_id'             
38 4 'Structure model' '_struct_conn_type.id'                        
39 4 'Structure model' '_struct_ref_seq_dif.details'                 
40 4 'Structure model' '_struct_site.pdbx_auth_asym_id'              
41 4 'Structure model' '_struct_site.pdbx_auth_comp_id'              
42 4 'Structure model' '_struct_site.pdbx_auth_seq_id'               
# 
_pdbx_database_status.entry_id                        3L1M 
_pdbx_database_status.deposit_site                    RCSB 
_pdbx_database_status.process_site                    RCSB 
_pdbx_database_status.recvd_initial_deposition_date   2009-12-13 
_pdbx_database_status.status_code                     REL 
_pdbx_database_status.status_code_sf                  REL 
_pdbx_database_status.status_code_mr                  ? 
_pdbx_database_status.SG_entry                        ? 
_pdbx_database_status.pdb_format_compatible           Y 
_pdbx_database_status.status_code_cs                  ? 
_pdbx_database_status.methods_development_category    ? 
_pdbx_database_status.status_code_nmr_data            ? 
# 
loop_
_pdbx_database_related.db_name 
_pdbx_database_related.db_id 
_pdbx_database_related.details 
_pdbx_database_related.content_type 
PDB 256B 
;IMPROVEMENT OF THE 2.5 ANGSTROMS RESOLUTION MODEL OF CYTOCHROME B562 BY REDETERMINING THE PRIMARY STRUCTURE AND USING MOLECULAR GRAPHICS
;
unspecified 
PDB 2BC5 'Crystal structure of E. coli cytochrome b562 with engineered c-type heme linkages' unspecified 
PDB 3FOO 'A Triangular Cytochrome b562 Superstructure Mediated by Ni Coordination - Monoclinic Form' unspecified 
# 
loop_
_audit_author.name 
_audit_author.pdbx_ordinal 
'Radford, R.J.' 1 
'Tezcan, F.A.'  2 
# 
_citation.id                        primary 
_citation.title                     'Controlled protein dimerization through hybrid coordination motifs.' 
_citation.journal_abbrev            Inorg.Chem. 
_citation.journal_volume            49 
_citation.page_first                4362 
_citation.page_last                 4369 
_citation.year                      2010 
_citation.journal_id_ASTM           INOCAJ 
_citation.country                   US 
_citation.journal_id_ISSN           0020-1669 
_citation.journal_id_CSD            0009 
_citation.book_publisher            ? 
_citation.pdbx_database_id_PubMed   20377257 
_citation.pdbx_database_id_DOI      10.1021/ic100534y 
# 
loop_
_citation_author.citation_id 
_citation_author.name 
_citation_author.ordinal 
_citation_author.identifier_ORCID 
primary 'Radford, R.J.'  1 ? 
primary 'Nguyen, P.C.'   2 ? 
primary 'Ditri, T.B.'    3 ? 
primary 'Figueroa, J.S.' 4 ? 
primary 'Tezcan, F.A.'   5 ? 
# 
loop_
_entity.id 
_entity.type 
_entity.src_method 
_entity.pdbx_description 
_entity.formula_weight 
_entity.pdbx_number_of_molecules 
_entity.pdbx_ec 
_entity.pdbx_mutation 
_entity.pdbx_fragment 
_entity.details 
1 polymer     man 'Soluble cytochrome b562'             11788.280 1  ? 'K59W, G70C, R98C, Y101C' 'residues 23-128' ? 
2 non-polymer syn 'PROTOPORPHYRIN IX CONTAINING FE'     616.487   1  ? ?                         ?                 ? 
3 non-polymer syn 'N-(8-hydroxyquinolin-5-yl)acetamide' 202.209   1  ? ?                         ?                 ? 
4 non-polymer syn 'NICKEL (II) ION'                     58.693    1  ? ?                         ?                 ? 
5 water       nat water                                 18.015    46 ? ?                         ?                 ? 
# 
_entity_name_com.entity_id   1 
_entity_name_com.name        'Cytochrome b-562' 
# 
_entity_poly.entity_id                      1 
_entity_poly.type                           'polypeptide(L)' 
_entity_poly.nstd_linkage                   no 
_entity_poly.nstd_monomer                   no 
_entity_poly.pdbx_seq_one_letter_code       
;ADLEDNMETLNDNLKVIEKADNAAQVKDALTKMRAAALDAQKATPPKLEDKSPDSPEMWDFRHGFDILVCQIDDALKLAN
EGKVKEAQAAAEQLKTTCNACHQKYR
;
_entity_poly.pdbx_seq_one_letter_code_can   
;ADLEDNMETLNDNLKVIEKADNAAQVKDALTKMRAAALDAQKATPPKLEDKSPDSPEMWDFRHGFDILVCQIDDALKLAN
EGKVKEAQAAAEQLKTTCNACHQKYR
;
_entity_poly.pdbx_strand_id                 A 
_entity_poly.pdbx_target_identifier         ? 
# 
loop_
_pdbx_entity_nonpoly.entity_id 
_pdbx_entity_nonpoly.name 
_pdbx_entity_nonpoly.comp_id 
2 'PROTOPORPHYRIN IX CONTAINING FE'     HEM 
3 'N-(8-hydroxyquinolin-5-yl)acetamide' HQI 
4 'NICKEL (II) ION'                     NI  
5 water                                 HOH 
# 
loop_
_entity_poly_seq.entity_id 
_entity_poly_seq.num 
_entity_poly_seq.mon_id 
_entity_poly_seq.hetero 
1 1   ALA n 
1 2   ASP n 
1 3   LEU n 
1 4   GLU n 
1 5   ASP n 
1 6   ASN n 
1 7   MET n 
1 8   GLU n 
1 9   THR n 
1 10  LEU n 
1 11  ASN n 
1 12  ASP n 
1 13  ASN n 
1 14  LEU n 
1 15  LYS n 
1 16  VAL n 
1 17  ILE n 
1 18  GLU n 
1 19  LYS n 
1 20  ALA n 
1 21  ASP n 
1 22  ASN n 
1 23  ALA n 
1 24  ALA n 
1 25  GLN n 
1 26  VAL n 
1 27  LYS n 
1 28  ASP n 
1 29  ALA n 
1 30  LEU n 
1 31  THR n 
1 32  LYS n 
1 33  MET n 
1 34  ARG n 
1 35  ALA n 
1 36  ALA n 
1 37  ALA n 
1 38  LEU n 
1 39  ASP n 
1 40  ALA n 
1 41  GLN n 
1 42  LYS n 
1 43  ALA n 
1 44  THR n 
1 45  PRO n 
1 46  PRO n 
1 47  LYS n 
1 48  LEU n 
1 49  GLU n 
1 50  ASP n 
1 51  LYS n 
1 52  SER n 
1 53  PRO n 
1 54  ASP n 
1 55  SER n 
1 56  PRO n 
1 57  GLU n 
1 58  MET n 
1 59  TRP n 
1 60  ASP n 
1 61  PHE n 
1 62  ARG n 
1 63  HIS n 
1 64  GLY n 
1 65  PHE n 
1 66  ASP n 
1 67  ILE n 
1 68  LEU n 
1 69  VAL n 
1 70  CYS n 
1 71  GLN n 
1 72  ILE n 
1 73  ASP n 
1 74  ASP n 
1 75  ALA n 
1 76  LEU n 
1 77  LYS n 
1 78  LEU n 
1 79  ALA n 
1 80  ASN n 
1 81  GLU n 
1 82  GLY n 
1 83  LYS n 
1 84  VAL n 
1 85  LYS n 
1 86  GLU n 
1 87  ALA n 
1 88  GLN n 
1 89  ALA n 
1 90  ALA n 
1 91  ALA n 
1 92  GLU n 
1 93  GLN n 
1 94  LEU n 
1 95  LYS n 
1 96  THR n 
1 97  THR n 
1 98  CYS n 
1 99  ASN n 
1 100 ALA n 
1 101 CYS n 
1 102 HIS n 
1 103 GLN n 
1 104 LYS n 
1 105 TYR n 
1 106 ARG n 
# 
_entity_src_gen.entity_id                          1 
_entity_src_gen.pdbx_src_id                        1 
_entity_src_gen.pdbx_alt_source_flag               sample 
_entity_src_gen.pdbx_seq_type                      ? 
_entity_src_gen.pdbx_beg_seq_num                   ? 
_entity_src_gen.pdbx_end_seq_num                   ? 
_entity_src_gen.gene_src_common_name               ? 
_entity_src_gen.gene_src_genus                     ? 
_entity_src_gen.pdbx_gene_src_gene                 ? 
_entity_src_gen.gene_src_species                   ? 
_entity_src_gen.gene_src_strain                    ? 
_entity_src_gen.gene_src_tissue                    ? 
_entity_src_gen.gene_src_tissue_fraction           ? 
_entity_src_gen.gene_src_details                   ? 
_entity_src_gen.pdbx_gene_src_fragment             ? 
_entity_src_gen.pdbx_gene_src_scientific_name      'Escherichia coli' 
_entity_src_gen.pdbx_gene_src_ncbi_taxonomy_id     562 
_entity_src_gen.pdbx_gene_src_variant              ? 
_entity_src_gen.pdbx_gene_src_cell_line            ? 
_entity_src_gen.pdbx_gene_src_atcc                 ? 
_entity_src_gen.pdbx_gene_src_organ                ? 
_entity_src_gen.pdbx_gene_src_organelle            ? 
_entity_src_gen.pdbx_gene_src_cell                 ? 
_entity_src_gen.pdbx_gene_src_cellular_location    ? 
_entity_src_gen.host_org_common_name               ? 
_entity_src_gen.pdbx_host_org_scientific_name      'Escherichia coli BL21(DE3)' 
_entity_src_gen.pdbx_host_org_ncbi_taxonomy_id     469008 
_entity_src_gen.host_org_genus                     ? 
_entity_src_gen.pdbx_host_org_gene                 ? 
_entity_src_gen.pdbx_host_org_organ                ? 
_entity_src_gen.host_org_species                   ? 
_entity_src_gen.pdbx_host_org_tissue               ? 
_entity_src_gen.pdbx_host_org_tissue_fraction      ? 
_entity_src_gen.pdbx_host_org_strain               'BL21(DE3)' 
_entity_src_gen.pdbx_host_org_variant              ? 
_entity_src_gen.pdbx_host_org_cell_line            ? 
_entity_src_gen.pdbx_host_org_atcc                 ? 
_entity_src_gen.pdbx_host_org_culture_collection   ? 
_entity_src_gen.pdbx_host_org_cell                 ? 
_entity_src_gen.pdbx_host_org_organelle            ? 
_entity_src_gen.pdbx_host_org_cellular_location    ? 
_entity_src_gen.pdbx_host_org_vector_type          ? 
_entity_src_gen.pdbx_host_org_vector               ? 
_entity_src_gen.host_org_details                   ? 
_entity_src_gen.expression_system_id               ? 
_entity_src_gen.plasmid_name                       ? 
_entity_src_gen.plasmid_details                    ? 
_entity_src_gen.pdbx_description                   ? 
# 
loop_
_chem_comp.id 
_chem_comp.type 
_chem_comp.mon_nstd_flag 
_chem_comp.name 
_chem_comp.pdbx_synonyms 
_chem_comp.formula 
_chem_comp.formula_weight 
ALA 'L-peptide linking' y ALANINE                               ?                  'C3 H7 N O2'       89.093  
ARG 'L-peptide linking' y ARGININE                              ?                  'C6 H15 N4 O2 1'   175.209 
ASN 'L-peptide linking' y ASPARAGINE                            ?                  'C4 H8 N2 O3'      132.118 
ASP 'L-peptide linking' y 'ASPARTIC ACID'                       ?                  'C4 H7 N O4'       133.103 
CYS 'L-peptide linking' y CYSTEINE                              ?                  'C3 H7 N O2 S'     121.158 
GLN 'L-peptide linking' y GLUTAMINE                             ?                  'C5 H10 N2 O3'     146.144 
GLU 'L-peptide linking' y 'GLUTAMIC ACID'                       ?                  'C5 H9 N O4'       147.129 
GLY 'peptide linking'   y GLYCINE                               ?                  'C2 H5 N O2'       75.067  
HEM non-polymer         . 'PROTOPORPHYRIN IX CONTAINING FE'     HEME               'C34 H32 Fe N4 O4' 616.487 
HIS 'L-peptide linking' y HISTIDINE                             ?                  'C6 H10 N3 O2 1'   156.162 
HOH non-polymer         . WATER                                 ?                  'H2 O'             18.015  
HQI non-polymer         . 'N-(8-hydroxyquinolin-5-yl)acetamide' 8-hydroxyquinoline 'C11 H10 N2 O2'    202.209 
ILE 'L-peptide linking' y ISOLEUCINE                            ?                  'C6 H13 N O2'      131.173 
LEU 'L-peptide linking' y LEUCINE                               ?                  'C6 H13 N O2'      131.173 
LYS 'L-peptide linking' y LYSINE                                ?                  'C6 H15 N2 O2 1'   147.195 
MET 'L-peptide linking' y METHIONINE                            ?                  'C5 H11 N O2 S'    149.211 
NI  non-polymer         . 'NICKEL (II) ION'                     ?                  'Ni 2'             58.693  
PHE 'L-peptide linking' y PHENYLALANINE                         ?                  'C9 H11 N O2'      165.189 
PRO 'L-peptide linking' y PROLINE                               ?                  'C5 H9 N O2'       115.130 
SER 'L-peptide linking' y SERINE                                ?                  'C3 H7 N O3'       105.093 
THR 'L-peptide linking' y THREONINE                             ?                  'C4 H9 N O3'       119.119 
TRP 'L-peptide linking' y TRYPTOPHAN                            ?                  'C11 H12 N2 O2'    204.225 
TYR 'L-peptide linking' y TYROSINE                              ?                  'C9 H11 N O3'      181.189 
VAL 'L-peptide linking' y VALINE                                ?                  'C5 H11 N O2'      117.146 
# 
loop_
_pdbx_poly_seq_scheme.asym_id 
_pdbx_poly_seq_scheme.entity_id 
_pdbx_poly_seq_scheme.seq_id 
_pdbx_poly_seq_scheme.mon_id 
_pdbx_poly_seq_scheme.ndb_seq_num 
_pdbx_poly_seq_scheme.pdb_seq_num 
_pdbx_poly_seq_scheme.auth_seq_num 
_pdbx_poly_seq_scheme.pdb_mon_id 
_pdbx_poly_seq_scheme.auth_mon_id 
_pdbx_poly_seq_scheme.pdb_strand_id 
_pdbx_poly_seq_scheme.pdb_ins_code 
_pdbx_poly_seq_scheme.hetero 
A 1 1   ALA 1   1   1   ALA ALA A . n 
A 1 2   ASP 2   2   2   ASP ASP A . n 
A 1 3   LEU 3   3   3   LEU LEU A . n 
A 1 4   GLU 4   4   4   GLU GLU A . n 
A 1 5   ASP 5   5   5   ASP ASP A . n 
A 1 6   ASN 6   6   6   ASN ASN A . n 
A 1 7   MET 7   7   7   MET MET A . n 
A 1 8   GLU 8   8   8   GLU GLU A . n 
A 1 9   THR 9   9   9   THR THR A . n 
A 1 10  LEU 10  10  10  LEU LEU A . n 
A 1 11  ASN 11  11  11  ASN ASN A . n 
A 1 12  ASP 12  12  12  ASP ASP A . n 
A 1 13  ASN 13  13  13  ASN ASN A . n 
A 1 14  LEU 14  14  14  LEU LEU A . n 
A 1 15  LYS 15  15  15  LYS LYS A . n 
A 1 16  VAL 16  16  16  VAL VAL A . n 
A 1 17  ILE 17  17  17  ILE ILE A . n 
A 1 18  GLU 18  18  18  GLU GLU A . n 
A 1 19  LYS 19  19  19  LYS LYS A . n 
A 1 20  ALA 20  20  20  ALA ALA A . n 
A 1 21  ASP 21  21  21  ASP ASP A . n 
A 1 22  ASN 22  22  22  ASN ASN A . n 
A 1 23  ALA 23  23  23  ALA ALA A . n 
A 1 24  ALA 24  24  24  ALA ALA A . n 
A 1 25  GLN 25  25  25  GLN GLN A . n 
A 1 26  VAL 26  26  26  VAL VAL A . n 
A 1 27  LYS 27  27  27  LYS LYS A . n 
A 1 28  ASP 28  28  28  ASP ASP A . n 
A 1 29  ALA 29  29  29  ALA ALA A . n 
A 1 30  LEU 30  30  30  LEU LEU A . n 
A 1 31  THR 31  31  31  THR THR A . n 
A 1 32  LYS 32  32  32  LYS LYS A . n 
A 1 33  MET 33  33  33  MET MET A . n 
A 1 34  ARG 34  34  34  ARG ARG A . n 
A 1 35  ALA 35  35  35  ALA ALA A . n 
A 1 36  ALA 36  36  36  ALA ALA A . n 
A 1 37  ALA 37  37  37  ALA ALA A . n 
A 1 38  LEU 38  38  38  LEU LEU A . n 
A 1 39  ASP 39  39  39  ASP ASP A . n 
A 1 40  ALA 40  40  40  ALA ALA A . n 
A 1 41  GLN 41  41  41  GLN GLN A . n 
A 1 42  LYS 42  42  42  LYS LYS A . n 
A 1 43  ALA 43  43  43  ALA ALA A . n 
A 1 44  THR 44  44  44  THR THR A . n 
A 1 45  PRO 45  45  45  PRO PRO A . n 
A 1 46  PRO 46  46  46  PRO PRO A . n 
A 1 47  LYS 47  47  47  LYS LYS A . n 
A 1 48  LEU 48  48  48  LEU LEU A . n 
A 1 49  GLU 49  49  49  GLU GLU A . n 
A 1 50  ASP 50  50  50  ASP ASP A . n 
A 1 51  LYS 51  51  51  LYS LYS A . n 
A 1 52  SER 52  52  52  SER SER A . n 
A 1 53  PRO 53  53  53  PRO PRO A . n 
A 1 54  ASP 54  54  54  ASP ASP A . n 
A 1 55  SER 55  55  55  SER SER A . n 
A 1 56  PRO 56  56  56  PRO PRO A . n 
A 1 57  GLU 57  57  57  GLU GLU A . n 
A 1 58  MET 58  58  58  MET MET A . n 
A 1 59  TRP 59  59  59  TRP TRP A . n 
A 1 60  ASP 60  60  60  ASP ASP A . n 
A 1 61  PHE 61  61  61  PHE PHE A . n 
A 1 62  ARG 62  62  62  ARG ARG A . n 
A 1 63  HIS 63  63  63  HIS HIS A . n 
A 1 64  GLY 64  64  64  GLY GLY A . n 
A 1 65  PHE 65  65  65  PHE PHE A . n 
A 1 66  ASP 66  66  66  ASP ASP A . n 
A 1 67  ILE 67  67  67  ILE ILE A . n 
A 1 68  LEU 68  68  68  LEU LEU A . n 
A 1 69  VAL 69  69  69  VAL VAL A . n 
A 1 70  CYS 70  70  70  CYS CYS A . n 
A 1 71  GLN 71  71  71  GLN GLN A . n 
A 1 72  ILE 72  72  72  ILE ILE A . n 
A 1 73  ASP 73  73  73  ASP ASP A . n 
A 1 74  ASP 74  74  74  ASP ASP A . n 
A 1 75  ALA 75  75  75  ALA ALA A . n 
A 1 76  LEU 76  76  76  LEU LEU A . n 
A 1 77  LYS 77  77  77  LYS LYS A . n 
A 1 78  LEU 78  78  78  LEU LEU A . n 
A 1 79  ALA 79  79  79  ALA ALA A . n 
A 1 80  ASN 80  80  80  ASN ASN A . n 
A 1 81  GLU 81  81  81  GLU GLU A . n 
A 1 82  GLY 82  82  82  GLY GLY A . n 
A 1 83  LYS 83  83  83  LYS LYS A . n 
A 1 84  VAL 84  84  84  VAL VAL A . n 
A 1 85  LYS 85  85  85  LYS LYS A . n 
A 1 86  GLU 86  86  86  GLU GLU A . n 
A 1 87  ALA 87  87  87  ALA ALA A . n 
A 1 88  GLN 88  88  88  GLN GLN A . n 
A 1 89  ALA 89  89  89  ALA ALA A . n 
A 1 90  ALA 90  90  90  ALA ALA A . n 
A 1 91  ALA 91  91  91  ALA ALA A . n 
A 1 92  GLU 92  92  92  GLU GLU A . n 
A 1 93  GLN 93  93  93  GLN GLN A . n 
A 1 94  LEU 94  94  94  LEU LEU A . n 
A 1 95  LYS 95  95  95  LYS LYS A . n 
A 1 96  THR 96  96  96  THR THR A . n 
A 1 97  THR 97  97  97  THR THR A . n 
A 1 98  CYS 98  98  98  CYS CYS A . n 
A 1 99  ASN 99  99  99  ASN ASN A . n 
A 1 100 ALA 100 100 100 ALA ALA A . n 
A 1 101 CYS 101 101 101 CYS CYS A . n 
A 1 102 HIS 102 102 102 HIS HIS A . n 
A 1 103 GLN 103 103 103 GLN GLN A . n 
A 1 104 LYS 104 104 104 LYS LYS A . n 
A 1 105 TYR 105 105 105 TYR TYR A . n 
A 1 106 ARG 106 106 106 ARG ARG A . n 
# 
loop_
_pdbx_nonpoly_scheme.asym_id 
_pdbx_nonpoly_scheme.entity_id 
_pdbx_nonpoly_scheme.mon_id 
_pdbx_nonpoly_scheme.ndb_seq_num 
_pdbx_nonpoly_scheme.pdb_seq_num 
_pdbx_nonpoly_scheme.auth_seq_num 
_pdbx_nonpoly_scheme.pdb_mon_id 
_pdbx_nonpoly_scheme.auth_mon_id 
_pdbx_nonpoly_scheme.pdb_strand_id 
_pdbx_nonpoly_scheme.pdb_ins_code 
B 2 HEM 1  150 150 HEM HEM A . 
C 3 HQI 1  151 151 HQI HQI A . 
D 4 NI  1  107 1   NI  NI  A . 
E 5 HOH 1  108 1   HOH HOH A . 
E 5 HOH 2  109 2   HOH HOH A . 
E 5 HOH 3  110 3   HOH HOH A . 
E 5 HOH 4  111 4   HOH HOH A . 
E 5 HOH 5  112 5   HOH HOH A . 
E 5 HOH 6  113 6   HOH HOH A . 
E 5 HOH 7  114 7   HOH HOH A . 
E 5 HOH 8  115 8   HOH HOH A . 
E 5 HOH 9  116 9   HOH HOH A . 
E 5 HOH 10 117 10  HOH HOH A . 
E 5 HOH 11 118 11  HOH HOH A . 
E 5 HOH 12 119 12  HOH HOH A . 
E 5 HOH 13 120 13  HOH HOH A . 
E 5 HOH 14 121 14  HOH HOH A . 
E 5 HOH 15 122 15  HOH HOH A . 
E 5 HOH 16 123 16  HOH HOH A . 
E 5 HOH 17 124 17  HOH HOH A . 
E 5 HOH 18 125 18  HOH HOH A . 
E 5 HOH 19 126 19  HOH HOH A . 
E 5 HOH 20 127 20  HOH HOH A . 
E 5 HOH 21 128 21  HOH HOH A . 
E 5 HOH 22 129 22  HOH HOH A . 
E 5 HOH 23 130 23  HOH HOH A . 
E 5 HOH 24 131 24  HOH HOH A . 
E 5 HOH 25 132 25  HOH HOH A . 
E 5 HOH 26 133 26  HOH HOH A . 
E 5 HOH 27 134 27  HOH HOH A . 
E 5 HOH 28 135 28  HOH HOH A . 
E 5 HOH 29 136 29  HOH HOH A . 
E 5 HOH 30 137 30  HOH HOH A . 
E 5 HOH 31 138 31  HOH HOH A . 
E 5 HOH 32 139 32  HOH HOH A . 
E 5 HOH 33 140 33  HOH HOH A . 
E 5 HOH 34 141 34  HOH HOH A . 
E 5 HOH 35 142 35  HOH HOH A . 
E 5 HOH 36 143 36  HOH HOH A . 
E 5 HOH 37 144 37  HOH HOH A . 
E 5 HOH 38 145 38  HOH HOH A . 
E 5 HOH 39 146 39  HOH HOH A . 
E 5 HOH 40 147 40  HOH HOH A . 
E 5 HOH 41 148 41  HOH HOH A . 
E 5 HOH 42 149 42  HOH HOH A . 
E 5 HOH 43 152 43  HOH HOH A . 
E 5 HOH 44 153 44  HOH HOH A . 
E 5 HOH 45 154 45  HOH HOH A . 
E 5 HOH 46 155 46  HOH HOH A . 
# 
loop_
_pdbx_unobs_or_zero_occ_atoms.id 
_pdbx_unobs_or_zero_occ_atoms.PDB_model_num 
_pdbx_unobs_or_zero_occ_atoms.polymer_flag 
_pdbx_unobs_or_zero_occ_atoms.occupancy_flag 
_pdbx_unobs_or_zero_occ_atoms.auth_asym_id 
_pdbx_unobs_or_zero_occ_atoms.auth_comp_id 
_pdbx_unobs_or_zero_occ_atoms.auth_seq_id 
_pdbx_unobs_or_zero_occ_atoms.PDB_ins_code 
_pdbx_unobs_or_zero_occ_atoms.auth_atom_id 
_pdbx_unobs_or_zero_occ_atoms.label_alt_id 
_pdbx_unobs_or_zero_occ_atoms.label_asym_id 
_pdbx_unobs_or_zero_occ_atoms.label_comp_id 
_pdbx_unobs_or_zero_occ_atoms.label_seq_id 
_pdbx_unobs_or_zero_occ_atoms.label_atom_id 
1  1 Y 0 A GLU 8  ? CD  ? A GLU 8  CD  
2  1 Y 0 A GLU 8  ? OE1 ? A GLU 8  OE1 
3  1 Y 0 A GLU 8  ? OE2 ? A GLU 8  OE2 
4  1 Y 0 A LYS 19 ? CG  ? A LYS 19 CG  
5  1 Y 0 A LYS 19 ? CD  ? A LYS 19 CD  
6  1 Y 0 A LYS 19 ? CE  ? A LYS 19 CE  
7  1 Y 0 A LYS 19 ? NZ  ? A LYS 19 NZ  
8  1 Y 0 A ASP 39 ? CG  ? A ASP 39 CG  
9  1 Y 0 A GLN 93 ? CD  ? A GLN 93 CD  
10 1 Y 0 A GLN 93 ? OE1 ? A GLN 93 OE1 
11 1 Y 0 A GLN 93 ? NE2 ? A GLN 93 NE2 
# 
loop_
_software.pdbx_ordinal 
_software.name 
_software.version 
_software.date 
_software.type 
_software.contact_author 
_software.contact_author_email 
_software.classification 
_software.location 
_software.language 
_software.citation_id 
1 CNS         .     ?               package 'Axel T. Brunger' axel.brunger@yale.edu refinement        http://cns-online.org/ 
Fortran_77 ? 
2 PDB_EXTRACT 3.005 'June 11, 2008' package PDB               help@deposit.rcsb.org 'data extraction' 
http://sw-tools.pdb.org/apps/PDB_EXTRACT/ C++        ? 
3 APEX        .     ?               ?       ?                 ?                     'data collection' ? ?          ? 
4 SAINT       .     ?               ?       ?                 ?                     'data reduction'  ? ?          ? 
5 SADABS      .     ?               ?       ?                 ?                     'data scaling'    ? ?          ? 
6 MOLREP      .     ?               ?       ?                 ?                     phasing           ? ?          ? 
# 
_cell.length_a           88.440 
_cell.length_b           34.511 
_cell.length_c           46.896 
_cell.angle_alpha        90.000 
_cell.angle_beta         90.000 
_cell.angle_gamma        90.000 
_cell.entry_id           3L1M 
_cell.pdbx_unique_axis   ? 
_cell.Z_PDB              4 
_cell.length_a_esd       ? 
_cell.length_b_esd       ? 
_cell.length_c_esd       ? 
_cell.angle_alpha_esd    ? 
_cell.angle_beta_esd     ? 
_cell.angle_gamma_esd    ? 
# 
_symmetry.space_group_name_H-M             'P 21 21 2' 
_symmetry.entry_id                         3L1M 
_symmetry.pdbx_full_space_group_name_H-M   ? 
_symmetry.Int_Tables_number                18 
_symmetry.cell_setting                     ? 
_symmetry.space_group_name_Hall            ? 
# 
_exptl.crystals_number   1 
_exptl.entry_id          3L1M 
_exptl.method            'X-RAY DIFFRACTION' 
# 
_exptl_crystal.id                    1 
_exptl_crystal.density_Matthews      3.04 
_exptl_crystal.density_meas          ? 
_exptl_crystal.density_percent_sol   59.48 
_exptl_crystal.description           ? 
_exptl_crystal.F_000                 ? 
_exptl_crystal.preparation           ? 
# 
_exptl_crystal_grow.crystal_id      1 
_exptl_crystal_grow.method          'VAPOR DIFFUSION, SITTING DROP' 
_exptl_crystal_grow.pH              8.5 
_exptl_crystal_grow.temp            293 
_exptl_crystal_grow.temp_details    ? 
_exptl_crystal_grow.pdbx_details    
'100 mM Tris, 25% PEG 1500, 1.05 mM nickel(II) sulfate, pH 8.5, VAPOR DIFFUSION, SITTING DROP, temperature 293K' 
_exptl_crystal_grow.pdbx_pH_range   ? 
# 
_diffrn.id                     1 
_diffrn.ambient_temp           100 
_diffrn.ambient_temp_details   ? 
_diffrn.crystal_id             1 
# 
_diffrn_detector.diffrn_id              1 
_diffrn_detector.detector               CCD 
_diffrn_detector.type                   'APEX II CCD' 
_diffrn_detector.pdbx_collection_date   2009-09-16 
_diffrn_detector.details                ? 
# 
_diffrn_radiation.diffrn_id                        1 
_diffrn_radiation.wavelength_id                    1 
_diffrn_radiation.pdbx_diffrn_protocol             'SINGLE WAVELENGTH' 
_diffrn_radiation.monochromator                    Graphite 
_diffrn_radiation.pdbx_monochromatic_or_laue_m_l   M 
_diffrn_radiation.pdbx_scattering_type             x-ray 
# 
_diffrn_radiation_wavelength.id           1 
_diffrn_radiation_wavelength.wavelength   1.5418 
_diffrn_radiation_wavelength.wt           1.0 
# 
_diffrn_source.diffrn_id                   1 
_diffrn_source.source                      'ROTATING ANODE' 
_diffrn_source.type                        SIEMENS 
_diffrn_source.pdbx_wavelength             ? 
_diffrn_source.pdbx_wavelength_list        1.5418 
_diffrn_source.pdbx_synchrotron_site       ? 
_diffrn_source.pdbx_synchrotron_beamline   ? 
# 
_reflns.entry_id                     3L1M 
_reflns.observed_criterion_sigma_F   1 
_reflns.observed_criterion_sigma_I   1 
_reflns.d_resolution_high            2.3 
_reflns.d_resolution_low             50 
_reflns.number_all                   6832 
_reflns.number_obs                   6761 
_reflns.percent_possible_obs         99.0 
_reflns.pdbx_Rmerge_I_obs            ? 
_reflns.pdbx_Rsym_value              ? 
_reflns.pdbx_netI_over_sigmaI        ? 
_reflns.B_iso_Wilson_estimate        ? 
_reflns.pdbx_redundancy              ? 
_reflns.R_free_details               ? 
_reflns.limit_h_max                  ? 
_reflns.limit_h_min                  ? 
_reflns.limit_k_max                  ? 
_reflns.limit_k_min                  ? 
_reflns.limit_l_max                  ? 
_reflns.limit_l_min                  ? 
_reflns.observed_criterion_F_max     ? 
_reflns.observed_criterion_F_min     ? 
_reflns.pdbx_chi_squared             ? 
_reflns.pdbx_scaling_rejects         ? 
_reflns.pdbx_diffrn_id               1 
_reflns.pdbx_ordinal                 1 
# 
_reflns_shell.d_res_high             2.30 
_reflns_shell.d_res_low              2.36 
_reflns_shell.percent_possible_obs   ? 
_reflns_shell.percent_possible_all   95.3 
_reflns_shell.Rmerge_I_obs           ? 
_reflns_shell.meanI_over_sigI_obs    ? 
_reflns_shell.pdbx_Rsym_value        ? 
_reflns_shell.pdbx_redundancy        ? 
_reflns_shell.number_unique_all      ? 
_reflns_shell.number_measured_all    ? 
_reflns_shell.number_measured_obs    ? 
_reflns_shell.number_unique_obs      ? 
_reflns_shell.pdbx_chi_squared       ? 
_reflns_shell.pdbx_diffrn_id         ? 
_reflns_shell.pdbx_ordinal           1 
# 
_refine.entry_id                                 3L1M 
_refine.ls_d_res_high                            2.300 
_refine.ls_d_res_low                             50.000 
_refine.pdbx_ls_sigma_F                          2 
_refine.pdbx_data_cutoff_high_absF               ? 
_refine.pdbx_data_cutoff_low_absF                ? 
_refine.ls_percent_reflns_obs                    94.700 
_refine.ls_number_reflns_obs                     6441 
_refine.ls_number_reflns_all                     6803 
_refine.pdbx_ls_cross_valid_method               througout 
_refine.pdbx_R_Free_selection_details            random 
_refine.details                                  ? 
_refine.ls_R_factor_all                          0.27 
_refine.ls_R_factor_obs                          0.27 
_refine.ls_R_factor_R_work                       0.266 
_refine.ls_wR_factor_R_work                      ? 
_refine.ls_R_factor_R_free                       0.314 
_refine.ls_wR_factor_R_free                      ? 
_refine.ls_percent_reflns_R_free                 7.400 
_refine.ls_number_reflns_R_free                  503 
_refine.ls_R_factor_R_free_error                 ? 
_refine.B_iso_mean                               30.439 
_refine.solvent_model_param_bsol                 36.264 
_refine.solvent_model_param_ksol                 ? 
_refine.pdbx_isotropic_thermal_model             ? 
_refine.aniso_B[1][1]                            ? 
_refine.aniso_B[2][2]                            ? 
_refine.aniso_B[3][3]                            ? 
_refine.aniso_B[1][2]                            ? 
_refine.aniso_B[1][3]                            ? 
_refine.aniso_B[2][3]                            ? 
_refine.correlation_coeff_Fo_to_Fc               ? 
_refine.correlation_coeff_Fo_to_Fc_free          ? 
_refine.overall_SU_R_Cruickshank_DPI             ? 
_refine.overall_SU_R_free                        ? 
_refine.pdbx_overall_ESU_R                       ? 
_refine.pdbx_overall_ESU_R_Free                  ? 
_refine.overall_SU_ML                            ? 
_refine.overall_SU_B                             ? 
_refine.solvent_model_details                    ? 
_refine.pdbx_solvent_vdw_probe_radii             ? 
_refine.pdbx_solvent_ion_probe_radii             ? 
_refine.pdbx_solvent_shrinkage_radii             ? 
_refine.ls_number_parameters                     ? 
_refine.ls_number_restraints                     ? 
_refine.pdbx_starting_model                      'monomer of 2BC5' 
_refine.pdbx_method_to_determine_struct          'MOLECULAR REPLACEMENT' 
_refine.pdbx_stereochemistry_target_values       'Engh & Huber' 
_refine.pdbx_stereochem_target_val_spec_case     ? 
_refine.overall_FOM_work_R_set                   0.776 
_refine.B_iso_max                                71.91 
_refine.B_iso_min                                6.26 
_refine.occupancy_max                            1.00 
_refine.occupancy_min                            0.00 
_refine.pdbx_ls_sigma_I                          ? 
_refine.ls_redundancy_reflns_obs                 ? 
_refine.ls_R_factor_R_free_error_details         ? 
_refine.pdbx_data_cutoff_high_rms_absF           ? 
_refine.overall_FOM_free_R_set                   ? 
_refine.pdbx_overall_phase_error                 ? 
_refine.pdbx_refine_id                           'X-RAY DIFFRACTION' 
_refine.pdbx_diffrn_id                           1 
_refine.pdbx_TLS_residual_ADP_flag               ? 
_refine.pdbx_overall_SU_R_free_Cruickshank_DPI   ? 
_refine.pdbx_overall_SU_R_Blow_DPI               ? 
_refine.pdbx_overall_SU_R_free_Blow_DPI          ? 
# 
_refine_hist.pdbx_refine_id                   'X-RAY DIFFRACTION' 
_refine_hist.cycle_id                         LAST 
_refine_hist.pdbx_number_atoms_protein        822 
_refine_hist.pdbx_number_atoms_nucleic_acid   0 
_refine_hist.pdbx_number_atoms_ligand         59 
_refine_hist.number_atoms_solvent             46 
_refine_hist.number_atoms_total               927 
_refine_hist.d_res_high                       2.300 
_refine_hist.d_res_low                        50.000 
# 
loop_
_refine_ls_restr.type 
_refine_ls_restr.number 
_refine_ls_restr.dev_ideal 
_refine_ls_restr.dev_ideal_target 
_refine_ls_restr.weight 
_refine_ls_restr.pdbx_refine_id 
_refine_ls_restr.pdbx_restraint_function 
c_mcbond_it  ? 1.555 2.000 ? 'X-RAY DIFFRACTION' ? 
c_scbond_it  ? 2.402 3.000 ? 'X-RAY DIFFRACTION' ? 
c_mcangle_it ? 2.465 2.500 ? 'X-RAY DIFFRACTION' ? 
c_scangle_it ? 3.469 3.500 ? 'X-RAY DIFFRACTION' ? 
c_bond_d     ? 0.014 ?     ? 'X-RAY DIFFRACTION' ? 
c_angle_deg  ? 1.21  ?     ? 'X-RAY DIFFRACTION' ? 
# 
_refine_ls_shell.d_res_high                       2.30 
_refine_ls_shell.d_res_low                        2.38 
_refine_ls_shell.number_reflns_obs                524 
_refine_ls_shell.number_reflns_R_free             54 
_refine_ls_shell.R_factor_R_work                  0.347 
_refine_ls_shell.R_factor_R_free                  0.394 
_refine_ls_shell.R_factor_R_free_error            ? 
_refine_ls_shell.percent_reflns_obs               ? 
_refine_ls_shell.percent_reflns_R_free            ? 
_refine_ls_shell.pdbx_total_number_of_bins_used   ? 
_refine_ls_shell.number_reflns_R_work             ? 
_refine_ls_shell.redundancy_reflns_obs            ? 
_refine_ls_shell.number_reflns_all                ? 
_refine_ls_shell.R_factor_all                     ? 
_refine_ls_shell.pdbx_refine_id                   'X-RAY DIFFRACTION' 
# 
loop_
_pdbx_xplor_file.serial_no 
_pdbx_xplor_file.param_file 
_pdbx_xplor_file.topol_file 
_pdbx_xplor_file.pdbx_refine_id 
1 CNS_TOPPAR:protein_rep.param ? 'X-RAY DIFFRACTION' 
2 CNS_TOPPAR:water_rep.param   ? 'X-RAY DIFFRACTION' 
3 param19x.heme                ? 'X-RAY DIFFRACTION' 
4 CNS_TOPPAR:ion.param         ? 'X-RAY DIFFRACTION' 
# 
_struct.entry_id                  3L1M 
_struct.title                     
'Crystal Structure of a Ni-directed Dimer of Cytochrome cb562 with a Quinolate-Histidine Hybrid Coordination Motif' 
_struct.pdbx_model_details        ? 
_struct.pdbx_CASP_flag            ? 
_struct.pdbx_model_type_details   ? 
# 
_struct_keywords.entry_id        3L1M 
_struct_keywords.pdbx_keywords   'ELECTRON TRANSPORT' 
_struct_keywords.text            
'Four-Helix Bundle, V-shaped Dimer, Interfacial Nickel Coordination, Metal-binding, Periplasm, Transport, ELECTRON TRANSPORT' 
# 
loop_
_struct_asym.id 
_struct_asym.pdbx_blank_PDB_chainid_flag 
_struct_asym.pdbx_modified 
_struct_asym.entity_id 
_struct_asym.details 
A N N 1 ? 
B N N 2 ? 
C N N 3 ? 
D N N 4 ? 
E N N 5 ? 
# 
_struct_ref.id                         1 
_struct_ref.db_name                    UNP 
_struct_ref.db_code                    C562_ECOLX 
_struct_ref.pdbx_db_accession          P0ABE7 
_struct_ref.entity_id                  1 
_struct_ref.pdbx_seq_one_letter_code   
;ADLEDNMETLNDNLKVIEKADNAAQVKDALTKMRAAALDAQKATPPKLEDKSPDSPEMKDFRHGFDILVGQIDDALKLAN
EGKVKEAQAAAEQLKTTRNAYHQKYR
;
_struct_ref.pdbx_align_begin           23 
_struct_ref.pdbx_db_isoform            ? 
# 
_struct_ref_seq.align_id                      1 
_struct_ref_seq.ref_id                        1 
_struct_ref_seq.pdbx_PDB_id_code              3L1M 
_struct_ref_seq.pdbx_strand_id                A 
_struct_ref_seq.seq_align_beg                 1 
_struct_ref_seq.pdbx_seq_align_beg_ins_code   ? 
_struct_ref_seq.seq_align_end                 106 
_struct_ref_seq.pdbx_seq_align_end_ins_code   ? 
_struct_ref_seq.pdbx_db_accession             P0ABE7 
_struct_ref_seq.db_align_beg                  23 
_struct_ref_seq.pdbx_db_align_beg_ins_code    ? 
_struct_ref_seq.db_align_end                  128 
_struct_ref_seq.pdbx_db_align_end_ins_code    ? 
_struct_ref_seq.pdbx_auth_seq_align_beg       1 
_struct_ref_seq.pdbx_auth_seq_align_end       106 
# 
loop_
_struct_ref_seq_dif.align_id 
_struct_ref_seq_dif.pdbx_pdb_id_code 
_struct_ref_seq_dif.mon_id 
_struct_ref_seq_dif.pdbx_pdb_strand_id 
_struct_ref_seq_dif.seq_num 
_struct_ref_seq_dif.pdbx_pdb_ins_code 
_struct_ref_seq_dif.pdbx_seq_db_name 
_struct_ref_seq_dif.pdbx_seq_db_accession_code 
_struct_ref_seq_dif.db_mon_id 
_struct_ref_seq_dif.pdbx_seq_db_seq_num 
_struct_ref_seq_dif.details 
_struct_ref_seq_dif.pdbx_auth_seq_num 
_struct_ref_seq_dif.pdbx_ordinal 
1 3L1M TRP A 59  ? UNP P0ABE7 LYS 81  'engineered mutation' 59  1 
1 3L1M CYS A 70  ? UNP P0ABE7 GLY 92  'engineered mutation' 70  2 
1 3L1M CYS A 98  ? UNP P0ABE7 ARG 120 'engineered mutation' 98  3 
1 3L1M CYS A 101 ? UNP P0ABE7 TYR 123 'engineered mutation' 101 4 
# 
loop_
_pdbx_struct_assembly.id 
_pdbx_struct_assembly.details 
_pdbx_struct_assembly.method_details 
_pdbx_struct_assembly.oligomeric_details 
_pdbx_struct_assembly.oligomeric_count 
1 author_defined_assembly   ?    dimeric   2 
2 software_defined_assembly PISA monomeric 1 
# 
loop_
_pdbx_struct_assembly_gen.assembly_id 
_pdbx_struct_assembly_gen.oper_expression 
_pdbx_struct_assembly_gen.asym_id_list 
1 1,2 A,B,C,D,E 
2 1   A,B,C,D,E 
# 
loop_
_pdbx_struct_oper_list.id 
_pdbx_struct_oper_list.type 
_pdbx_struct_oper_list.name 
_pdbx_struct_oper_list.symmetry_operation 
_pdbx_struct_oper_list.matrix[1][1] 
_pdbx_struct_oper_list.matrix[1][2] 
_pdbx_struct_oper_list.matrix[1][3] 
_pdbx_struct_oper_list.vector[1] 
_pdbx_struct_oper_list.matrix[2][1] 
_pdbx_struct_oper_list.matrix[2][2] 
_pdbx_struct_oper_list.matrix[2][3] 
_pdbx_struct_oper_list.vector[2] 
_pdbx_struct_oper_list.matrix[3][1] 
_pdbx_struct_oper_list.matrix[3][2] 
_pdbx_struct_oper_list.matrix[3][3] 
_pdbx_struct_oper_list.vector[3] 
1 'identity operation'         1_555 x,y,z     1.0000000000 0.0000000000 0.0000000000  0.0000000000  0.0000000000 1.0000000000  0.0000000000  0.0000000000   0.0000000000  0.0000000000  1.0000000000  0.0000000000  
2 'crystal symmetry operation' 2_565 -x,-y+1,z 0.5017428486 0.0496806518 -0.8635889918 14.4680024755 0.0496806518 -0.9983564648 -0.0285692481 -11.0048653690 -0.8635889918 -0.0285692481 -0.5033863838 24.5261236180 
# 
loop_
_struct_conf.conf_type_id 
_struct_conf.id 
_struct_conf.pdbx_PDB_helix_id 
_struct_conf.beg_label_comp_id 
_struct_conf.beg_label_asym_id 
_struct_conf.beg_label_seq_id 
_struct_conf.pdbx_beg_PDB_ins_code 
_struct_conf.end_label_comp_id 
_struct_conf.end_label_asym_id 
_struct_conf.end_label_seq_id 
_struct_conf.pdbx_end_PDB_ins_code 
_struct_conf.beg_auth_comp_id 
_struct_conf.beg_auth_asym_id 
_struct_conf.beg_auth_seq_id 
_struct_conf.end_auth_comp_id 
_struct_conf.end_auth_asym_id 
_struct_conf.end_auth_seq_id 
_struct_conf.pdbx_PDB_helix_class 
_struct_conf.details 
_struct_conf.pdbx_PDB_helix_length 
HELX_P HELX_P1 1 ASP A 2  ? ALA A 20  ? ASP A 2  ALA A 20  1 ? 19 
HELX_P HELX_P2 2 ASN A 22 ? ALA A 43  ? ASN A 22 ALA A 43  1 ? 22 
HELX_P HELX_P3 3 PRO A 45 ? GLU A 49  ? PRO A 45 GLU A 49  5 ? 5  
HELX_P HELX_P4 4 SER A 55 ? GLU A 81  ? SER A 55 GLU A 81  1 ? 27 
HELX_P HELX_P5 5 LYS A 83 ? GLN A 93  ? LYS A 83 GLN A 93  1 ? 11 
HELX_P HELX_P6 6 LEU A 94 ? ARG A 106 ? LEU A 94 ARG A 106 1 ? 13 
# 
_struct_conf_type.id          HELX_P 
_struct_conf_type.criteria    ? 
_struct_conf_type.reference   ? 
# 
loop_
_struct_conn.id 
_struct_conn.conn_type_id 
_struct_conn.pdbx_leaving_atom_flag 
_struct_conn.pdbx_PDB_id 
_struct_conn.ptnr1_label_asym_id 
_struct_conn.ptnr1_label_comp_id 
_struct_conn.ptnr1_label_seq_id 
_struct_conn.ptnr1_label_atom_id 
_struct_conn.pdbx_ptnr1_label_alt_id 
_struct_conn.pdbx_ptnr1_PDB_ins_code 
_struct_conn.pdbx_ptnr1_standard_comp_id 
_struct_conn.ptnr1_symmetry 
_struct_conn.ptnr2_label_asym_id 
_struct_conn.ptnr2_label_comp_id 
_struct_conn.ptnr2_label_seq_id 
_struct_conn.ptnr2_label_atom_id 
_struct_conn.pdbx_ptnr2_label_alt_id 
_struct_conn.pdbx_ptnr2_PDB_ins_code 
_struct_conn.ptnr1_auth_asym_id 
_struct_conn.ptnr1_auth_comp_id 
_struct_conn.ptnr1_auth_seq_id 
_struct_conn.ptnr2_auth_asym_id 
_struct_conn.ptnr2_auth_comp_id 
_struct_conn.ptnr2_auth_seq_id 
_struct_conn.ptnr2_symmetry 
_struct_conn.pdbx_ptnr3_label_atom_id 
_struct_conn.pdbx_ptnr3_label_seq_id 
_struct_conn.pdbx_ptnr3_label_comp_id 
_struct_conn.pdbx_ptnr3_label_asym_id 
_struct_conn.pdbx_ptnr3_label_alt_id 
_struct_conn.pdbx_ptnr3_PDB_ins_code 
_struct_conn.details 
_struct_conn.pdbx_dist_value 
_struct_conn.pdbx_value_order 
_struct_conn.pdbx_role 
covale1 covale none ? A CYS 98  SG  ? ? ? 1_555 B HEM . CAB ? ? A CYS 98  A HEM 150 1_555 ? ? ? ? ? ? ? 1.799 ? ? 
covale2 covale none ? A CYS 101 SG  ? ? ? 1_555 B HEM . CAC ? ? A CYS 101 A HEM 150 1_555 ? ? ? ? ? ? ? 1.996 ? ? 
metalc1 metalc ?    ? A MET 7   SD  ? ? ? 1_555 B HEM . FE  ? ? A MET 7   A HEM 150 1_555 ? ? ? ? ? ? ? 2.155 ? ? 
metalc2 metalc ?    ? A HIS 63  NE2 ? ? ? 1_555 D NI  . NI  ? ? A HIS 63  A NI  107 1_555 ? ? ? ? ? ? ? 2.039 ? ? 
metalc3 metalc ?    ? A HIS 102 NE2 ? ? ? 1_555 B HEM . FE  ? ? A HIS 102 A HEM 150 1_555 ? ? ? ? ? ? ? 2.069 ? ? 
metalc4 metalc ?    ? D NI  .   NI  ? ? ? 1_555 C HQI . OAC ? ? A NI  107 A HQI 151 1_555 ? ? ? ? ? ? ? 2.074 ? ? 
metalc5 metalc ?    ? D NI  .   NI  ? ? ? 1_555 C HQI . N2  ? ? A NI  107 A HQI 151 1_555 ? ? ? ? ? ? ? 2.075 ? ? 
# 
loop_
_struct_conn_type.id 
_struct_conn_type.criteria 
_struct_conn_type.reference 
covale ? ? 
metalc ? ? 
# 
loop_
_pdbx_struct_conn_angle.id 
_pdbx_struct_conn_angle.ptnr1_label_atom_id 
_pdbx_struct_conn_angle.ptnr1_label_alt_id 
_pdbx_struct_conn_angle.ptnr1_label_asym_id 
_pdbx_struct_conn_angle.ptnr1_label_comp_id 
_pdbx_struct_conn_angle.ptnr1_label_seq_id 
_pdbx_struct_conn_angle.ptnr1_auth_atom_id 
_pdbx_struct_conn_angle.ptnr1_auth_asym_id 
_pdbx_struct_conn_angle.ptnr1_auth_comp_id 
_pdbx_struct_conn_angle.ptnr1_auth_seq_id 
_pdbx_struct_conn_angle.ptnr1_PDB_ins_code 
_pdbx_struct_conn_angle.ptnr1_symmetry 
_pdbx_struct_conn_angle.ptnr2_label_atom_id 
_pdbx_struct_conn_angle.ptnr2_label_alt_id 
_pdbx_struct_conn_angle.ptnr2_label_asym_id 
_pdbx_struct_conn_angle.ptnr2_label_comp_id 
_pdbx_struct_conn_angle.ptnr2_label_seq_id 
_pdbx_struct_conn_angle.ptnr2_auth_atom_id 
_pdbx_struct_conn_angle.ptnr2_auth_asym_id 
_pdbx_struct_conn_angle.ptnr2_auth_comp_id 
_pdbx_struct_conn_angle.ptnr2_auth_seq_id 
_pdbx_struct_conn_angle.ptnr2_PDB_ins_code 
_pdbx_struct_conn_angle.ptnr2_symmetry 
_pdbx_struct_conn_angle.ptnr3_label_atom_id 
_pdbx_struct_conn_angle.ptnr3_label_alt_id 
_pdbx_struct_conn_angle.ptnr3_label_asym_id 
_pdbx_struct_conn_angle.ptnr3_label_comp_id 
_pdbx_struct_conn_angle.ptnr3_label_seq_id 
_pdbx_struct_conn_angle.ptnr3_auth_atom_id 
_pdbx_struct_conn_angle.ptnr3_auth_asym_id 
_pdbx_struct_conn_angle.ptnr3_auth_comp_id 
_pdbx_struct_conn_angle.ptnr3_auth_seq_id 
_pdbx_struct_conn_angle.ptnr3_PDB_ins_code 
_pdbx_struct_conn_angle.ptnr3_symmetry 
_pdbx_struct_conn_angle.value 
_pdbx_struct_conn_angle.value_esd 
1  SD  ? A MET 7  ? A MET 7   ? 1_555 FE ? B HEM . ? A HEM 150 ? 1_555 NA  ? B HEM .   ? A HEM 150 ? 1_555 91.5  ? 
2  SD  ? A MET 7  ? A MET 7   ? 1_555 FE ? B HEM . ? A HEM 150 ? 1_555 NB  ? B HEM .   ? A HEM 150 ? 1_555 92.7  ? 
3  NA  ? B HEM .  ? A HEM 150 ? 1_555 FE ? B HEM . ? A HEM 150 ? 1_555 NB  ? B HEM .   ? A HEM 150 ? 1_555 89.1  ? 
4  SD  ? A MET 7  ? A MET 7   ? 1_555 FE ? B HEM . ? A HEM 150 ? 1_555 NC  ? B HEM .   ? A HEM 150 ? 1_555 91.3  ? 
5  NA  ? B HEM .  ? A HEM 150 ? 1_555 FE ? B HEM . ? A HEM 150 ? 1_555 NC  ? B HEM .   ? A HEM 150 ? 1_555 177.1 ? 
6  NB  ? B HEM .  ? A HEM 150 ? 1_555 FE ? B HEM . ? A HEM 150 ? 1_555 NC  ? B HEM .   ? A HEM 150 ? 1_555 91.4  ? 
7  SD  ? A MET 7  ? A MET 7   ? 1_555 FE ? B HEM . ? A HEM 150 ? 1_555 ND  ? B HEM .   ? A HEM 150 ? 1_555 90.0  ? 
8  NA  ? B HEM .  ? A HEM 150 ? 1_555 FE ? B HEM . ? A HEM 150 ? 1_555 ND  ? B HEM .   ? A HEM 150 ? 1_555 89.6  ? 
9  NB  ? B HEM .  ? A HEM 150 ? 1_555 FE ? B HEM . ? A HEM 150 ? 1_555 ND  ? B HEM .   ? A HEM 150 ? 1_555 177.0 ? 
10 NC  ? B HEM .  ? A HEM 150 ? 1_555 FE ? B HEM . ? A HEM 150 ? 1_555 ND  ? B HEM .   ? A HEM 150 ? 1_555 89.8  ? 
11 SD  ? A MET 7  ? A MET 7   ? 1_555 FE ? B HEM . ? A HEM 150 ? 1_555 NE2 ? A HIS 102 ? A HIS 102 ? 1_555 174.7 ? 
12 NA  ? B HEM .  ? A HEM 150 ? 1_555 FE ? B HEM . ? A HEM 150 ? 1_555 NE2 ? A HIS 102 ? A HIS 102 ? 1_555 83.2  ? 
13 NB  ? B HEM .  ? A HEM 150 ? 1_555 FE ? B HEM . ? A HEM 150 ? 1_555 NE2 ? A HIS 102 ? A HIS 102 ? 1_555 86.8  ? 
14 NC  ? B HEM .  ? A HEM 150 ? 1_555 FE ? B HEM . ? A HEM 150 ? 1_555 NE2 ? A HIS 102 ? A HIS 102 ? 1_555 94.0  ? 
15 ND  ? B HEM .  ? A HEM 150 ? 1_555 FE ? B HEM . ? A HEM 150 ? 1_555 NE2 ? A HIS 102 ? A HIS 102 ? 1_555 90.4  ? 
16 NE2 ? A HIS 63 ? A HIS 63  ? 1_555 NI ? D NI  . ? A NI  107 ? 1_555 OAC ? C HQI .   ? A HQI 151 ? 1_555 95.9  ? 
17 NE2 ? A HIS 63 ? A HIS 63  ? 1_555 NI ? D NI  . ? A NI  107 ? 1_555 N2  ? C HQI .   ? A HQI 151 ? 1_555 91.5  ? 
18 OAC ? C HQI .  ? A HQI 151 ? 1_555 NI ? D NI  . ? A NI  107 ? 1_555 N2  ? C HQI .   ? A HQI 151 ? 1_555 82.4  ? 
# 
loop_
_pdbx_modification_feature.ordinal 
_pdbx_modification_feature.label_comp_id 
_pdbx_modification_feature.label_asym_id 
_pdbx_modification_feature.label_seq_id 
_pdbx_modification_feature.label_alt_id 
_pdbx_modification_feature.modified_residue_label_comp_id 
_pdbx_modification_feature.modified_residue_label_asym_id 
_pdbx_modification_feature.modified_residue_label_seq_id 
_pdbx_modification_feature.modified_residue_label_alt_id 
_pdbx_modification_feature.auth_comp_id 
_pdbx_modification_feature.auth_asym_id 
_pdbx_modification_feature.auth_seq_id 
_pdbx_modification_feature.PDB_ins_code 
_pdbx_modification_feature.symmetry 
_pdbx_modification_feature.modified_residue_auth_comp_id 
_pdbx_modification_feature.modified_residue_auth_asym_id 
_pdbx_modification_feature.modified_residue_auth_seq_id 
_pdbx_modification_feature.modified_residue_PDB_ins_code 
_pdbx_modification_feature.modified_residue_symmetry 
_pdbx_modification_feature.comp_id_linking_atom 
_pdbx_modification_feature.modified_residue_id_linking_atom 
_pdbx_modification_feature.modified_residue_id 
_pdbx_modification_feature.ref_pcm_id 
_pdbx_modification_feature.ref_comp_id 
_pdbx_modification_feature.type 
_pdbx_modification_feature.category 
1 HEM B . ? CYS A 98  ? HEM A 150 ? 1_555 CYS A 98  ? 1_555 CAB SG CYS 2 HEM None Heme/heme-like 
2 HEM B . ? CYS A 101 ? HEM A 150 ? 1_555 CYS A 101 ? 1_555 CAC SG CYS 3 HEM None Heme/heme-like 
# 
loop_
_struct_site.id 
_struct_site.pdbx_evidence_code 
_struct_site.pdbx_auth_asym_id 
_struct_site.pdbx_auth_comp_id 
_struct_site.pdbx_auth_seq_id 
_struct_site.pdbx_auth_ins_code 
_struct_site.pdbx_num_residues 
_struct_site.details 
AC1 Software A HEM 150 ? 11 'BINDING SITE FOR RESIDUE HEM A 150' 
AC2 Software A HQI 151 ? 7  'BINDING SITE FOR RESIDUE HQI A 151' 
AC3 Software A NI  107 ? 4  'BINDING SITE FOR RESIDUE NI A 107'  
# 
loop_
_struct_site_gen.id 
_struct_site_gen.site_id 
_struct_site_gen.pdbx_num_res 
_struct_site_gen.label_comp_id 
_struct_site_gen.label_asym_id 
_struct_site_gen.label_seq_id 
_struct_site_gen.pdbx_auth_ins_code 
_struct_site_gen.auth_comp_id 
_struct_site_gen.auth_asym_id 
_struct_site_gen.auth_seq_id 
_struct_site_gen.label_atom_id 
_struct_site_gen.label_alt_id 
_struct_site_gen.symmetry 
_struct_site_gen.details 
1  AC1 11 MET A 7   ? MET A 7   . ? 1_555 ? 
2  AC1 11 ASN A 11  ? ASN A 11  . ? 1_555 ? 
3  AC1 11 PRO A 45  ? PRO A 45  . ? 1_555 ? 
4  AC1 11 PRO A 46  ? PRO A 46  . ? 1_555 ? 
5  AC1 11 PHE A 61  ? PHE A 61  . ? 1_555 ? 
6  AC1 11 PHE A 65  ? PHE A 65  . ? 1_555 ? 
7  AC1 11 CYS A 98  ? CYS A 98  . ? 1_555 ? 
8  AC1 11 CYS A 101 ? CYS A 101 . ? 1_555 ? 
9  AC1 11 HIS A 102 ? HIS A 102 . ? 1_555 ? 
10 AC1 11 ARG A 106 ? ARG A 106 . ? 1_555 ? 
11 AC1 11 HOH E .   ? HOH A 114 . ? 1_555 ? 
12 AC2 7  HIS A 63  ? HIS A 63  . ? 1_555 ? 
13 AC2 7  HIS A 63  ? HIS A 63  . ? 2_565 ? 
14 AC2 7  ASP A 66  ? ASP A 66  . ? 1_555 ? 
15 AC2 7  CYS A 70  ? CYS A 70  . ? 1_555 ? 
16 AC2 7  GLN A 71  ? GLN A 71  . ? 1_555 ? 
17 AC2 7  NI  D .   ? NI  A 107 . ? 2_565 ? 
18 AC2 7  NI  D .   ? NI  A 107 . ? 1_555 ? 
19 AC3 4  HIS A 63  ? HIS A 63  . ? 1_555 ? 
20 AC3 4  HIS A 63  ? HIS A 63  . ? 2_565 ? 
21 AC3 4  HQI C .   ? HQI A 151 . ? 2_565 ? 
22 AC3 4  HQI C .   ? HQI A 151 . ? 1_555 ? 
# 
_pdbx_entry_details.entry_id                   3L1M 
_pdbx_entry_details.compound_details           ? 
_pdbx_entry_details.source_details             ? 
_pdbx_entry_details.nonpolymer_details         ? 
_pdbx_entry_details.sequence_details           ? 
_pdbx_entry_details.has_ligand_of_interest     ? 
_pdbx_entry_details.has_protein_modification   Y 
# 
_pdbx_validate_close_contact.id               1 
_pdbx_validate_close_contact.PDB_model_num    1 
_pdbx_validate_close_contact.auth_atom_id_1   SG 
_pdbx_validate_close_contact.auth_asym_id_1   A 
_pdbx_validate_close_contact.auth_comp_id_1   CYS 
_pdbx_validate_close_contact.auth_seq_id_1    70 
_pdbx_validate_close_contact.PDB_ins_code_1   ? 
_pdbx_validate_close_contact.label_alt_id_1   ? 
_pdbx_validate_close_contact.auth_atom_id_2   CAA 
_pdbx_validate_close_contact.auth_asym_id_2   A 
_pdbx_validate_close_contact.auth_comp_id_2   HQI 
_pdbx_validate_close_contact.auth_seq_id_2    151 
_pdbx_validate_close_contact.PDB_ins_code_2   ? 
_pdbx_validate_close_contact.label_alt_id_2   ? 
_pdbx_validate_close_contact.dist             1.70 
# 
loop_
_pdbx_validate_torsion.id 
_pdbx_validate_torsion.PDB_model_num 
_pdbx_validate_torsion.auth_comp_id 
_pdbx_validate_torsion.auth_asym_id 
_pdbx_validate_torsion.auth_seq_id 
_pdbx_validate_torsion.PDB_ins_code 
_pdbx_validate_torsion.label_alt_id 
_pdbx_validate_torsion.phi 
_pdbx_validate_torsion.psi 
1 1 LEU A 48 ? ? -141.04 14.87  
2 1 ASP A 50 ? ? -68.62  -76.32 
3 1 LYS A 51 ? ? -28.23  133.23 
4 1 GLN A 93 ? ? -47.92  -16.47 
# 
loop_
_pdbx_struct_special_symmetry.id 
_pdbx_struct_special_symmetry.PDB_model_num 
_pdbx_struct_special_symmetry.auth_asym_id 
_pdbx_struct_special_symmetry.auth_comp_id 
_pdbx_struct_special_symmetry.auth_seq_id 
_pdbx_struct_special_symmetry.PDB_ins_code 
_pdbx_struct_special_symmetry.label_asym_id 
_pdbx_struct_special_symmetry.label_comp_id 
_pdbx_struct_special_symmetry.label_seq_id 
1 1 A NI  107 ? D NI  . 
2 1 A HOH 119 ? E HOH . 
3 1 A HOH 147 ? E HOH . 
# 
loop_
_chem_comp_atom.comp_id 
_chem_comp_atom.atom_id 
_chem_comp_atom.type_symbol 
_chem_comp_atom.pdbx_aromatic_flag 
_chem_comp_atom.pdbx_stereo_config 
_chem_comp_atom.pdbx_ordinal 
ALA N    N  N N 1   
ALA CA   C  N S 2   
ALA C    C  N N 3   
ALA O    O  N N 4   
ALA CB   C  N N 5   
ALA OXT  O  N N 6   
ALA H    H  N N 7   
ALA H2   H  N N 8   
ALA HA   H  N N 9   
ALA HB1  H  N N 10  
ALA HB2  H  N N 11  
ALA HB3  H  N N 12  
ALA HXT  H  N N 13  
ARG N    N  N N 14  
ARG CA   C  N S 15  
ARG C    C  N N 16  
ARG O    O  N N 17  
ARG CB   C  N N 18  
ARG CG   C  N N 19  
ARG CD   C  N N 20  
ARG NE   N  N N 21  
ARG CZ   C  N N 22  
ARG NH1  N  N N 23  
ARG NH2  N  N N 24  
ARG OXT  O  N N 25  
ARG H    H  N N 26  
ARG H2   H  N N 27  
ARG HA   H  N N 28  
ARG HB2  H  N N 29  
ARG HB3  H  N N 30  
ARG HG2  H  N N 31  
ARG HG3  H  N N 32  
ARG HD2  H  N N 33  
ARG HD3  H  N N 34  
ARG HE   H  N N 35  
ARG HH11 H  N N 36  
ARG HH12 H  N N 37  
ARG HH21 H  N N 38  
ARG HH22 H  N N 39  
ARG HXT  H  N N 40  
ASN N    N  N N 41  
ASN CA   C  N S 42  
ASN C    C  N N 43  
ASN O    O  N N 44  
ASN CB   C  N N 45  
ASN CG   C  N N 46  
ASN OD1  O  N N 47  
ASN ND2  N  N N 48  
ASN OXT  O  N N 49  
ASN H    H  N N 50  
ASN H2   H  N N 51  
ASN HA   H  N N 52  
ASN HB2  H  N N 53  
ASN HB3  H  N N 54  
ASN HD21 H  N N 55  
ASN HD22 H  N N 56  
ASN HXT  H  N N 57  
ASP N    N  N N 58  
ASP CA   C  N S 59  
ASP C    C  N N 60  
ASP O    O  N N 61  
ASP CB   C  N N 62  
ASP CG   C  N N 63  
ASP OD1  O  N N 64  
ASP OD2  O  N N 65  
ASP OXT  O  N N 66  
ASP H    H  N N 67  
ASP H2   H  N N 68  
ASP HA   H  N N 69  
ASP HB2  H  N N 70  
ASP HB3  H  N N 71  
ASP HD2  H  N N 72  
ASP HXT  H  N N 73  
CYS N    N  N N 74  
CYS CA   C  N R 75  
CYS C    C  N N 76  
CYS O    O  N N 77  
CYS CB   C  N N 78  
CYS SG   S  N N 79  
CYS OXT  O  N N 80  
CYS H    H  N N 81  
CYS H2   H  N N 82  
CYS HA   H  N N 83  
CYS HB2  H  N N 84  
CYS HB3  H  N N 85  
CYS HG   H  N N 86  
CYS HXT  H  N N 87  
GLN N    N  N N 88  
GLN CA   C  N S 89  
GLN C    C  N N 90  
GLN O    O  N N 91  
GLN CB   C  N N 92  
GLN CG   C  N N 93  
GLN CD   C  N N 94  
GLN OE1  O  N N 95  
GLN NE2  N  N N 96  
GLN OXT  O  N N 97  
GLN H    H  N N 98  
GLN H2   H  N N 99  
GLN HA   H  N N 100 
GLN HB2  H  N N 101 
GLN HB3  H  N N 102 
GLN HG2  H  N N 103 
GLN HG3  H  N N 104 
GLN HE21 H  N N 105 
GLN HE22 H  N N 106 
GLN HXT  H  N N 107 
GLU N    N  N N 108 
GLU CA   C  N S 109 
GLU C    C  N N 110 
GLU O    O  N N 111 
GLU CB   C  N N 112 
GLU CG   C  N N 113 
GLU CD   C  N N 114 
GLU OE1  O  N N 115 
GLU OE2  O  N N 116 
GLU OXT  O  N N 117 
GLU H    H  N N 118 
GLU H2   H  N N 119 
GLU HA   H  N N 120 
GLU HB2  H  N N 121 
GLU HB3  H  N N 122 
GLU HG2  H  N N 123 
GLU HG3  H  N N 124 
GLU HE2  H  N N 125 
GLU HXT  H  N N 126 
GLY N    N  N N 127 
GLY CA   C  N N 128 
GLY C    C  N N 129 
GLY O    O  N N 130 
GLY OXT  O  N N 131 
GLY H    H  N N 132 
GLY H2   H  N N 133 
GLY HA2  H  N N 134 
GLY HA3  H  N N 135 
GLY HXT  H  N N 136 
HEM CHA  C  N N 137 
HEM CHB  C  N N 138 
HEM CHC  C  N N 139 
HEM CHD  C  N N 140 
HEM C1A  C  Y N 141 
HEM C2A  C  Y N 142 
HEM C3A  C  Y N 143 
HEM C4A  C  Y N 144 
HEM CMA  C  N N 145 
HEM CAA  C  N N 146 
HEM CBA  C  N N 147 
HEM CGA  C  N N 148 
HEM O1A  O  N N 149 
HEM O2A  O  N N 150 
HEM C1B  C  N N 151 
HEM C2B  C  N N 152 
HEM C3B  C  N N 153 
HEM C4B  C  N N 154 
HEM CMB  C  N N 155 
HEM CAB  C  N N 156 
HEM CBB  C  N N 157 
HEM C1C  C  Y N 158 
HEM C2C  C  Y N 159 
HEM C3C  C  Y N 160 
HEM C4C  C  Y N 161 
HEM CMC  C  N N 162 
HEM CAC  C  N N 163 
HEM CBC  C  N N 164 
HEM C1D  C  N N 165 
HEM C2D  C  N N 166 
HEM C3D  C  N N 167 
HEM C4D  C  N N 168 
HEM CMD  C  N N 169 
HEM CAD  C  N N 170 
HEM CBD  C  N N 171 
HEM CGD  C  N N 172 
HEM O1D  O  N N 173 
HEM O2D  O  N N 174 
HEM NA   N  Y N 175 
HEM NB   N  N N 176 
HEM NC   N  Y N 177 
HEM ND   N  N N 178 
HEM FE   FE N N 179 
HEM HHB  H  N N 180 
HEM HHC  H  N N 181 
HEM HHD  H  N N 182 
HEM HMA  H  N N 183 
HEM HMAA H  N N 184 
HEM HMAB H  N N 185 
HEM HAA  H  N N 186 
HEM HAAA H  N N 187 
HEM HBA  H  N N 188 
HEM HBAA H  N N 189 
HEM HMB  H  N N 190 
HEM HMBA H  N N 191 
HEM HMBB H  N N 192 
HEM HAB  H  N N 193 
HEM HBB  H  N N 194 
HEM HBBA H  N N 195 
HEM HMC  H  N N 196 
HEM HMCA H  N N 197 
HEM HMCB H  N N 198 
HEM HAC  H  N N 199 
HEM HBC  H  N N 200 
HEM HBCA H  N N 201 
HEM HMD  H  N N 202 
HEM HMDA H  N N 203 
HEM HMDB H  N N 204 
HEM HAD  H  N N 205 
HEM HADA H  N N 206 
HEM HBD  H  N N 207 
HEM HBDA H  N N 208 
HEM H2A  H  N N 209 
HEM H2D  H  N N 210 
HEM HHA  H  N N 211 
HIS N    N  N N 212 
HIS CA   C  N S 213 
HIS C    C  N N 214 
HIS O    O  N N 215 
HIS CB   C  N N 216 
HIS CG   C  Y N 217 
HIS ND1  N  Y N 218 
HIS CD2  C  Y N 219 
HIS CE1  C  Y N 220 
HIS NE2  N  Y N 221 
HIS OXT  O  N N 222 
HIS H    H  N N 223 
HIS H2   H  N N 224 
HIS HA   H  N N 225 
HIS HB2  H  N N 226 
HIS HB3  H  N N 227 
HIS HD1  H  N N 228 
HIS HD2  H  N N 229 
HIS HE1  H  N N 230 
HIS HE2  H  N N 231 
HIS HXT  H  N N 232 
HOH O    O  N N 233 
HOH H1   H  N N 234 
HOH H2   H  N N 235 
HQI N1   N  N N 236 
HQI N2   N  Y N 237 
HQI CAA  C  N N 238 
HQI OAB  O  N N 239 
HQI OAC  O  N N 240 
HQI CAD  C  Y N 241 
HQI CAE  C  Y N 242 
HQI CAF  C  Y N 243 
HQI CAG  C  Y N 244 
HQI CAH  C  Y N 245 
HQI CAK  C  N N 246 
HQI CAL  C  Y N 247 
HQI CAM  C  Y N 248 
HQI CAN  C  Y N 249 
HQI CAO  C  Y N 250 
HQI HN1  H  N N 251 
HQI HAA  H  N N 252 
HQI HAAA H  N N 253 
HQI HAAB H  N N 254 
HQI HOAC H  N N 255 
HQI HAD  H  N N 256 
HQI HAE  H  N N 257 
HQI HAF  H  N N 258 
HQI HAG  H  N N 259 
HQI HAH  H  N N 260 
ILE N    N  N N 261 
ILE CA   C  N S 262 
ILE C    C  N N 263 
ILE O    O  N N 264 
ILE CB   C  N S 265 
ILE CG1  C  N N 266 
ILE CG2  C  N N 267 
ILE CD1  C  N N 268 
ILE OXT  O  N N 269 
ILE H    H  N N 270 
ILE H2   H  N N 271 
ILE HA   H  N N 272 
ILE HB   H  N N 273 
ILE HG12 H  N N 274 
ILE HG13 H  N N 275 
ILE HG21 H  N N 276 
ILE HG22 H  N N 277 
ILE HG23 H  N N 278 
ILE HD11 H  N N 279 
ILE HD12 H  N N 280 
ILE HD13 H  N N 281 
ILE HXT  H  N N 282 
LEU N    N  N N 283 
LEU CA   C  N S 284 
LEU C    C  N N 285 
LEU O    O  N N 286 
LEU CB   C  N N 287 
LEU CG   C  N N 288 
LEU CD1  C  N N 289 
LEU CD2  C  N N 290 
LEU OXT  O  N N 291 
LEU H    H  N N 292 
LEU H2   H  N N 293 
LEU HA   H  N N 294 
LEU HB2  H  N N 295 
LEU HB3  H  N N 296 
LEU HG   H  N N 297 
LEU HD11 H  N N 298 
LEU HD12 H  N N 299 
LEU HD13 H  N N 300 
LEU HD21 H  N N 301 
LEU HD22 H  N N 302 
LEU HD23 H  N N 303 
LEU HXT  H  N N 304 
LYS N    N  N N 305 
LYS CA   C  N S 306 
LYS C    C  N N 307 
LYS O    O  N N 308 
LYS CB   C  N N 309 
LYS CG   C  N N 310 
LYS CD   C  N N 311 
LYS CE   C  N N 312 
LYS NZ   N  N N 313 
LYS OXT  O  N N 314 
LYS H    H  N N 315 
LYS H2   H  N N 316 
LYS HA   H  N N 317 
LYS HB2  H  N N 318 
LYS HB3  H  N N 319 
LYS HG2  H  N N 320 
LYS HG3  H  N N 321 
LYS HD2  H  N N 322 
LYS HD3  H  N N 323 
LYS HE2  H  N N 324 
LYS HE3  H  N N 325 
LYS HZ1  H  N N 326 
LYS HZ2  H  N N 327 
LYS HZ3  H  N N 328 
LYS HXT  H  N N 329 
MET N    N  N N 330 
MET CA   C  N S 331 
MET C    C  N N 332 
MET O    O  N N 333 
MET CB   C  N N 334 
MET CG   C  N N 335 
MET SD   S  N N 336 
MET CE   C  N N 337 
MET OXT  O  N N 338 
MET H    H  N N 339 
MET H2   H  N N 340 
MET HA   H  N N 341 
MET HB2  H  N N 342 
MET HB3  H  N N 343 
MET HG2  H  N N 344 
MET HG3  H  N N 345 
MET HE1  H  N N 346 
MET HE2  H  N N 347 
MET HE3  H  N N 348 
MET HXT  H  N N 349 
NI  NI   NI N N 350 
PHE N    N  N N 351 
PHE CA   C  N S 352 
PHE C    C  N N 353 
PHE O    O  N N 354 
PHE CB   C  N N 355 
PHE CG   C  Y N 356 
PHE CD1  C  Y N 357 
PHE CD2  C  Y N 358 
PHE CE1  C  Y N 359 
PHE CE2  C  Y N 360 
PHE CZ   C  Y N 361 
PHE OXT  O  N N 362 
PHE H    H  N N 363 
PHE H2   H  N N 364 
PHE HA   H  N N 365 
PHE HB2  H  N N 366 
PHE HB3  H  N N 367 
PHE HD1  H  N N 368 
PHE HD2  H  N N 369 
PHE HE1  H  N N 370 
PHE HE2  H  N N 371 
PHE HZ   H  N N 372 
PHE HXT  H  N N 373 
PRO N    N  N N 374 
PRO CA   C  N S 375 
PRO C    C  N N 376 
PRO O    O  N N 377 
PRO CB   C  N N 378 
PRO CG   C  N N 379 
PRO CD   C  N N 380 
PRO OXT  O  N N 381 
PRO H    H  N N 382 
PRO HA   H  N N 383 
PRO HB2  H  N N 384 
PRO HB3  H  N N 385 
PRO HG2  H  N N 386 
PRO HG3  H  N N 387 
PRO HD2  H  N N 388 
PRO HD3  H  N N 389 
PRO HXT  H  N N 390 
SER N    N  N N 391 
SER CA   C  N S 392 
SER C    C  N N 393 
SER O    O  N N 394 
SER CB   C  N N 395 
SER OG   O  N N 396 
SER OXT  O  N N 397 
SER H    H  N N 398 
SER H2   H  N N 399 
SER HA   H  N N 400 
SER HB2  H  N N 401 
SER HB3  H  N N 402 
SER HG   H  N N 403 
SER HXT  H  N N 404 
THR N    N  N N 405 
THR CA   C  N S 406 
THR C    C  N N 407 
THR O    O  N N 408 
THR CB   C  N R 409 
THR OG1  O  N N 410 
THR CG2  C  N N 411 
THR OXT  O  N N 412 
THR H    H  N N 413 
THR H2   H  N N 414 
THR HA   H  N N 415 
THR HB   H  N N 416 
THR HG1  H  N N 417 
THR HG21 H  N N 418 
THR HG22 H  N N 419 
THR HG23 H  N N 420 
THR HXT  H  N N 421 
TRP N    N  N N 422 
TRP CA   C  N S 423 
TRP C    C  N N 424 
TRP O    O  N N 425 
TRP CB   C  N N 426 
TRP CG   C  Y N 427 
TRP CD1  C  Y N 428 
TRP CD2  C  Y N 429 
TRP NE1  N  Y N 430 
TRP CE2  C  Y N 431 
TRP CE3  C  Y N 432 
TRP CZ2  C  Y N 433 
TRP CZ3  C  Y N 434 
TRP CH2  C  Y N 435 
TRP OXT  O  N N 436 
TRP H    H  N N 437 
TRP H2   H  N N 438 
TRP HA   H  N N 439 
TRP HB2  H  N N 440 
TRP HB3  H  N N 441 
TRP HD1  H  N N 442 
TRP HE1  H  N N 443 
TRP HE3  H  N N 444 
TRP HZ2  H  N N 445 
TRP HZ3  H  N N 446 
TRP HH2  H  N N 447 
TRP HXT  H  N N 448 
TYR N    N  N N 449 
TYR CA   C  N S 450 
TYR C    C  N N 451 
TYR O    O  N N 452 
TYR CB   C  N N 453 
TYR CG   C  Y N 454 
TYR CD1  C  Y N 455 
TYR CD2  C  Y N 456 
TYR CE1  C  Y N 457 
TYR CE2  C  Y N 458 
TYR CZ   C  Y N 459 
TYR OH   O  N N 460 
TYR OXT  O  N N 461 
TYR H    H  N N 462 
TYR H2   H  N N 463 
TYR HA   H  N N 464 
TYR HB2  H  N N 465 
TYR HB3  H  N N 466 
TYR HD1  H  N N 467 
TYR HD2  H  N N 468 
TYR HE1  H  N N 469 
TYR HE2  H  N N 470 
TYR HH   H  N N 471 
TYR HXT  H  N N 472 
VAL N    N  N N 473 
VAL CA   C  N S 474 
VAL C    C  N N 475 
VAL O    O  N N 476 
VAL CB   C  N N 477 
VAL CG1  C  N N 478 
VAL CG2  C  N N 479 
VAL OXT  O  N N 480 
VAL H    H  N N 481 
VAL H2   H  N N 482 
VAL HA   H  N N 483 
VAL HB   H  N N 484 
VAL HG11 H  N N 485 
VAL HG12 H  N N 486 
VAL HG13 H  N N 487 
VAL HG21 H  N N 488 
VAL HG22 H  N N 489 
VAL HG23 H  N N 490 
VAL HXT  H  N N 491 
# 
loop_
_chem_comp_bond.comp_id 
_chem_comp_bond.atom_id_1 
_chem_comp_bond.atom_id_2 
_chem_comp_bond.value_order 
_chem_comp_bond.pdbx_aromatic_flag 
_chem_comp_bond.pdbx_stereo_config 
_chem_comp_bond.pdbx_ordinal 
ALA N   CA   sing N N 1   
ALA N   H    sing N N 2   
ALA N   H2   sing N N 3   
ALA CA  C    sing N N 4   
ALA CA  CB   sing N N 5   
ALA CA  HA   sing N N 6   
ALA C   O    doub N N 7   
ALA C   OXT  sing N N 8   
ALA CB  HB1  sing N N 9   
ALA CB  HB2  sing N N 10  
ALA CB  HB3  sing N N 11  
ALA OXT HXT  sing N N 12  
ARG N   CA   sing N N 13  
ARG N   H    sing N N 14  
ARG N   H2   sing N N 15  
ARG CA  C    sing N N 16  
ARG CA  CB   sing N N 17  
ARG CA  HA   sing N N 18  
ARG C   O    doub N N 19  
ARG C   OXT  sing N N 20  
ARG CB  CG   sing N N 21  
ARG CB  HB2  sing N N 22  
ARG CB  HB3  sing N N 23  
ARG CG  CD   sing N N 24  
ARG CG  HG2  sing N N 25  
ARG CG  HG3  sing N N 26  
ARG CD  NE   sing N N 27  
ARG CD  HD2  sing N N 28  
ARG CD  HD3  sing N N 29  
ARG NE  CZ   sing N N 30  
ARG NE  HE   sing N N 31  
ARG CZ  NH1  sing N N 32  
ARG CZ  NH2  doub N N 33  
ARG NH1 HH11 sing N N 34  
ARG NH1 HH12 sing N N 35  
ARG NH2 HH21 sing N N 36  
ARG NH2 HH22 sing N N 37  
ARG OXT HXT  sing N N 38  
ASN N   CA   sing N N 39  
ASN N   H    sing N N 40  
ASN N   H2   sing N N 41  
ASN CA  C    sing N N 42  
ASN CA  CB   sing N N 43  
ASN CA  HA   sing N N 44  
ASN C   O    doub N N 45  
ASN C   OXT  sing N N 46  
ASN CB  CG   sing N N 47  
ASN CB  HB2  sing N N 48  
ASN CB  HB3  sing N N 49  
ASN CG  OD1  doub N N 50  
ASN CG  ND2  sing N N 51  
ASN ND2 HD21 sing N N 52  
ASN ND2 HD22 sing N N 53  
ASN OXT HXT  sing N N 54  
ASP N   CA   sing N N 55  
ASP N   H    sing N N 56  
ASP N   H2   sing N N 57  
ASP CA  C    sing N N 58  
ASP CA  CB   sing N N 59  
ASP CA  HA   sing N N 60  
ASP C   O    doub N N 61  
ASP C   OXT  sing N N 62  
ASP CB  CG   sing N N 63  
ASP CB  HB2  sing N N 64  
ASP CB  HB3  sing N N 65  
ASP CG  OD1  doub N N 66  
ASP CG  OD2  sing N N 67  
ASP OD2 HD2  sing N N 68  
ASP OXT HXT  sing N N 69  
CYS N   CA   sing N N 70  
CYS N   H    sing N N 71  
CYS N   H2   sing N N 72  
CYS CA  C    sing N N 73  
CYS CA  CB   sing N N 74  
CYS CA  HA   sing N N 75  
CYS C   O    doub N N 76  
CYS C   OXT  sing N N 77  
CYS CB  SG   sing N N 78  
CYS CB  HB2  sing N N 79  
CYS CB  HB3  sing N N 80  
CYS SG  HG   sing N N 81  
CYS OXT HXT  sing N N 82  
GLN N   CA   sing N N 83  
GLN N   H    sing N N 84  
GLN N   H2   sing N N 85  
GLN CA  C    sing N N 86  
GLN CA  CB   sing N N 87  
GLN CA  HA   sing N N 88  
GLN C   O    doub N N 89  
GLN C   OXT  sing N N 90  
GLN CB  CG   sing N N 91  
GLN CB  HB2  sing N N 92  
GLN CB  HB3  sing N N 93  
GLN CG  CD   sing N N 94  
GLN CG  HG2  sing N N 95  
GLN CG  HG3  sing N N 96  
GLN CD  OE1  doub N N 97  
GLN CD  NE2  sing N N 98  
GLN NE2 HE21 sing N N 99  
GLN NE2 HE22 sing N N 100 
GLN OXT HXT  sing N N 101 
GLU N   CA   sing N N 102 
GLU N   H    sing N N 103 
GLU N   H2   sing N N 104 
GLU CA  C    sing N N 105 
GLU CA  CB   sing N N 106 
GLU CA  HA   sing N N 107 
GLU C   O    doub N N 108 
GLU C   OXT  sing N N 109 
GLU CB  CG   sing N N 110 
GLU CB  HB2  sing N N 111 
GLU CB  HB3  sing N N 112 
GLU CG  CD   sing N N 113 
GLU CG  HG2  sing N N 114 
GLU CG  HG3  sing N N 115 
GLU CD  OE1  doub N N 116 
GLU CD  OE2  sing N N 117 
GLU OE2 HE2  sing N N 118 
GLU OXT HXT  sing N N 119 
GLY N   CA   sing N N 120 
GLY N   H    sing N N 121 
GLY N   H2   sing N N 122 
GLY CA  C    sing N N 123 
GLY CA  HA2  sing N N 124 
GLY CA  HA3  sing N N 125 
GLY C   O    doub N N 126 
GLY C   OXT  sing N N 127 
GLY OXT HXT  sing N N 128 
HEM CHA C1A  sing N N 129 
HEM CHA C4D  doub N N 130 
HEM CHA HHA  sing N N 131 
HEM CHB C4A  sing N N 132 
HEM CHB C1B  doub N N 133 
HEM CHB HHB  sing N N 134 
HEM CHC C4B  sing N N 135 
HEM CHC C1C  doub N N 136 
HEM CHC HHC  sing N N 137 
HEM CHD C4C  doub N N 138 
HEM CHD C1D  sing N N 139 
HEM CHD HHD  sing N N 140 
HEM C1A C2A  doub Y N 141 
HEM C1A NA   sing Y N 142 
HEM C2A C3A  sing Y N 143 
HEM C2A CAA  sing N N 144 
HEM C3A C4A  doub Y N 145 
HEM C3A CMA  sing N N 146 
HEM C4A NA   sing Y N 147 
HEM CMA HMA  sing N N 148 
HEM CMA HMAA sing N N 149 
HEM CMA HMAB sing N N 150 
HEM CAA CBA  sing N N 151 
HEM CAA HAA  sing N N 152 
HEM CAA HAAA sing N N 153 
HEM CBA CGA  sing N N 154 
HEM CBA HBA  sing N N 155 
HEM CBA HBAA sing N N 156 
HEM CGA O1A  doub N N 157 
HEM CGA O2A  sing N N 158 
HEM C1B C2B  sing N N 159 
HEM C1B NB   sing N N 160 
HEM C2B C3B  doub N N 161 
HEM C2B CMB  sing N N 162 
HEM C3B C4B  sing N N 163 
HEM C3B CAB  sing N N 164 
HEM C4B NB   doub N N 165 
HEM CMB HMB  sing N N 166 
HEM CMB HMBA sing N N 167 
HEM CMB HMBB sing N N 168 
HEM CAB CBB  doub N N 169 
HEM CAB HAB  sing N N 170 
HEM CBB HBB  sing N N 171 
HEM CBB HBBA sing N N 172 
HEM C1C C2C  sing Y N 173 
HEM C1C NC   sing Y N 174 
HEM C2C C3C  doub Y N 175 
HEM C2C CMC  sing N N 176 
HEM C3C C4C  sing Y N 177 
HEM C3C CAC  sing N N 178 
HEM C4C NC   sing Y N 179 
HEM CMC HMC  sing N N 180 
HEM CMC HMCA sing N N 181 
HEM CMC HMCB sing N N 182 
HEM CAC CBC  doub N N 183 
HEM CAC HAC  sing N N 184 
HEM CBC HBC  sing N N 185 
HEM CBC HBCA sing N N 186 
HEM C1D C2D  sing N N 187 
HEM C1D ND   doub N N 188 
HEM C2D C3D  doub N N 189 
HEM C2D CMD  sing N N 190 
HEM C3D C4D  sing N N 191 
HEM C3D CAD  sing N N 192 
HEM C4D ND   sing N N 193 
HEM CMD HMD  sing N N 194 
HEM CMD HMDA sing N N 195 
HEM CMD HMDB sing N N 196 
HEM CAD CBD  sing N N 197 
HEM CAD HAD  sing N N 198 
HEM CAD HADA sing N N 199 
HEM CBD CGD  sing N N 200 
HEM CBD HBD  sing N N 201 
HEM CBD HBDA sing N N 202 
HEM CGD O1D  doub N N 203 
HEM CGD O2D  sing N N 204 
HEM O2A H2A  sing N N 205 
HEM O2D H2D  sing N N 206 
HEM FE  NA   sing N N 207 
HEM FE  NB   sing N N 208 
HEM FE  NC   sing N N 209 
HEM FE  ND   sing N N 210 
HIS N   CA   sing N N 211 
HIS N   H    sing N N 212 
HIS N   H2   sing N N 213 
HIS CA  C    sing N N 214 
HIS CA  CB   sing N N 215 
HIS CA  HA   sing N N 216 
HIS C   O    doub N N 217 
HIS C   OXT  sing N N 218 
HIS CB  CG   sing N N 219 
HIS CB  HB2  sing N N 220 
HIS CB  HB3  sing N N 221 
HIS CG  ND1  sing Y N 222 
HIS CG  CD2  doub Y N 223 
HIS ND1 CE1  doub Y N 224 
HIS ND1 HD1  sing N N 225 
HIS CD2 NE2  sing Y N 226 
HIS CD2 HD2  sing N N 227 
HIS CE1 NE2  sing Y N 228 
HIS CE1 HE1  sing N N 229 
HIS NE2 HE2  sing N N 230 
HIS OXT HXT  sing N N 231 
HOH O   H1   sing N N 232 
HOH O   H2   sing N N 233 
HQI N1  CAK  sing N N 234 
HQI N1  CAM  sing N N 235 
HQI N2  CAE  doub Y N 236 
HQI N2  CAO  sing Y N 237 
HQI CAA CAK  sing N N 238 
HQI OAB CAK  doub N N 239 
HQI OAC CAL  sing N N 240 
HQI CAD CAE  sing Y N 241 
HQI CAD CAH  doub Y N 242 
HQI CAF CAG  doub Y N 243 
HQI CAF CAL  sing Y N 244 
HQI CAG CAM  sing Y N 245 
HQI CAH CAN  sing Y N 246 
HQI CAL CAO  doub Y N 247 
HQI CAM CAN  doub Y N 248 
HQI CAN CAO  sing Y N 249 
HQI N1  HN1  sing N N 250 
HQI CAA HAA  sing N N 251 
HQI CAA HAAA sing N N 252 
HQI CAA HAAB sing N N 253 
HQI OAC HOAC sing N N 254 
HQI CAD HAD  sing N N 255 
HQI CAE HAE  sing N N 256 
HQI CAF HAF  sing N N 257 
HQI CAG HAG  sing N N 258 
HQI CAH HAH  sing N N 259 
ILE N   CA   sing N N 260 
ILE N   H    sing N N 261 
ILE N   H2   sing N N 262 
ILE CA  C    sing N N 263 
ILE CA  CB   sing N N 264 
ILE CA  HA   sing N N 265 
ILE C   O    doub N N 266 
ILE C   OXT  sing N N 267 
ILE CB  CG1  sing N N 268 
ILE CB  CG2  sing N N 269 
ILE CB  HB   sing N N 270 
ILE CG1 CD1  sing N N 271 
ILE CG1 HG12 sing N N 272 
ILE CG1 HG13 sing N N 273 
ILE CG2 HG21 sing N N 274 
ILE CG2 HG22 sing N N 275 
ILE CG2 HG23 sing N N 276 
ILE CD1 HD11 sing N N 277 
ILE CD1 HD12 sing N N 278 
ILE CD1 HD13 sing N N 279 
ILE OXT HXT  sing N N 280 
LEU N   CA   sing N N 281 
LEU N   H    sing N N 282 
LEU N   H2   sing N N 283 
LEU CA  C    sing N N 284 
LEU CA  CB   sing N N 285 
LEU CA  HA   sing N N 286 
LEU C   O    doub N N 287 
LEU C   OXT  sing N N 288 
LEU CB  CG   sing N N 289 
LEU CB  HB2  sing N N 290 
LEU CB  HB3  sing N N 291 
LEU CG  CD1  sing N N 292 
LEU CG  CD2  sing N N 293 
LEU CG  HG   sing N N 294 
LEU CD1 HD11 sing N N 295 
LEU CD1 HD12 sing N N 296 
LEU CD1 HD13 sing N N 297 
LEU CD2 HD21 sing N N 298 
LEU CD2 HD22 sing N N 299 
LEU CD2 HD23 sing N N 300 
LEU OXT HXT  sing N N 301 
LYS N   CA   sing N N 302 
LYS N   H    sing N N 303 
LYS N   H2   sing N N 304 
LYS CA  C    sing N N 305 
LYS CA  CB   sing N N 306 
LYS CA  HA   sing N N 307 
LYS C   O    doub N N 308 
LYS C   OXT  sing N N 309 
LYS CB  CG   sing N N 310 
LYS CB  HB2  sing N N 311 
LYS CB  HB3  sing N N 312 
LYS CG  CD   sing N N 313 
LYS CG  HG2  sing N N 314 
LYS CG  HG3  sing N N 315 
LYS CD  CE   sing N N 316 
LYS CD  HD2  sing N N 317 
LYS CD  HD3  sing N N 318 
LYS CE  NZ   sing N N 319 
LYS CE  HE2  sing N N 320 
LYS CE  HE3  sing N N 321 
LYS NZ  HZ1  sing N N 322 
LYS NZ  HZ2  sing N N 323 
LYS NZ  HZ3  sing N N 324 
LYS OXT HXT  sing N N 325 
MET N   CA   sing N N 326 
MET N   H    sing N N 327 
MET N   H2   sing N N 328 
MET CA  C    sing N N 329 
MET CA  CB   sing N N 330 
MET CA  HA   sing N N 331 
MET C   O    doub N N 332 
MET C   OXT  sing N N 333 
MET CB  CG   sing N N 334 
MET CB  HB2  sing N N 335 
MET CB  HB3  sing N N 336 
MET CG  SD   sing N N 337 
MET CG  HG2  sing N N 338 
MET CG  HG3  sing N N 339 
MET SD  CE   sing N N 340 
MET CE  HE1  sing N N 341 
MET CE  HE2  sing N N 342 
MET CE  HE3  sing N N 343 
MET OXT HXT  sing N N 344 
PHE N   CA   sing N N 345 
PHE N   H    sing N N 346 
PHE N   H2   sing N N 347 
PHE CA  C    sing N N 348 
PHE CA  CB   sing N N 349 
PHE CA  HA   sing N N 350 
PHE C   O    doub N N 351 
PHE C   OXT  sing N N 352 
PHE CB  CG   sing N N 353 
PHE CB  HB2  sing N N 354 
PHE CB  HB3  sing N N 355 
PHE CG  CD1  doub Y N 356 
PHE CG  CD2  sing Y N 357 
PHE CD1 CE1  sing Y N 358 
PHE CD1 HD1  sing N N 359 
PHE CD2 CE2  doub Y N 360 
PHE CD2 HD2  sing N N 361 
PHE CE1 CZ   doub Y N 362 
PHE CE1 HE1  sing N N 363 
PHE CE2 CZ   sing Y N 364 
PHE CE2 HE2  sing N N 365 
PHE CZ  HZ   sing N N 366 
PHE OXT HXT  sing N N 367 
PRO N   CA   sing N N 368 
PRO N   CD   sing N N 369 
PRO N   H    sing N N 370 
PRO CA  C    sing N N 371 
PRO CA  CB   sing N N 372 
PRO CA  HA   sing N N 373 
PRO C   O    doub N N 374 
PRO C   OXT  sing N N 375 
PRO CB  CG   sing N N 376 
PRO CB  HB2  sing N N 377 
PRO CB  HB3  sing N N 378 
PRO CG  CD   sing N N 379 
PRO CG  HG2  sing N N 380 
PRO CG  HG3  sing N N 381 
PRO CD  HD2  sing N N 382 
PRO CD  HD3  sing N N 383 
PRO OXT HXT  sing N N 384 
SER N   CA   sing N N 385 
SER N   H    sing N N 386 
SER N   H2   sing N N 387 
SER CA  C    sing N N 388 
SER CA  CB   sing N N 389 
SER CA  HA   sing N N 390 
SER C   O    doub N N 391 
SER C   OXT  sing N N 392 
SER CB  OG   sing N N 393 
SER CB  HB2  sing N N 394 
SER CB  HB3  sing N N 395 
SER OG  HG   sing N N 396 
SER OXT HXT  sing N N 397 
THR N   CA   sing N N 398 
THR N   H    sing N N 399 
THR N   H2   sing N N 400 
THR CA  C    sing N N 401 
THR CA  CB   sing N N 402 
THR CA  HA   sing N N 403 
THR C   O    doub N N 404 
THR C   OXT  sing N N 405 
THR CB  OG1  sing N N 406 
THR CB  CG2  sing N N 407 
THR CB  HB   sing N N 408 
THR OG1 HG1  sing N N 409 
THR CG2 HG21 sing N N 410 
THR CG2 HG22 sing N N 411 
THR CG2 HG23 sing N N 412 
THR OXT HXT  sing N N 413 
TRP N   CA   sing N N 414 
TRP N   H    sing N N 415 
TRP N   H2   sing N N 416 
TRP CA  C    sing N N 417 
TRP CA  CB   sing N N 418 
TRP CA  HA   sing N N 419 
TRP C   O    doub N N 420 
TRP C   OXT  sing N N 421 
TRP CB  CG   sing N N 422 
TRP CB  HB2  sing N N 423 
TRP CB  HB3  sing N N 424 
TRP CG  CD1  doub Y N 425 
TRP CG  CD2  sing Y N 426 
TRP CD1 NE1  sing Y N 427 
TRP CD1 HD1  sing N N 428 
TRP CD2 CE2  doub Y N 429 
TRP CD2 CE3  sing Y N 430 
TRP NE1 CE2  sing Y N 431 
TRP NE1 HE1  sing N N 432 
TRP CE2 CZ2  sing Y N 433 
TRP CE3 CZ3  doub Y N 434 
TRP CE3 HE3  sing N N 435 
TRP CZ2 CH2  doub Y N 436 
TRP CZ2 HZ2  sing N N 437 
TRP CZ3 CH2  sing Y N 438 
TRP CZ3 HZ3  sing N N 439 
TRP CH2 HH2  sing N N 440 
TRP OXT HXT  sing N N 441 
TYR N   CA   sing N N 442 
TYR N   H    sing N N 443 
TYR N   H2   sing N N 444 
TYR CA  C    sing N N 445 
TYR CA  CB   sing N N 446 
TYR CA  HA   sing N N 447 
TYR C   O    doub N N 448 
TYR C   OXT  sing N N 449 
TYR CB  CG   sing N N 450 
TYR CB  HB2  sing N N 451 
TYR CB  HB3  sing N N 452 
TYR CG  CD1  doub Y N 453 
TYR CG  CD2  sing Y N 454 
TYR CD1 CE1  sing Y N 455 
TYR CD1 HD1  sing N N 456 
TYR CD2 CE2  doub Y N 457 
TYR CD2 HD2  sing N N 458 
TYR CE1 CZ   doub Y N 459 
TYR CE1 HE1  sing N N 460 
TYR CE2 CZ   sing Y N 461 
TYR CE2 HE2  sing N N 462 
TYR CZ  OH   sing N N 463 
TYR OH  HH   sing N N 464 
TYR OXT HXT  sing N N 465 
VAL N   CA   sing N N 466 
VAL N   H    sing N N 467 
VAL N   H2   sing N N 468 
VAL CA  C    sing N N 469 
VAL CA  CB   sing N N 470 
VAL CA  HA   sing N N 471 
VAL C   O    doub N N 472 
VAL C   OXT  sing N N 473 
VAL CB  CG1  sing N N 474 
VAL CB  CG2  sing N N 475 
VAL CB  HB   sing N N 476 
VAL CG1 HG11 sing N N 477 
VAL CG1 HG12 sing N N 478 
VAL CG1 HG13 sing N N 479 
VAL CG2 HG21 sing N N 480 
VAL CG2 HG22 sing N N 481 
VAL CG2 HG23 sing N N 482 
VAL OXT HXT  sing N N 483 
# 
_pdbx_initial_refinement_model.id               1 
_pdbx_initial_refinement_model.entity_id_list   ? 
_pdbx_initial_refinement_model.type             'experimental model' 
_pdbx_initial_refinement_model.source_name      PDB 
_pdbx_initial_refinement_model.accession_code   2BC5 
_pdbx_initial_refinement_model.details          'monomer of 2BC5' 
# 
_atom_sites.entry_id                    3L1M 
_atom_sites.fract_transf_matrix[1][1]   -0.00564313 
_atom_sites.fract_transf_matrix[1][2]   0.00041186 
_atom_sites.fract_transf_matrix[1][3]   -0.00978947 
_atom_sites.fract_transf_matrix[2][1]   0.00019322 
_atom_sites.fract_transf_matrix[2][2]   -0.02894485 
_atom_sites.fract_transf_matrix[2][3]   -0.00132914 
_atom_sites.fract_transf_matrix[3][1]   -0.01847785 
_atom_sites.fract_transf_matrix[3][2]   -0.00061128 
_atom_sites.fract_transf_matrix[3][3]   0.01062583 
_atom_sites.fract_transf_vector[1]      0.163138 
_atom_sites.fract_transf_vector[2]      0.355630 
_atom_sites.fract_transf_vector[3]      0.317239 
# 
loop_
_atom_type.symbol 
C  
FE 
N  
NI 
O  
S  
# 
loop_
_atom_site.group_PDB 
_atom_site.id 
_atom_site.type_symbol 
_atom_site.label_atom_id 
_atom_site.label_alt_id 
_atom_site.label_comp_id 
_atom_site.label_asym_id 
_atom_site.label_entity_id 
_atom_site.label_seq_id 
_atom_site.pdbx_PDB_ins_code 
_atom_site.Cartn_x 
_atom_site.Cartn_y 
_atom_site.Cartn_z 
_atom_site.occupancy 
_atom_site.B_iso_or_equiv 
_atom_site.pdbx_formal_charge 
_atom_site.auth_seq_id 
_atom_site.auth_comp_id 
_atom_site.auth_asym_id 
_atom_site.auth_atom_id 
_atom_site.pdbx_PDB_model_num 
ATOM   1   N  N   . ALA A 1 1   ? -4.361  13.876  2.492   1.00 36.06 ? 1   ALA A N   1 
ATOM   2   C  CA  . ALA A 1 1   ? -5.614  13.298  1.936   1.00 36.54 ? 1   ALA A CA  1 
ATOM   3   C  C   . ALA A 1 1   ? -6.246  12.351  2.955   1.00 36.31 ? 1   ALA A C   1 
ATOM   4   O  O   . ALA A 1 1   ? -5.543  11.778  3.786   1.00 36.70 ? 1   ALA A O   1 
ATOM   5   C  CB  . ALA A 1 1   ? -5.298  12.554  0.642   1.00 36.05 ? 1   ALA A CB  1 
ATOM   6   N  N   . ASP A 1 2   ? -7.567  12.187  2.902   1.00 35.36 ? 2   ASP A N   1 
ATOM   7   C  CA  . ASP A 1 2   ? -8.230  11.295  3.847   1.00 35.35 ? 2   ASP A CA  1 
ATOM   8   C  C   . ASP A 1 2   ? -7.914  9.845   3.525   1.00 34.36 ? 2   ASP A C   1 
ATOM   9   O  O   . ASP A 1 2   ? -7.260  9.545   2.527   1.00 32.77 ? 2   ASP A O   1 
ATOM   10  C  CB  . ASP A 1 2   ? -9.752  11.500  3.856   1.00 37.38 ? 2   ASP A CB  1 
ATOM   11  C  CG  . ASP A 1 2   ? -10.375 11.357  2.483   1.00 38.92 ? 2   ASP A CG  1 
ATOM   12  O  OD1 . ASP A 1 2   ? -10.014 10.411  1.756   1.00 37.86 ? 2   ASP A OD1 1 
ATOM   13  O  OD2 . ASP A 1 2   ? -11.241 12.195  2.137   1.00 43.76 ? 2   ASP A OD2 1 
ATOM   14  N  N   . LEU A 1 3   ? -8.384  8.946   4.378   1.00 34.13 ? 3   LEU A N   1 
ATOM   15  C  CA  . LEU A 1 3   ? -8.127  7.535   4.184   1.00 33.43 ? 3   LEU A CA  1 
ATOM   16  C  C   . LEU A 1 3   ? -8.670  7.056   2.848   1.00 33.89 ? 3   LEU A C   1 
ATOM   17  O  O   . LEU A 1 3   ? -7.993  6.317   2.122   1.00 32.19 ? 3   LEU A O   1 
ATOM   18  C  CB  . LEU A 1 3   ? -8.747  6.728   5.321   1.00 33.24 ? 3   LEU A CB  1 
ATOM   19  C  CG  . LEU A 1 3   ? -8.109  5.355   5.527   1.00 33.45 ? 3   LEU A CG  1 
ATOM   20  C  CD1 . LEU A 1 3   ? -6.594  5.511   5.614   1.00 31.71 ? 3   LEU A CD1 1 
ATOM   21  C  CD2 . LEU A 1 3   ? -8.667  4.718   6.797   1.00 36.08 ? 3   LEU A CD2 1 
ATOM   22  N  N   . GLU A 1 4   ? -9.890  7.483   2.526   1.00 31.19 ? 4   GLU A N   1 
ATOM   23  C  CA  . GLU A 1 4   ? -10.516 7.086   1.277   1.00 30.80 ? 4   GLU A CA  1 
ATOM   24  C  C   . GLU A 1 4   ? -9.684  7.483   0.064   1.00 28.59 ? 4   GLU A C   1 
ATOM   25  O  O   . GLU A 1 4   ? -9.451  6.660   -0.822  1.00 25.07 ? 4   GLU A O   1 
ATOM   26  C  CB  . GLU A 1 4   ? -11.910 7.701   1.166   1.00 34.27 ? 4   GLU A CB  1 
ATOM   27  C  CG  . GLU A 1 4   ? -12.812 7.380   2.346   1.00 38.91 ? 4   GLU A CG  1 
ATOM   28  C  CD  . GLU A 1 4   ? -14.228 7.900   2.152   1.00 40.73 ? 4   GLU A CD  1 
ATOM   29  O  OE1 . GLU A 1 4   ? -14.407 9.131   1.972   1.00 42.07 ? 4   GLU A OE1 1 
ATOM   30  O  OE2 . GLU A 1 4   ? -15.161 7.070   2.176   1.00 39.04 ? 4   GLU A OE2 1 
ATOM   31  N  N   . ASP A 1 5   ? -9.242  8.740   0.032   1.00 26.73 ? 5   ASP A N   1 
ATOM   32  C  CA  . ASP A 1 5   ? -8.438  9.235   -1.080  1.00 26.21 ? 5   ASP A CA  1 
ATOM   33  C  C   . ASP A 1 5   ? -7.188  8.402   -1.263  1.00 23.98 ? 5   ASP A C   1 
ATOM   34  O  O   . ASP A 1 5   ? -6.866  7.982   -2.376  1.00 22.42 ? 5   ASP A O   1 
ATOM   35  C  CB  . ASP A 1 5   ? -8.034  10.697  -0.865  1.00 30.22 ? 5   ASP A CB  1 
ATOM   36  C  CG  . ASP A 1 5   ? -9.225  11.653  -0.908  1.00 34.25 ? 5   ASP A CG  1 
ATOM   37  O  OD1 . ASP A 1 5   ? -10.288 11.278  -1.466  1.00 34.48 ? 5   ASP A OD1 1 
ATOM   38  O  OD2 . ASP A 1 5   ? -9.087  12.792  -0.397  1.00 35.47 ? 5   ASP A OD2 1 
ATOM   39  N  N   . ASN A 1 6   ? -6.484  8.162   -0.165  1.00 22.91 ? 6   ASN A N   1 
ATOM   40  C  CA  . ASN A 1 6   ? -5.270  7.373   -0.219  1.00 22.17 ? 6   ASN A CA  1 
ATOM   41  C  C   . ASN A 1 6   ? -5.538  5.958   -0.730  1.00 21.21 ? 6   ASN A C   1 
ATOM   42  O  O   . ASN A 1 6   ? -4.802  5.462   -1.585  1.00 21.15 ? 6   ASN A O   1 
ATOM   43  C  CB  . ASN A 1 6   ? -4.598  7.325   1.155   1.00 23.11 ? 6   ASN A CB  1 
ATOM   44  C  CG  . ASN A 1 6   ? -4.031  8.658   1.560   1.00 24.45 ? 6   ASN A CG  1 
ATOM   45  O  OD1 . ASN A 1 6   ? -3.375  9.327   0.766   1.00 28.74 ? 6   ASN A OD1 1 
ATOM   46  N  ND2 . ASN A 1 6   ? -4.272  9.056   2.802   1.00 27.04 ? 6   ASN A ND2 1 
ATOM   47  N  N   . MET A 1 7   ? -6.590  5.316   -0.222  1.00 20.33 ? 7   MET A N   1 
ATOM   48  C  CA  . MET A 1 7   ? -6.937  3.966   -0.654  1.00 21.75 ? 7   MET A CA  1 
ATOM   49  C  C   . MET A 1 7   ? -7.200  3.903   -2.162  1.00 23.24 ? 7   MET A C   1 
ATOM   50  O  O   . MET A 1 7   ? -6.848  2.922   -2.827  1.00 23.03 ? 7   MET A O   1 
ATOM   51  C  CB  . MET A 1 7   ? -8.167  3.455   0.090   1.00 21.39 ? 7   MET A CB  1 
ATOM   52  C  CG  . MET A 1 7   ? -7.946  3.127   1.567   1.00 25.12 ? 7   MET A CG  1 
ATOM   53  S  SD  . MET A 1 7   ? -6.788  1.769   1.888   1.00 27.73 ? 7   MET A SD  1 
ATOM   54  C  CE  . MET A 1 7   ? -5.808  2.504   3.165   1.00 23.72 ? 7   MET A CE  1 
ATOM   55  N  N   . GLU A 1 8   ? -7.815  4.948   -2.705  1.00 21.98 ? 8   GLU A N   1 
ATOM   56  C  CA  . GLU A 1 8   ? -8.086  4.966   -4.129  1.00 21.51 ? 8   GLU A CA  1 
ATOM   57  C  C   . GLU A 1 8   ? -6.751  5.027   -4.879  1.00 20.87 ? 8   GLU A C   1 
ATOM   58  O  O   . GLU A 1 8   ? -6.554  4.313   -5.866  1.00 20.42 ? 8   GLU A O   1 
ATOM   59  C  CB  . GLU A 1 8   ? -8.978  6.166   -4.491  1.00 19.91 ? 8   GLU A CB  1 
ATOM   60  C  CG  . GLU A 1 8   ? -9.523  6.148   -5.923  1.00 20.72 ? 8   GLU A CG  1 
ATOM   61  C  CD  . GLU A 1 8   ? -10.352 4.915   -6.239  0.00 20.51 ? 8   GLU A CD  1 
ATOM   62  O  OE1 . GLU A 1 8   ? -10.852 4.819   -7.379  0.00 20.50 ? 8   GLU A OE1 1 
ATOM   63  O  OE2 . GLU A 1 8   ? -10.502 4.040   -5.362  0.00 20.50 ? 8   GLU A OE2 1 
ATOM   64  N  N   . THR A 1 9   ? -5.835  5.874   -4.405  1.00 20.76 ? 9   THR A N   1 
ATOM   65  C  CA  . THR A 1 9   ? -4.520  6.012   -5.045  1.00 18.83 ? 9   THR A CA  1 
ATOM   66  C  C   . THR A 1 9   ? -3.869  4.627   -5.081  1.00 19.38 ? 9   THR A C   1 
ATOM   67  O  O   . THR A 1 9   ? -3.388  4.178   -6.124  1.00 18.16 ? 9   THR A O   1 
ATOM   68  C  CB  . THR A 1 9   ? -3.604  7.008   -4.269  1.00 18.48 ? 9   THR A CB  1 
ATOM   69  O  OG1 . THR A 1 9   ? -4.238  8.296   -4.213  1.00 22.23 ? 9   THR A OG1 1 
ATOM   70  C  CG2 . THR A 1 9   ? -2.238  7.159   -4.955  1.00 13.09 ? 9   THR A CG2 1 
ATOM   71  N  N   . LEU A 1 10  ? -3.882  3.950   -3.941  1.00 19.07 ? 10  LEU A N   1 
ATOM   72  C  CA  . LEU A 1 10  ? -3.312  2.613   -3.840  1.00 21.98 ? 10  LEU A CA  1 
ATOM   73  C  C   . LEU A 1 10  ? -3.971  1.665   -4.838  1.00 23.18 ? 10  LEU A C   1 
ATOM   74  O  O   . LEU A 1 10  ? -3.292  0.989   -5.614  1.00 23.30 ? 10  LEU A O   1 
ATOM   75  C  CB  . LEU A 1 10  ? -3.509  2.053   -2.430  1.00 19.71 ? 10  LEU A CB  1 
ATOM   76  C  CG  . LEU A 1 10  ? -2.829  2.749   -1.247  1.00 19.33 ? 10  LEU A CG  1 
ATOM   77  C  CD1 . LEU A 1 10  ? -3.309  2.117   0.057   1.00 16.74 ? 10  LEU A CD1 1 
ATOM   78  C  CD2 . LEU A 1 10  ? -1.309  2.635   -1.388  1.00 15.67 ? 10  LEU A CD2 1 
ATOM   79  N  N   . ASN A 1 11  ? -5.298  1.621   -4.806  1.00 24.22 ? 11  ASN A N   1 
ATOM   80  C  CA  . ASN A 1 11  ? -6.057  0.743   -5.682  1.00 25.21 ? 11  ASN A CA  1 
ATOM   81  C  C   . ASN A 1 11  ? -5.837  1.033   -7.161  1.00 25.90 ? 11  ASN A C   1 
ATOM   82  O  O   . ASN A 1 11  ? -5.691  0.111   -7.966  1.00 26.16 ? 11  ASN A O   1 
ATOM   83  C  CB  . ASN A 1 11  ? -7.546  0.842   -5.357  1.00 26.86 ? 11  ASN A CB  1 
ATOM   84  C  CG  . ASN A 1 11  ? -8.308  -0.384  -5.793  1.00 29.17 ? 11  ASN A CG  1 
ATOM   85  O  OD1 . ASN A 1 11  ? -7.995  -1.499  -5.361  1.00 30.59 ? 11  ASN A OD1 1 
ATOM   86  N  ND2 . ASN A 1 11  ? -9.309  -0.196  -6.657  1.00 25.14 ? 11  ASN A ND2 1 
ATOM   87  N  N   . ASP A 1 12  ? -5.800  2.309   -7.524  1.00 27.54 ? 12  ASP A N   1 
ATOM   88  C  CA  . ASP A 1 12  ? -5.607  2.668   -8.924  1.00 28.75 ? 12  ASP A CA  1 
ATOM   89  C  C   . ASP A 1 12  ? -4.186  2.452   -9.426  1.00 27.80 ? 12  ASP A C   1 
ATOM   90  O  O   . ASP A 1 12  ? -3.990  2.060   -10.574 1.00 28.19 ? 12  ASP A O   1 
ATOM   91  C  CB  . ASP A 1 12  ? -6.050  4.119   -9.167  1.00 33.63 ? 12  ASP A CB  1 
ATOM   92  C  CG  . ASP A 1 12  ? -7.528  4.336   -8.834  1.00 39.82 ? 12  ASP A CG  1 
ATOM   93  O  OD1 . ASP A 1 12  ? -8.285  3.331   -8.794  1.00 43.40 ? 12  ASP A OD1 1 
ATOM   94  O  OD2 . ASP A 1 12  ? -7.939  5.502   -8.621  1.00 39.98 ? 12  ASP A OD2 1 
ATOM   95  N  N   . ASN A 1 13  ? -3.185  2.703   -8.584  1.00 27.23 ? 13  ASN A N   1 
ATOM   96  C  CA  . ASN A 1 13  ? -1.810  2.499   -9.033  1.00 25.98 ? 13  ASN A CA  1 
ATOM   97  C  C   . ASN A 1 13  ? -1.425  1.028   -9.092  1.00 25.58 ? 13  ASN A C   1 
ATOM   98  O  O   . ASN A 1 13  ? -0.359  0.683   -9.595  1.00 24.32 ? 13  ASN A O   1 
ATOM   99  C  CB  . ASN A 1 13  ? -0.812  3.267   -8.160  1.00 26.84 ? 13  ASN A CB  1 
ATOM   100 C  CG  . ASN A 1 13  ? -0.576  4.684   -8.660  1.00 27.82 ? 13  ASN A CG  1 
ATOM   101 O  OD1 . ASN A 1 13  ? -1.254  5.624   -8.246  1.00 30.53 ? 13  ASN A OD1 1 
ATOM   102 N  ND2 . ASN A 1 13  ? 0.370   4.837   -9.571  1.00 25.32 ? 13  ASN A ND2 1 
ATOM   103 N  N   . LEU A 1 14  ? -2.291  0.158   -8.582  1.00 25.24 ? 14  LEU A N   1 
ATOM   104 C  CA  . LEU A 1 14  ? -2.017  -1.272  -8.630  1.00 23.79 ? 14  LEU A CA  1 
ATOM   105 C  C   . LEU A 1 14  ? -2.339  -1.743  -10.048 1.00 21.92 ? 14  LEU A C   1 
ATOM   106 O  O   . LEU A 1 14  ? -1.572  -2.486  -10.660 1.00 22.98 ? 14  LEU A O   1 
ATOM   107 C  CB  . LEU A 1 14  ? -2.871  -2.017  -7.591  1.00 24.66 ? 14  LEU A CB  1 
ATOM   108 C  CG  . LEU A 1 14  ? -2.382  -3.398  -7.135  1.00 26.83 ? 14  LEU A CG  1 
ATOM   109 C  CD1 . LEU A 1 14  ? -0.883  -3.370  -6.830  1.00 25.12 ? 14  LEU A CD1 1 
ATOM   110 C  CD2 . LEU A 1 14  ? -3.140  -3.813  -5.897  1.00 24.97 ? 14  LEU A CD2 1 
ATOM   111 N  N   . LYS A 1 15  ? -3.468  -1.298  -10.585 1.00 22.02 ? 15  LYS A N   1 
ATOM   112 C  CA  . LYS A 1 15  ? -3.843  -1.695  -11.939 1.00 23.30 ? 15  LYS A CA  1 
ATOM   113 C  C   . LYS A 1 15  ? -2.841  -1.093  -12.918 1.00 22.37 ? 15  LYS A C   1 
ATOM   114 O  O   . LYS A 1 15  ? -2.413  -1.763  -13.872 1.00 22.35 ? 15  LYS A O   1 
ATOM   115 C  CB  . LYS A 1 15  ? -5.256  -1.213  -12.278 1.00 26.64 ? 15  LYS A CB  1 
ATOM   116 C  CG  . LYS A 1 15  ? -6.335  -1.636  -11.293 1.00 28.97 ? 15  LYS A CG  1 
ATOM   117 C  CD  . LYS A 1 15  ? -7.691  -1.145  -11.797 1.00 32.68 ? 15  LYS A CD  1 
ATOM   118 C  CE  . LYS A 1 15  ? -8.739  -1.102  -10.701 1.00 35.27 ? 15  LYS A CE  1 
ATOM   119 N  NZ  . LYS A 1 15  ? -9.741  -0.002  -10.958 1.00 35.74 ? 15  LYS A NZ  1 
ATOM   120 N  N   . VAL A 1 16  ? -2.477  0.166   -12.676 1.00 19.71 ? 16  VAL A N   1 
ATOM   121 C  CA  . VAL A 1 16  ? -1.498  0.861   -13.502 1.00 20.26 ? 16  VAL A CA  1 
ATOM   122 C  C   . VAL A 1 16  ? -0.226  0.016   -13.578 1.00 21.68 ? 16  VAL A C   1 
ATOM   123 O  O   . VAL A 1 16  ? 0.411   -0.090  -14.630 1.00 20.42 ? 16  VAL A O   1 
ATOM   124 C  CB  . VAL A 1 16  ? -1.129  2.237   -12.911 1.00 19.71 ? 16  VAL A CB  1 
ATOM   125 C  CG1 . VAL A 1 16  ? 0.070   2.823   -13.649 1.00 15.10 ? 16  VAL A CG1 1 
ATOM   126 C  CG2 . VAL A 1 16  ? -2.317  3.179   -13.019 1.00 17.49 ? 16  VAL A CG2 1 
ATOM   127 N  N   . ILE A 1 17  ? 0.151   -0.577  -12.453 1.00 20.33 ? 17  ILE A N   1 
ATOM   128 C  CA  . ILE A 1 17  ? 1.337   -1.404  -12.440 1.00 23.03 ? 17  ILE A CA  1 
ATOM   129 C  C   . ILE A 1 17  ? 1.035   -2.677  -13.211 1.00 27.99 ? 17  ILE A C   1 
ATOM   130 O  O   . ILE A 1 17  ? 1.907   -3.223  -13.889 1.00 28.64 ? 17  ILE A O   1 
ATOM   131 C  CB  . ILE A 1 17  ? 1.752   -1.740  -10.997 1.00 21.90 ? 17  ILE A CB  1 
ATOM   132 C  CG1 . ILE A 1 17  ? 2.372   -0.499  -10.348 1.00 19.30 ? 17  ILE A CG1 1 
ATOM   133 C  CG2 . ILE A 1 17  ? 2.698   -2.925  -10.979 1.00 16.08 ? 17  ILE A CG2 1 
ATOM   134 C  CD1 . ILE A 1 17  ? 2.519   -0.606  -8.852  1.00 20.46 ? 17  ILE A CD1 1 
ATOM   135 N  N   . GLU A 1 18  ? -0.210  -3.134  -13.117 1.00 30.47 ? 18  GLU A N   1 
ATOM   136 C  CA  . GLU A 1 18  ? -0.624  -4.347  -13.800 1.00 35.09 ? 18  GLU A CA  1 
ATOM   137 C  C   . GLU A 1 18  ? -0.699  -4.176  -15.316 1.00 36.58 ? 18  GLU A C   1 
ATOM   138 O  O   . GLU A 1 18  ? -0.828  -5.161  -16.032 1.00 37.56 ? 18  GLU A O   1 
ATOM   139 C  CB  . GLU A 1 18  ? -1.975  -4.824  -13.248 1.00 38.74 ? 18  GLU A CB  1 
ATOM   140 C  CG  . GLU A 1 18  ? -1.867  -5.508  -11.882 1.00 45.06 ? 18  GLU A CG  1 
ATOM   141 C  CD  . GLU A 1 18  ? -3.181  -5.515  -11.094 1.00 48.52 ? 18  GLU A CD  1 
ATOM   142 O  OE1 . GLU A 1 18  ? -4.224  -5.912  -11.661 1.00 50.36 ? 18  GLU A OE1 1 
ATOM   143 O  OE2 . GLU A 1 18  ? -3.165  -5.131  -9.900  1.00 48.57 ? 18  GLU A OE2 1 
ATOM   144 N  N   . LYS A 1 19  ? -0.605  -2.941  -15.809 1.00 36.69 ? 19  LYS A N   1 
ATOM   145 C  CA  . LYS A 1 19  ? -0.660  -2.698  -17.253 1.00 35.27 ? 19  LYS A CA  1 
ATOM   146 C  C   . LYS A 1 19  ? 0.651   -2.148  -17.800 1.00 34.89 ? 19  LYS A C   1 
ATOM   147 O  O   . LYS A 1 19  ? 0.865   -2.122  -19.015 1.00 35.31 ? 19  LYS A O   1 
ATOM   148 C  CB  . LYS A 1 19  ? -1.736  -1.679  -17.599 1.00 35.75 ? 19  LYS A CB  1 
ATOM   149 C  CG  . LYS A 1 19  ? -3.033  -1.810  -16.845 0.00 35.69 ? 19  LYS A CG  1 
ATOM   150 C  CD  . LYS A 1 19  ? -3.875  -0.568  -17.112 0.00 36.00 ? 19  LYS A CD  1 
ATOM   151 C  CE  . LYS A 1 19  ? -3.107  0.700   -16.727 0.00 36.13 ? 19  LYS A CE  1 
ATOM   152 N  NZ  . LYS A 1 19  ? -3.285  1.808   -17.712 0.00 36.32 ? 19  LYS A NZ  1 
ATOM   153 N  N   . ALA A 1 20  ? 1.515   -1.697  -16.900 1.00 33.83 ? 20  ALA A N   1 
ATOM   154 C  CA  . ALA A 1 20  ? 2.789   -1.102  -17.280 1.00 33.32 ? 20  ALA A CA  1 
ATOM   155 C  C   . ALA A 1 20  ? 3.530   -1.843  -18.382 1.00 34.15 ? 20  ALA A C   1 
ATOM   156 O  O   . ALA A 1 20  ? 3.493   -3.077  -18.463 1.00 36.63 ? 20  ALA A O   1 
ATOM   157 C  CB  . ALA A 1 20  ? 3.690   -0.958  -16.057 1.00 27.33 ? 20  ALA A CB  1 
ATOM   158 N  N   . ASP A 1 21  ? 4.205   -1.068  -19.229 1.00 33.90 ? 21  ASP A N   1 
ATOM   159 C  CA  . ASP A 1 21  ? 4.999   -1.602  -20.327 1.00 31.89 ? 21  ASP A CA  1 
ATOM   160 C  C   . ASP A 1 21  ? 6.461   -1.652  -19.894 1.00 30.77 ? 21  ASP A C   1 
ATOM   161 O  O   . ASP A 1 21  ? 7.211   -2.541  -20.312 1.00 28.12 ? 21  ASP A O   1 
ATOM   162 C  CB  . ASP A 1 21  ? 4.901   -0.693  -21.549 1.00 35.23 ? 21  ASP A CB  1 
ATOM   163 C  CG  . ASP A 1 21  ? 3.473   -0.455  -21.990 1.00 38.46 ? 21  ASP A CG  1 
ATOM   164 O  OD1 . ASP A 1 21  ? 2.793   -1.435  -22.370 1.00 38.34 ? 21  ASP A OD1 1 
ATOM   165 O  OD2 . ASP A 1 21  ? 3.038   0.714   -21.954 1.00 39.93 ? 21  ASP A OD2 1 
ATOM   166 N  N   . ASN A 1 22  ? 6.857   -0.692  -19.056 1.00 27.23 ? 22  ASN A N   1 
ATOM   167 C  CA  . ASN A 1 22  ? 8.249   -0.601  -18.618 1.00 25.69 ? 22  ASN A CA  1 
ATOM   168 C  C   . ASN A 1 22  ? 8.461   -0.319  -17.140 1.00 24.51 ? 22  ASN A C   1 
ATOM   169 O  O   . ASN A 1 22  ? 7.522   -0.055  -16.390 1.00 27.08 ? 22  ASN A O   1 
ATOM   170 C  CB  . ASN A 1 22  ? 8.959   0.490   -19.412 1.00 25.56 ? 22  ASN A CB  1 
ATOM   171 C  CG  . ASN A 1 22  ? 8.402   1.862   -19.117 1.00 25.53 ? 22  ASN A CG  1 
ATOM   172 O  OD1 . ASN A 1 22  ? 8.583   2.398   -18.021 1.00 24.04 ? 22  ASN A OD1 1 
ATOM   173 N  ND2 . ASN A 1 22  ? 7.698   2.431   -20.082 1.00 23.72 ? 22  ASN A ND2 1 
ATOM   174 N  N   . ALA A 1 23  ? 9.727   -0.342  -16.745 1.00 21.91 ? 23  ALA A N   1 
ATOM   175 C  CA  . ALA A 1 23  ? 10.123  -0.104  -15.369 1.00 22.22 ? 23  ALA A CA  1 
ATOM   176 C  C   . ALA A 1 23  ? 9.726   1.283   -14.856 1.00 22.06 ? 23  ALA A C   1 
ATOM   177 O  O   . ALA A 1 23  ? 9.081   1.402   -13.809 1.00 17.92 ? 23  ALA A O   1 
ATOM   178 C  CB  . ALA A 1 23  ? 11.641  -0.300  -15.227 1.00 19.96 ? 23  ALA A CB  1 
ATOM   179 N  N   . ALA A 1 24  ? 10.117  2.320   -15.592 1.00 22.25 ? 24  ALA A N   1 
ATOM   180 C  CA  . ALA A 1 24  ? 9.820   3.692   -15.191 1.00 23.07 ? 24  ALA A CA  1 
ATOM   181 C  C   . ALA A 1 24  ? 8.350   3.831   -14.808 1.00 23.19 ? 24  ALA A C   1 
ATOM   182 O  O   . ALA A 1 24  ? 8.005   4.531   -13.851 1.00 23.99 ? 24  ALA A O   1 
ATOM   183 C  CB  . ALA A 1 24  ? 10.175  4.664   -16.322 1.00 22.33 ? 24  ALA A CB  1 
ATOM   184 N  N   . GLN A 1 25  ? 7.481   3.134   -15.530 1.00 20.74 ? 25  GLN A N   1 
ATOM   185 C  CA  . GLN A 1 25  ? 6.058   3.230   -15.244 1.00 19.39 ? 25  GLN A CA  1 
ATOM   186 C  C   . GLN A 1 25  ? 5.742   2.591   -13.909 1.00 17.45 ? 25  GLN A C   1 
ATOM   187 O  O   . GLN A 1 25  ? 4.978   3.126   -13.116 1.00 15.92 ? 25  GLN A O   1 
ATOM   188 C  CB  . GLN A 1 25  ? 5.262   2.583   -16.369 1.00 22.00 ? 25  GLN A CB  1 
ATOM   189 C  CG  . GLN A 1 25  ? 5.821   3.008   -17.721 1.00 29.62 ? 25  GLN A CG  1 
ATOM   190 C  CD  . GLN A 1 25  ? 4.917   2.697   -18.886 1.00 31.23 ? 25  GLN A CD  1 
ATOM   191 O  OE1 . GLN A 1 25  ? 4.464   1.560   -19.063 1.00 32.64 ? 25  GLN A OE1 1 
ATOM   192 N  NE2 . GLN A 1 25  ? 4.659   3.710   -19.704 1.00 32.05 ? 25  GLN A NE2 1 
ATOM   193 N  N   . VAL A 1 26  ? 6.346   1.445   -13.651 1.00 15.02 ? 26  VAL A N   1 
ATOM   194 C  CA  . VAL A 1 26  ? 6.120   0.772   -12.393 1.00 15.40 ? 26  VAL A CA  1 
ATOM   195 C  C   . VAL A 1 26  ? 6.648   1.602   -11.232 1.00 14.71 ? 26  VAL A C   1 
ATOM   196 O  O   . VAL A 1 26  ? 5.959   1.751   -10.230 1.00 16.94 ? 26  VAL A O   1 
ATOM   197 C  CB  . VAL A 1 26  ? 6.757   -0.619  -12.412 1.00 13.75 ? 26  VAL A CB  1 
ATOM   198 C  CG1 . VAL A 1 26  ? 6.747   -1.236  -11.019 1.00 12.61 ? 26  VAL A CG1 1 
ATOM   199 C  CG2 . VAL A 1 26  ? 5.969   -1.495  -13.389 1.00 15.57 ? 26  VAL A CG2 1 
ATOM   200 N  N   . LYS A 1 27  ? 7.850   2.156   -11.376 1.00 15.85 ? 27  LYS A N   1 
ATOM   201 C  CA  . LYS A 1 27  ? 8.448   2.977   -10.326 1.00 18.73 ? 27  LYS A CA  1 
ATOM   202 C  C   . LYS A 1 27  ? 7.551   4.156   -9.927  1.00 19.47 ? 27  LYS A C   1 
ATOM   203 O  O   . LYS A 1 27  ? 7.327   4.390   -8.736  1.00 21.93 ? 27  LYS A O   1 
ATOM   204 C  CB  . LYS A 1 27  ? 9.795   3.542   -10.771 1.00 19.72 ? 27  LYS A CB  1 
ATOM   205 C  CG  . LYS A 1 27  ? 10.834  2.526   -11.201 1.00 23.24 ? 27  LYS A CG  1 
ATOM   206 C  CD  . LYS A 1 27  ? 12.153  3.241   -11.475 1.00 22.66 ? 27  LYS A CD  1 
ATOM   207 C  CE  . LYS A 1 27  ? 13.265  2.296   -11.881 1.00 27.36 ? 27  LYS A CE  1 
ATOM   208 N  NZ  . LYS A 1 27  ? 14.610  2.947   -11.732 1.00 30.03 ? 27  LYS A NZ  1 
ATOM   209 N  N   . ASP A 1 28  ? 7.061   4.907   -10.917 1.00 18.37 ? 28  ASP A N   1 
ATOM   210 C  CA  . ASP A 1 28  ? 6.189   6.065   -10.667 1.00 18.49 ? 28  ASP A CA  1 
ATOM   211 C  C   . ASP A 1 28  ? 4.999   5.650   -9.827  1.00 18.21 ? 28  ASP A C   1 
ATOM   212 O  O   . ASP A 1 28  ? 4.723   6.226   -8.783  1.00 15.45 ? 28  ASP A O   1 
ATOM   213 C  CB  . ASP A 1 28  ? 5.663   6.639   -11.991 1.00 21.80 ? 28  ASP A CB  1 
ATOM   214 C  CG  . ASP A 1 28  ? 6.591   7.675   -12.592 1.00 23.42 ? 28  ASP A CG  1 
ATOM   215 O  OD1 . ASP A 1 28  ? 6.524   7.913   -13.822 1.00 20.80 ? 28  ASP A OD1 1 
ATOM   216 O  OD2 . ASP A 1 28  ? 7.376   8.258   -11.818 1.00 24.87 ? 28  ASP A OD2 1 
ATOM   217 N  N   . ALA A 1 29  ? 4.292   4.639   -10.315 1.00 19.56 ? 29  ALA A N   1 
ATOM   218 C  CA  . ALA A 1 29  ? 3.123   4.114   -9.647  1.00 18.74 ? 29  ALA A CA  1 
ATOM   219 C  C   . ALA A 1 29  ? 3.455   3.725   -8.211  1.00 19.98 ? 29  ALA A C   1 
ATOM   220 O  O   . ALA A 1 29  ? 2.790   4.159   -7.279  1.00 22.92 ? 29  ALA A O   1 
ATOM   221 C  CB  . ALA A 1 29  ? 2.606   2.914   -10.408 1.00 21.18 ? 29  ALA A CB  1 
ATOM   222 N  N   . LEU A 1 30  ? 4.492   2.913   -8.042  1.00 18.26 ? 30  LEU A N   1 
ATOM   223 C  CA  . LEU A 1 30  ? 4.904   2.457   -6.726  1.00 17.02 ? 30  LEU A CA  1 
ATOM   224 C  C   . LEU A 1 30  ? 5.285   3.606   -5.814  1.00 18.21 ? 30  LEU A C   1 
ATOM   225 O  O   . LEU A 1 30  ? 5.047   3.552   -4.604  1.00 18.17 ? 30  LEU A O   1 
ATOM   226 C  CB  . LEU A 1 30  ? 6.087   1.503   -6.840  1.00 15.05 ? 30  LEU A CB  1 
ATOM   227 C  CG  . LEU A 1 30  ? 5.829   0.075   -7.327  1.00 15.26 ? 30  LEU A CG  1 
ATOM   228 C  CD1 . LEU A 1 30  ? 7.155   -0.626  -7.463  1.00 10.99 ? 30  LEU A CD1 1 
ATOM   229 C  CD2 . LEU A 1 30  ? 4.938   -0.685  -6.349  1.00 10.66 ? 30  LEU A CD2 1 
ATOM   230 N  N   . THR A 1 31  ? 5.893   4.640   -6.389  1.00 18.52 ? 31  THR A N   1 
ATOM   231 C  CA  . THR A 1 31  ? 6.300   5.797   -5.605  1.00 16.54 ? 31  THR A CA  1 
ATOM   232 C  C   . THR A 1 31  ? 5.046   6.498   -5.099  1.00 16.37 ? 31  THR A C   1 
ATOM   233 O  O   . THR A 1 31  ? 5.002   6.954   -3.956  1.00 15.84 ? 31  THR A O   1 
ATOM   234 C  CB  . THR A 1 31  ? 7.120   6.767   -6.453  1.00 17.94 ? 31  THR A CB  1 
ATOM   235 O  OG1 . THR A 1 31  ? 8.325   6.121   -6.865  1.00 16.05 ? 31  THR A OG1 1 
ATOM   236 C  CG2 . THR A 1 31  ? 7.472   8.002   -5.658  1.00 17.30 ? 31  THR A CG2 1 
ATOM   237 N  N   . LYS A 1 32  ? 4.025   6.576   -5.948  1.00 15.26 ? 32  LYS A N   1 
ATOM   238 C  CA  . LYS A 1 32  ? 2.782   7.212   -5.539  1.00 17.82 ? 32  LYS A CA  1 
ATOM   239 C  C   . LYS A 1 32  ? 2.131   6.339   -4.472  1.00 18.67 ? 32  LYS A C   1 
ATOM   240 O  O   . LYS A 1 32  ? 1.555   6.852   -3.521  1.00 20.61 ? 32  LYS A O   1 
ATOM   241 C  CB  . LYS A 1 32  ? 1.821   7.372   -6.714  1.00 18.45 ? 32  LYS A CB  1 
ATOM   242 C  CG  . LYS A 1 32  ? 2.384   8.132   -7.902  1.00 22.79 ? 32  LYS A CG  1 
ATOM   243 C  CD  . LYS A 1 32  ? 1.365   8.165   -9.052  1.00 25.74 ? 32  LYS A CD  1 
ATOM   244 C  CE  . LYS A 1 32  ? 2.012   8.471   -10.412 1.00 32.05 ? 32  LYS A CE  1 
ATOM   245 N  NZ  . LYS A 1 32  ? 2.697   9.799   -10.462 1.00 33.95 ? 32  LYS A NZ  1 
ATOM   246 N  N   . MET A 1 33  ? 2.220   5.020   -4.625  1.00 18.49 ? 33  MET A N   1 
ATOM   247 C  CA  . MET A 1 33  ? 1.635   4.114   -3.640  1.00 17.52 ? 33  MET A CA  1 
ATOM   248 C  C   . MET A 1 33  ? 2.278   4.257   -2.257  1.00 17.38 ? 33  MET A C   1 
ATOM   249 O  O   . MET A 1 33  ? 1.575   4.346   -1.234  1.00 15.17 ? 33  MET A O   1 
ATOM   250 C  CB  . MET A 1 33  ? 1.739   2.660   -4.102  1.00 17.71 ? 33  MET A CB  1 
ATOM   251 C  CG  . MET A 1 33  ? 0.750   2.297   -5.191  1.00 19.27 ? 33  MET A CG  1 
ATOM   252 S  SD  . MET A 1 33  ? 0.746   0.538   -5.611  1.00 17.55 ? 33  MET A SD  1 
ATOM   253 C  CE  . MET A 1 33  ? -0.348  -0.148  -4.351  1.00 12.17 ? 33  MET A CE  1 
ATOM   254 N  N   . ARG A 1 34  ? 3.609   4.285   -2.234  1.00 17.57 ? 34  ARG A N   1 
ATOM   255 C  CA  . ARG A 1 34  ? 4.355   4.423   -0.983  1.00 19.68 ? 34  ARG A CA  1 
ATOM   256 C  C   . ARG A 1 34  ? 3.883   5.646   -0.189  1.00 20.80 ? 34  ARG A C   1 
ATOM   257 O  O   . ARG A 1 34  ? 3.541   5.540   0.994   1.00 22.05 ? 34  ARG A O   1 
ATOM   258 C  CB  . ARG A 1 34  ? 5.840   4.548   -1.280  1.00 18.68 ? 34  ARG A CB  1 
ATOM   259 C  CG  . ARG A 1 34  ? 6.724   4.440   -0.056  1.00 18.92 ? 34  ARG A CG  1 
ATOM   260 C  CD  . ARG A 1 34  ? 8.179   4.512   -0.465  1.00 17.91 ? 34  ARG A CD  1 
ATOM   261 N  NE  . ARG A 1 34  ? 9.062   3.860   0.499   1.00 19.65 ? 34  ARG A NE  1 
ATOM   262 C  CZ  . ARG A 1 34  ? 9.401   4.360   1.682   1.00 18.20 ? 34  ARG A CZ  1 
ATOM   263 N  NH1 . ARG A 1 34  ? 10.216  3.667   2.467   1.00 18.83 ? 34  ARG A NH1 1 
ATOM   264 N  NH2 . ARG A 1 34  ? 8.937   5.544   2.074   1.00 21.64 ? 34  ARG A NH2 1 
ATOM   265 N  N   . ALA A 1 35  ? 3.872   6.800   -0.850  1.00 21.53 ? 35  ALA A N   1 
ATOM   266 C  CA  . ALA A 1 35  ? 3.434   8.056   -0.240  1.00 20.75 ? 35  ALA A CA  1 
ATOM   267 C  C   . ALA A 1 35  ? 2.025   7.934   0.343   1.00 19.30 ? 35  ALA A C   1 
ATOM   268 O  O   . ALA A 1 35  ? 1.802   8.246   1.504   1.00 21.34 ? 35  ALA A O   1 
ATOM   269 C  CB  . ALA A 1 35  ? 3.470   9.180   -1.281  1.00 20.07 ? 35  ALA A CB  1 
ATOM   270 N  N   . ALA A 1 36  ? 1.076   7.462   -0.457  1.00 20.03 ? 36  ALA A N   1 
ATOM   271 C  CA  . ALA A 1 36  ? -0.303  7.322   0.008   1.00 19.56 ? 36  ALA A CA  1 
ATOM   272 C  C   . ALA A 1 36  ? -0.431  6.381   1.210   1.00 20.70 ? 36  ALA A C   1 
ATOM   273 O  O   . ALA A 1 36  ? -1.247  6.615   2.101   1.00 19.42 ? 36  ALA A O   1 
ATOM   274 C  CB  . ALA A 1 36  ? -1.187  6.830   -1.136  1.00 19.14 ? 36  ALA A CB  1 
ATOM   275 N  N   . ALA A 1 37  ? 0.358   5.311   1.225   1.00 18.87 ? 37  ALA A N   1 
ATOM   276 C  CA  . ALA A 1 37  ? 0.298   4.366   2.331   1.00 21.37 ? 37  ALA A CA  1 
ATOM   277 C  C   . ALA A 1 37  ? 0.758   5.029   3.629   1.00 20.59 ? 37  ALA A C   1 
ATOM   278 O  O   . ALA A 1 37  ? 0.152   4.850   4.683   1.00 18.10 ? 37  ALA A O   1 
ATOM   279 C  CB  . ALA A 1 37  ? 1.155   3.138   2.033   1.00 20.93 ? 37  ALA A CB  1 
ATOM   280 N  N   . LEU A 1 38  ? 1.827   5.805   3.550   1.00 22.88 ? 38  LEU A N   1 
ATOM   281 C  CA  . LEU A 1 38  ? 2.330   6.487   4.732   1.00 24.70 ? 38  LEU A CA  1 
ATOM   282 C  C   . LEU A 1 38  ? 1.297   7.463   5.273   1.00 25.62 ? 38  LEU A C   1 
ATOM   283 O  O   . LEU A 1 38  ? 1.062   7.536   6.478   1.00 26.63 ? 38  LEU A O   1 
ATOM   284 C  CB  . LEU A 1 38  ? 3.632   7.221   4.405   1.00 21.62 ? 38  LEU A CB  1 
ATOM   285 C  CG  . LEU A 1 38  ? 4.830   6.273   4.458   1.00 22.31 ? 38  LEU A CG  1 
ATOM   286 C  CD1 . LEU A 1 38  ? 6.108   6.998   4.109   1.00 18.71 ? 38  LEU A CD1 1 
ATOM   287 C  CD2 . LEU A 1 38  ? 4.929   5.677   5.863   1.00 22.95 ? 38  LEU A CD2 1 
ATOM   288 N  N   . ASP A 1 39  ? 0.666   8.195   4.367   1.00 26.89 ? 39  ASP A N   1 
ATOM   289 C  CA  . ASP A 1 39  ? -0.338  9.181   4.738   1.00 27.91 ? 39  ASP A CA  1 
ATOM   290 C  C   . ASP A 1 39  ? -1.591  8.513   5.309   1.00 28.80 ? 39  ASP A C   1 
ATOM   291 O  O   . ASP A 1 39  ? -2.265  9.062   6.182   1.00 28.91 ? 39  ASP A O   1 
ATOM   292 C  CB  . ASP A 1 39  ? -0.682  10.019  3.510   1.00 28.01 ? 39  ASP A CB  1 
ATOM   293 C  CG  . ASP A 1 39  ? -1.608  11.152  3.825   0.00 28.37 ? 39  ASP A CG  1 
ATOM   294 O  OD1 . ASP A 1 39  ? -1.250  11.996  4.664   1.00 31.72 ? 39  ASP A OD1 1 
ATOM   295 O  OD2 . ASP A 1 39  ? -2.695  11.197  3.233   1.00 26.15 ? 39  ASP A OD2 1 
ATOM   296 N  N   . ALA A 1 40  ? -1.901  7.326   4.806   1.00 28.40 ? 40  ALA A N   1 
ATOM   297 C  CA  . ALA A 1 40  ? -3.052  6.573   5.273   1.00 28.78 ? 40  ALA A CA  1 
ATOM   298 C  C   . ALA A 1 40  ? -2.794  6.090   6.700   1.00 30.47 ? 40  ALA A C   1 
ATOM   299 O  O   . ALA A 1 40  ? -3.708  5.989   7.519   1.00 28.82 ? 40  ALA A O   1 
ATOM   300 C  CB  . ALA A 1 40  ? -3.286  5.383   4.369   1.00 29.20 ? 40  ALA A CB  1 
ATOM   301 N  N   . GLN A 1 41  ? -1.530  5.789   6.972   1.00 32.05 ? 41  GLN A N   1 
ATOM   302 C  CA  . GLN A 1 41  ? -1.103  5.295   8.266   1.00 34.46 ? 41  GLN A CA  1 
ATOM   303 C  C   . GLN A 1 41  ? -1.529  6.216   9.418   1.00 36.63 ? 41  GLN A C   1 
ATOM   304 O  O   . GLN A 1 41  ? -1.737  5.756   10.544  1.00 35.75 ? 41  GLN A O   1 
ATOM   305 C  CB  . GLN A 1 41  ? 0.420   5.125   8.247   1.00 35.52 ? 41  GLN A CB  1 
ATOM   306 C  CG  . GLN A 1 41  ? 1.021   4.486   9.493   1.00 35.67 ? 41  GLN A CG  1 
ATOM   307 C  CD  . GLN A 1 41  ? 2.517   4.254   9.342   1.00 36.30 ? 41  GLN A CD  1 
ATOM   308 O  OE1 . GLN A 1 41  ? 3.267   5.175   9.022   1.00 37.20 ? 41  GLN A OE1 1 
ATOM   309 N  NE2 . GLN A 1 41  ? 2.953   3.019   9.565   1.00 35.88 ? 41  GLN A NE2 1 
ATOM   310 N  N   . LYS A 1 42  ? -1.692  7.502   9.121   1.00 37.11 ? 42  LYS A N   1 
ATOM   311 C  CA  . LYS A 1 42  ? -2.071  8.490   10.135  1.00 36.96 ? 42  LYS A CA  1 
ATOM   312 C  C   . LYS A 1 42  ? -3.566  8.599   10.432  1.00 37.13 ? 42  LYS A C   1 
ATOM   313 O  O   . LYS A 1 42  ? -3.965  9.013   11.518  1.00 37.12 ? 42  LYS A O   1 
ATOM   314 C  CB  . LYS A 1 42  ? -1.542  9.857   9.714   1.00 35.40 ? 42  LYS A CB  1 
ATOM   315 C  CG  . LYS A 1 42  ? -0.090  9.825   9.284   1.00 33.58 ? 42  LYS A CG  1 
ATOM   316 C  CD  . LYS A 1 42  ? 0.370   11.183  8.794   1.00 32.62 ? 42  LYS A CD  1 
ATOM   317 C  CE  . LYS A 1 42  ? 1.815   11.138  8.346   1.00 32.61 ? 42  LYS A CE  1 
ATOM   318 N  NZ  . LYS A 1 42  ? 2.278   12.446  7.813   1.00 35.84 ? 42  LYS A NZ  1 
ATOM   319 N  N   . ALA A 1 43  ? -4.396  8.235   9.466   1.00 39.02 ? 43  ALA A N   1 
ATOM   320 C  CA  . ALA A 1 43  ? -5.838  8.314   9.652   1.00 41.63 ? 43  ALA A CA  1 
ATOM   321 C  C   . ALA A 1 43  ? -6.339  7.289   10.669  1.00 42.55 ? 43  ALA A C   1 
ATOM   322 O  O   . ALA A 1 43  ? -5.617  6.361   11.041  1.00 42.69 ? 43  ALA A O   1 
ATOM   323 C  CB  . ALA A 1 43  ? -6.551  8.110   8.308   1.00 41.06 ? 43  ALA A CB  1 
ATOM   324 N  N   . THR A 1 44  ? -7.577  7.486   11.122  1.00 43.35 ? 44  THR A N   1 
ATOM   325 C  CA  . THR A 1 44  ? -8.211  6.577   12.064  1.00 45.44 ? 44  THR A CA  1 
ATOM   326 C  C   . THR A 1 44  ? -9.424  6.056   11.309  1.00 46.86 ? 44  THR A C   1 
ATOM   327 O  O   . THR A 1 44  ? -10.328 6.812   10.977  1.00 48.08 ? 44  THR A O   1 
ATOM   328 C  CB  . THR A 1 44  ? -8.681  7.306   13.354  1.00 46.28 ? 44  THR A CB  1 
ATOM   329 O  OG1 . THR A 1 44  ? -7.580  8.015   13.944  1.00 43.51 ? 44  THR A OG1 1 
ATOM   330 C  CG2 . THR A 1 44  ? -9.222  6.296   14.364  1.00 45.03 ? 44  THR A CG2 1 
ATOM   331 N  N   . PRO A 1 45  ? -9.453  4.748   11.014  1.00 48.32 ? 45  PRO A N   1 
ATOM   332 C  CA  . PRO A 1 45  ? -10.589 4.190   10.279  1.00 51.17 ? 45  PRO A CA  1 
ATOM   333 C  C   . PRO A 1 45  ? -11.900 4.452   10.995  1.00 53.28 ? 45  PRO A C   1 
ATOM   334 O  O   . PRO A 1 45  ? -11.919 4.627   12.214  1.00 54.53 ? 45  PRO A O   1 
ATOM   335 C  CB  . PRO A 1 45  ? -10.278 2.690   10.240  1.00 50.18 ? 45  PRO A CB  1 
ATOM   336 C  CG  . PRO A 1 45  ? -8.801  2.633   10.410  1.00 49.22 ? 45  PRO A CG  1 
ATOM   337 C  CD  . PRO A 1 45  ? -8.520  3.695   11.430  1.00 48.38 ? 45  PRO A CD  1 
ATOM   338 N  N   . PRO A 1 46  ? -13.010 4.508   10.250  1.00 54.39 ? 46  PRO A N   1 
ATOM   339 C  CA  . PRO A 1 46  ? -14.291 4.758   10.912  1.00 55.11 ? 46  PRO A CA  1 
ATOM   340 C  C   . PRO A 1 46  ? -14.620 3.660   11.941  1.00 55.75 ? 46  PRO A C   1 
ATOM   341 O  O   . PRO A 1 46  ? -15.270 3.932   12.956  1.00 56.60 ? 46  PRO A O   1 
ATOM   342 C  CB  . PRO A 1 46  ? -15.275 4.799   9.746   1.00 54.41 ? 46  PRO A CB  1 
ATOM   343 C  CG  . PRO A 1 46  ? -14.456 5.445   8.673   1.00 54.60 ? 46  PRO A CG  1 
ATOM   344 C  CD  . PRO A 1 46  ? -13.137 4.694   8.790   1.00 54.50 ? 46  PRO A CD  1 
ATOM   345 N  N   . LYS A 1 47  ? -14.168 2.434   11.692  1.00 54.97 ? 47  LYS A N   1 
ATOM   346 C  CA  . LYS A 1 47  ? -14.429 1.348   12.627  1.00 55.84 ? 47  LYS A CA  1 
ATOM   347 C  C   . LYS A 1 47  ? -13.498 1.350   13.841  1.00 57.13 ? 47  LYS A C   1 
ATOM   348 O  O   . LYS A 1 47  ? -13.443 0.367   14.576  1.00 56.67 ? 47  LYS A O   1 
ATOM   349 C  CB  . LYS A 1 47  ? -14.346 -0.011  11.929  1.00 56.04 ? 47  LYS A CB  1 
ATOM   350 C  CG  . LYS A 1 47  ? -15.624 -0.434  11.215  1.00 56.35 ? 47  LYS A CG  1 
ATOM   351 C  CD  . LYS A 1 47  ? -15.459 -1.794  10.544  1.00 55.97 ? 47  LYS A CD  1 
ATOM   352 C  CE  . LYS A 1 47  ? -16.642 -2.128  9.640   1.00 56.63 ? 47  LYS A CE  1 
ATOM   353 N  NZ  . LYS A 1 47  ? -16.465 -3.441  8.941   1.00 55.92 ? 47  LYS A NZ  1 
ATOM   354 N  N   . LEU A 1 48  ? -12.769 2.443   14.050  1.00 58.22 ? 48  LEU A N   1 
ATOM   355 C  CA  . LEU A 1 48  ? -11.866 2.543   15.199  1.00 60.07 ? 48  LEU A CA  1 
ATOM   356 C  C   . LEU A 1 48  ? -11.888 3.942   15.805  1.00 61.37 ? 48  LEU A C   1 
ATOM   357 O  O   . LEU A 1 48  ? -11.002 4.300   16.583  1.00 60.89 ? 48  LEU A O   1 
ATOM   358 C  CB  . LEU A 1 48  ? -10.422 2.189   14.810  1.00 58.61 ? 48  LEU A CB  1 
ATOM   359 C  CG  . LEU A 1 48  ? -10.101 0.783   14.300  1.00 58.26 ? 48  LEU A CG  1 
ATOM   360 C  CD1 . LEU A 1 48  ? -8.596  0.649   14.100  1.00 57.58 ? 48  LEU A CD1 1 
ATOM   361 C  CD2 . LEU A 1 48  ? -10.589 -0.257  15.285  1.00 57.78 ? 48  LEU A CD2 1 
ATOM   362 N  N   . GLU A 1 49  ? -12.891 4.734   15.438  1.00 63.00 ? 49  GLU A N   1 
ATOM   363 C  CA  . GLU A 1 49  ? -13.017 6.090   15.971  1.00 65.15 ? 49  GLU A CA  1 
ATOM   364 C  C   . GLU A 1 49  ? -13.141 6.028   17.493  1.00 65.58 ? 49  GLU A C   1 
ATOM   365 O  O   . GLU A 1 49  ? -12.627 6.893   18.214  1.00 65.02 ? 49  GLU A O   1 
ATOM   366 C  CB  . GLU A 1 49  ? -14.239 6.788   15.360  1.00 66.25 ? 49  GLU A CB  1 
ATOM   367 C  CG  . GLU A 1 49  ? -13.881 7.803   14.270  1.00 69.07 ? 49  GLU A CG  1 
ATOM   368 C  CD  . GLU A 1 49  ? -15.085 8.268   13.460  1.00 70.22 ? 49  GLU A CD  1 
ATOM   369 O  OE1 . GLU A 1 49  ? -14.921 9.193   12.630  1.00 69.25 ? 49  GLU A OE1 1 
ATOM   370 O  OE2 . GLU A 1 49  ? -16.188 7.704   13.646  1.00 71.91 ? 49  GLU A OE2 1 
ATOM   371 N  N   . ASP A 1 50  ? -13.819 4.986   17.968  1.00 65.87 ? 50  ASP A N   1 
ATOM   372 C  CA  . ASP A 1 50  ? -14.019 4.765   19.395  1.00 66.10 ? 50  ASP A CA  1 
ATOM   373 C  C   . ASP A 1 50  ? -12.704 4.410   20.064  1.00 65.75 ? 50  ASP A C   1 
ATOM   374 O  O   . ASP A 1 50  ? -12.095 5.240   20.745  1.00 65.74 ? 50  ASP A O   1 
ATOM   375 C  CB  . ASP A 1 50  ? -15.014 3.626   19.625  1.00 66.87 ? 50  ASP A CB  1 
ATOM   376 C  CG  . ASP A 1 50  ? -16.450 4.047   19.392  1.00 68.65 ? 50  ASP A CG  1 
ATOM   377 O  OD1 . ASP A 1 50  ? -17.332 3.162   19.427  1.00 68.77 ? 50  ASP A OD1 1 
ATOM   378 O  OD2 . ASP A 1 50  ? -16.701 5.260   19.182  1.00 68.37 ? 50  ASP A OD2 1 
ATOM   379 N  N   . LYS A 1 51  ? -12.281 3.164   19.860  1.00 64.76 ? 51  LYS A N   1 
ATOM   380 C  CA  . LYS A 1 51  ? -11.042 2.656   20.427  1.00 64.06 ? 51  LYS A CA  1 
ATOM   381 C  C   . LYS A 1 51  ? -10.026 3.768   20.638  1.00 63.69 ? 51  LYS A C   1 
ATOM   382 O  O   . LYS A 1 51  ? -9.807  4.606   19.763  1.00 62.07 ? 51  LYS A O   1 
ATOM   383 C  CB  . LYS A 1 51  ? -10.459 1.564   19.526  1.00 63.75 ? 51  LYS A CB  1 
ATOM   384 C  CG  . LYS A 1 51  ? -11.314 0.298   19.459  1.00 64.27 ? 51  LYS A CG  1 
ATOM   385 C  CD  . LYS A 1 51  ? -11.567 -0.261  20.855  1.00 64.83 ? 51  LYS A CD  1 
ATOM   386 C  CE  . LYS A 1 51  ? -12.302 -1.593  20.823  1.00 65.16 ? 51  LYS A CE  1 
ATOM   387 N  NZ  . LYS A 1 51  ? -12.506 -2.132  22.206  1.00 63.98 ? 51  LYS A NZ  1 
ATOM   388 N  N   . SER A 1 52  ? -9.425  3.772   21.821  1.00 64.26 ? 52  SER A N   1 
ATOM   389 C  CA  . SER A 1 52  ? -8.435  4.777   22.178  1.00 65.02 ? 52  SER A CA  1 
ATOM   390 C  C   . SER A 1 52  ? -7.315  4.830   21.141  1.00 65.55 ? 52  SER A C   1 
ATOM   391 O  O   . SER A 1 52  ? -7.061  3.850   20.436  1.00 66.44 ? 52  SER A O   1 
ATOM   392 C  CB  . SER A 1 52  ? -7.859  4.462   23.562  1.00 64.71 ? 52  SER A CB  1 
ATOM   393 O  OG  . SER A 1 52  ? -7.243  3.184   23.585  1.00 64.24 ? 52  SER A OG  1 
ATOM   394 N  N   . PRO A 1 53  ? -6.632  5.981   21.028  1.00 64.78 ? 53  PRO A N   1 
ATOM   395 C  CA  . PRO A 1 53  ? -5.538  6.141   20.068  1.00 64.35 ? 53  PRO A CA  1 
ATOM   396 C  C   . PRO A 1 53  ? -4.424  5.111   20.243  1.00 63.73 ? 53  PRO A C   1 
ATOM   397 O  O   . PRO A 1 53  ? -3.826  4.653   19.267  1.00 63.75 ? 53  PRO A O   1 
ATOM   398 C  CB  . PRO A 1 53  ? -5.060  7.565   20.336  1.00 64.34 ? 53  PRO A CB  1 
ATOM   399 C  CG  . PRO A 1 53  ? -6.322  8.259   20.729  1.00 63.84 ? 53  PRO A CG  1 
ATOM   400 C  CD  . PRO A 1 53  ? -6.940  7.263   21.682  1.00 64.80 ? 53  PRO A CD  1 
ATOM   401 N  N   . ASP A 1 54  ? -4.150  4.745   21.490  1.00 62.88 ? 54  ASP A N   1 
ATOM   402 C  CA  . ASP A 1 54  ? -3.103  3.772   21.787  1.00 61.60 ? 54  ASP A CA  1 
ATOM   403 C  C   . ASP A 1 54  ? -3.664  2.355   21.806  1.00 59.95 ? 54  ASP A C   1 
ATOM   404 O  O   . ASP A 1 54  ? -3.027  1.423   22.296  1.00 59.92 ? 54  ASP A O   1 
ATOM   405 C  CB  . ASP A 1 54  ? -2.467  4.107   23.135  1.00 63.05 ? 54  ASP A CB  1 
ATOM   406 C  CG  . ASP A 1 54  ? -0.955  4.143   23.071  1.00 64.76 ? 54  ASP A CG  1 
ATOM   407 O  OD1 . ASP A 1 54  ? -0.345  4.997   23.754  1.00 64.91 ? 54  ASP A OD1 1 
ATOM   408 O  OD2 . ASP A 1 54  ? -0.375  3.310   22.344  1.00 64.26 ? 54  ASP A OD2 1 
ATOM   409 N  N   . SER A 1 55  ? -4.864  2.198   21.261  1.00 57.85 ? 55  SER A N   1 
ATOM   410 C  CA  . SER A 1 55  ? -5.519  0.900   21.218  1.00 56.21 ? 55  SER A CA  1 
ATOM   411 C  C   . SER A 1 55  ? -4.733  -0.150  20.452  1.00 54.33 ? 55  SER A C   1 
ATOM   412 O  O   . SER A 1 55  ? -4.102  0.146   19.444  1.00 54.69 ? 55  SER A O   1 
ATOM   413 C  CB  . SER A 1 55  ? -6.901  1.027   20.582  1.00 56.28 ? 55  SER A CB  1 
ATOM   414 O  OG  . SER A 1 55  ? -7.406  -0.252  20.251  1.00 54.85 ? 55  SER A OG  1 
ATOM   415 N  N   . PRO A 1 56  ? -4.762  -1.399  20.931  1.00 52.97 ? 56  PRO A N   1 
ATOM   416 C  CA  . PRO A 1 56  ? -4.057  -2.508  20.282  1.00 51.44 ? 56  PRO A CA  1 
ATOM   417 C  C   . PRO A 1 56  ? -4.530  -2.690  18.838  1.00 50.15 ? 56  PRO A C   1 
ATOM   418 O  O   . PRO A 1 56  ? -3.778  -3.168  17.983  1.00 49.28 ? 56  PRO A O   1 
ATOM   419 C  CB  . PRO A 1 56  ? -4.406  -3.697  21.170  1.00 51.82 ? 56  PRO A CB  1 
ATOM   420 C  CG  . PRO A 1 56  ? -4.464  -3.057  22.535  1.00 52.54 ? 56  PRO A CG  1 
ATOM   421 C  CD  . PRO A 1 56  ? -5.259  -1.798  22.261  1.00 52.99 ? 56  PRO A CD  1 
ATOM   422 N  N   . GLU A 1 57  ? -5.781  -2.313  18.574  1.00 48.07 ? 57  GLU A N   1 
ATOM   423 C  CA  . GLU A 1 57  ? -6.325  -2.410  17.223  1.00 47.30 ? 57  GLU A CA  1 
ATOM   424 C  C   . GLU A 1 57  ? -5.640  -1.360  16.362  1.00 46.57 ? 57  GLU A C   1 
ATOM   425 O  O   . GLU A 1 57  ? -5.218  -1.644  15.242  1.00 46.44 ? 57  GLU A O   1 
ATOM   426 C  CB  . GLU A 1 57  ? -7.840  -2.164  17.205  1.00 47.46 ? 57  GLU A CB  1 
ATOM   427 C  CG  . GLU A 1 57  ? -8.701  -3.335  17.664  1.00 46.12 ? 57  GLU A CG  1 
ATOM   428 C  CD  . GLU A 1 57  ? -8.805  -3.447  19.177  1.00 47.57 ? 57  GLU A CD  1 
ATOM   429 O  OE1 . GLU A 1 57  ? -9.519  -4.359  19.651  1.00 47.46 ? 57  GLU A OE1 1 
ATOM   430 O  OE2 . GLU A 1 57  ? -8.181  -2.628  19.890  1.00 44.56 ? 57  GLU A OE2 1 
ATOM   431 N  N   . MET A 1 58  ? -5.534  -0.148  16.901  1.00 46.51 ? 58  MET A N   1 
ATOM   432 C  CA  . MET A 1 58  ? -4.892  0.958   16.197  1.00 46.15 ? 58  MET A CA  1 
ATOM   433 C  C   . MET A 1 58  ? -3.460  0.648   15.832  1.00 46.21 ? 58  MET A C   1 
ATOM   434 O  O   . MET A 1 58  ? -3.054  0.865   14.693  1.00 47.11 ? 58  MET A O   1 
ATOM   435 C  CB  . MET A 1 58  ? -4.923  2.235   17.031  1.00 43.82 ? 58  MET A CB  1 
ATOM   436 C  CG  . MET A 1 58  ? -6.239  2.943   16.956  1.00 44.72 ? 58  MET A CG  1 
ATOM   437 S  SD  . MET A 1 58  ? -6.758  3.067   15.240  1.00 45.20 ? 58  MET A SD  1 
ATOM   438 C  CE  . MET A 1 58  ? -5.891  4.573   14.750  1.00 47.51 ? 58  MET A CE  1 
ATOM   439 N  N   . TRP A 1 59  ? -2.687  0.151   16.792  1.00 46.24 ? 59  TRP A N   1 
ATOM   440 C  CA  . TRP A 1 59  ? -1.305  -0.183  16.505  1.00 46.60 ? 59  TRP A CA  1 
ATOM   441 C  C   . TRP A 1 59  ? -1.224  -1.243  15.408  1.00 44.51 ? 59  TRP A C   1 
ATOM   442 O  O   . TRP A 1 59  ? -0.309  -1.211  14.592  1.00 44.70 ? 59  TRP A O   1 
ATOM   443 C  CB  . TRP A 1 59  ? -0.573  -0.645  17.767  1.00 50.44 ? 59  TRP A CB  1 
ATOM   444 C  CG  . TRP A 1 59  ? -0.223  0.490   18.672  1.00 56.12 ? 59  TRP A CG  1 
ATOM   445 C  CD1 . TRP A 1 59  ? -1.073  1.164   19.505  1.00 57.72 ? 59  TRP A CD1 1 
ATOM   446 C  CD2 . TRP A 1 59  ? 1.059   1.126   18.807  1.00 59.57 ? 59  TRP A CD2 1 
ATOM   447 N  NE1 . TRP A 1 59  ? -0.404  2.179   20.147  1.00 59.43 ? 59  TRP A NE1 1 
ATOM   448 C  CE2 . TRP A 1 59  ? 0.905   2.178   19.738  1.00 60.67 ? 59  TRP A CE2 1 
ATOM   449 C  CE3 . TRP A 1 59  ? 2.321   0.909   18.230  1.00 60.61 ? 59  TRP A CE3 1 
ATOM   450 C  CZ2 . TRP A 1 59  ? 1.969   3.015   20.108  1.00 61.20 ? 59  TRP A CZ2 1 
ATOM   451 C  CZ3 . TRP A 1 59  ? 3.380   1.743   18.599  1.00 60.65 ? 59  TRP A CZ3 1 
ATOM   452 C  CH2 . TRP A 1 59  ? 3.194   2.782   19.529  1.00 60.95 ? 59  TRP A CH2 1 
ATOM   453 N  N   . ASP A 1 60  ? -2.175  -2.174  15.372  1.00 42.09 ? 60  ASP A N   1 
ATOM   454 C  CA  . ASP A 1 60  ? -2.163  -3.183  14.317  1.00 39.83 ? 60  ASP A CA  1 
ATOM   455 C  C   . ASP A 1 60  ? -2.545  -2.510  13.002  1.00 37.24 ? 60  ASP A C   1 
ATOM   456 O  O   . ASP A 1 60  ? -2.050  -2.881  11.932  1.00 35.66 ? 60  ASP A O   1 
ATOM   457 C  CB  . ASP A 1 60  ? -3.144  -4.315  14.617  1.00 41.55 ? 60  ASP A CB  1 
ATOM   458 C  CG  . ASP A 1 60  ? -3.058  -5.447  13.599  1.00 45.09 ? 60  ASP A CG  1 
ATOM   459 O  OD1 . ASP A 1 60  ? -1.949  -5.694  13.070  1.00 48.26 ? 60  ASP A OD1 1 
ATOM   460 O  OD2 . ASP A 1 60  ? -4.092  -6.102  13.334  1.00 46.30 ? 60  ASP A OD2 1 
ATOM   461 N  N   . PHE A 1 61  ? -3.420  -1.513  13.088  1.00 33.45 ? 61  PHE A N   1 
ATOM   462 C  CA  . PHE A 1 61  ? -3.860  -0.784  11.906  1.00 30.68 ? 61  PHE A CA  1 
ATOM   463 C  C   . PHE A 1 61  ? -2.690  -0.049  11.274  1.00 27.46 ? 61  PHE A C   1 
ATOM   464 O  O   . PHE A 1 61  ? -2.505  -0.098  10.054  1.00 24.60 ? 61  PHE A O   1 
ATOM   465 C  CB  . PHE A 1 61  ? -4.948  0.234   12.255  1.00 30.20 ? 61  PHE A CB  1 
ATOM   466 C  CG  . PHE A 1 61  ? -5.195  1.248   11.166  1.00 28.24 ? 61  PHE A CG  1 
ATOM   467 C  CD1 . PHE A 1 61  ? -5.973  0.929   10.061  1.00 26.64 ? 61  PHE A CD1 1 
ATOM   468 C  CD2 . PHE A 1 61  ? -4.626  2.517   11.243  1.00 27.22 ? 61  PHE A CD2 1 
ATOM   469 C  CE1 . PHE A 1 61  ? -6.185  1.867   9.051   1.00 29.06 ? 61  PHE A CE1 1 
ATOM   470 C  CE2 . PHE A 1 61  ? -4.828  3.461   10.242  1.00 26.67 ? 61  PHE A CE2 1 
ATOM   471 C  CZ  . PHE A 1 61  ? -5.609  3.139   9.146   1.00 27.83 ? 61  PHE A CZ  1 
ATOM   472 N  N   . ARG A 1 62  ? -1.914  0.636   12.108  1.00 24.85 ? 62  ARG A N   1 
ATOM   473 C  CA  . ARG A 1 62  ? -0.757  1.383   11.638  1.00 24.90 ? 62  ARG A CA  1 
ATOM   474 C  C   . ARG A 1 62  ? 0.385   0.459   11.224  1.00 26.02 ? 62  ARG A C   1 
ATOM   475 O  O   . ARG A 1 62  ? 1.113   0.734   10.259  1.00 27.80 ? 62  ARG A O   1 
ATOM   476 C  CB  . ARG A 1 62  ? -0.273  2.353   12.719  1.00 24.01 ? 62  ARG A CB  1 
ATOM   477 C  CG  . ARG A 1 62  ? -1.283  3.456   13.049  1.00 29.94 ? 62  ARG A CG  1 
ATOM   478 C  CD  . ARG A 1 62  ? -0.674  4.604   13.852  1.00 30.21 ? 62  ARG A CD  1 
ATOM   479 N  NE  . ARG A 1 62  ? -0.175  4.160   15.154  1.00 35.38 ? 62  ARG A NE  1 
ATOM   480 C  CZ  . ARG A 1 62  ? -0.950  3.719   16.141  1.00 38.91 ? 62  ARG A CZ  1 
ATOM   481 N  NH1 . ARG A 1 62  ? -2.270  3.666   15.985  1.00 40.15 ? 62  ARG A NH1 1 
ATOM   482 N  NH2 . ARG A 1 62  ? -0.400  3.311   17.279  1.00 38.31 ? 62  ARG A NH2 1 
ATOM   483 N  N   . HIS A 1 63  ? 0.539   -0.646  11.942  1.00 23.96 ? 63  HIS A N   1 
ATOM   484 C  CA  . HIS A 1 63  ? 1.607   -1.585  11.644  1.00 22.88 ? 63  HIS A CA  1 
ATOM   485 C  C   . HIS A 1 63  ? 1.369   -2.202  10.269  1.00 21.69 ? 63  HIS A C   1 
ATOM   486 O  O   . HIS A 1 63  ? 2.321   -2.549  9.562   1.00 19.88 ? 63  HIS A O   1 
ATOM   487 C  CB  . HIS A 1 63  ? 1.684   -2.668  12.737  1.00 22.81 ? 63  HIS A CB  1 
ATOM   488 C  CG  . HIS A 1 63  ? 2.794   -3.658  12.544  1.00 23.25 ? 63  HIS A CG  1 
ATOM   489 N  ND1 . HIS A 1 63  ? 2.593   -4.900  11.980  1.00 20.09 ? 63  HIS A ND1 1 
ATOM   490 C  CD2 . HIS A 1 63  ? 4.118   -3.582  12.825  1.00 23.53 ? 63  HIS A CD2 1 
ATOM   491 C  CE1 . HIS A 1 63  ? 3.742   -5.547  11.918  1.00 22.82 ? 63  HIS A CE1 1 
ATOM   492 N  NE2 . HIS A 1 63  ? 4.684   -4.768  12.423  1.00 23.73 ? 63  HIS A NE2 1 
ATOM   493 N  N   . GLY A 1 64  ? 0.092   -2.320  9.896   1.00 21.56 ? 64  GLY A N   1 
ATOM   494 C  CA  . GLY A 1 64  ? -0.263  -2.895  8.607   1.00 20.84 ? 64  GLY A CA  1 
ATOM   495 C  C   . GLY A 1 64  ? 0.441   -2.163  7.475   1.00 21.25 ? 64  GLY A C   1 
ATOM   496 O  O   . GLY A 1 64  ? 0.909   -2.765  6.508   1.00 19.75 ? 64  GLY A O   1 
ATOM   497 N  N   . PHE A 1 65  ? 0.530   -0.845  7.618   1.00 19.87 ? 65  PHE A N   1 
ATOM   498 C  CA  . PHE A 1 65  ? 1.183   -0.015  6.628   1.00 19.31 ? 65  PHE A CA  1 
ATOM   499 C  C   . PHE A 1 65  ? 2.714   -0.175  6.601   1.00 17.90 ? 65  PHE A C   1 
ATOM   500 O  O   . PHE A 1 65  ? 3.322   -0.035  5.536   1.00 17.87 ? 65  PHE A O   1 
ATOM   501 C  CB  . PHE A 1 65  ? 0.768   1.451   6.838   1.00 17.16 ? 65  PHE A CB  1 
ATOM   502 C  CG  . PHE A 1 65  ? -0.678  1.722   6.506   1.00 17.33 ? 65  PHE A CG  1 
ATOM   503 C  CD1 . PHE A 1 65  ? -1.569  2.157   7.483   1.00 19.16 ? 65  PHE A CD1 1 
ATOM   504 C  CD2 . PHE A 1 65  ? -1.146  1.582   5.192   1.00 18.89 ? 65  PHE A CD2 1 
ATOM   505 C  CE1 . PHE A 1 65  ? -2.903  2.459   7.168   1.00 18.07 ? 65  PHE A CE1 1 
ATOM   506 C  CE2 . PHE A 1 65  ? -2.477  1.879   4.860   1.00 19.82 ? 65  PHE A CE2 1 
ATOM   507 C  CZ  . PHE A 1 65  ? -3.357  2.322   5.855   1.00 20.84 ? 65  PHE A CZ  1 
ATOM   508 N  N   . ASP A 1 66  ? 3.348   -0.464  7.740   1.00 16.86 ? 66  ASP A N   1 
ATOM   509 C  CA  . ASP A 1 66  ? 4.808   -0.644  7.706   1.00 19.04 ? 66  ASP A CA  1 
ATOM   510 C  C   . ASP A 1 66  ? 5.159   -1.861  6.854   1.00 17.49 ? 66  ASP A C   1 
ATOM   511 O  O   . ASP A 1 66  ? 6.231   -1.920  6.251   1.00 17.82 ? 66  ASP A O   1 
ATOM   512 C  CB  . ASP A 1 66  ? 5.400   -0.838  9.100   1.00 22.43 ? 66  ASP A CB  1 
ATOM   513 C  CG  . ASP A 1 66  ? 5.143   0.331   10.008  1.00 26.44 ? 66  ASP A CG  1 
ATOM   514 O  OD1 . ASP A 1 66  ? 5.433   1.483   9.601   1.00 29.04 ? 66  ASP A OD1 1 
ATOM   515 O  OD2 . ASP A 1 66  ? 4.655   0.090   11.134  1.00 26.79 ? 66  ASP A OD2 1 
ATOM   516 N  N   . ILE A 1 67  ? 4.250   -2.831  6.819   1.00 15.54 ? 67  ILE A N   1 
ATOM   517 C  CA  . ILE A 1 67  ? 4.441   -4.041  6.026   1.00 15.28 ? 67  ILE A CA  1 
ATOM   518 C  C   . ILE A 1 67  ? 4.217   -3.726  4.544   1.00 14.54 ? 67  ILE A C   1 
ATOM   519 O  O   . ILE A 1 67  ? 4.923   -4.235  3.661   1.00 15.46 ? 67  ILE A O   1 
ATOM   520 C  CB  . ILE A 1 67  ? 3.447   -5.151  6.464   1.00 14.17 ? 67  ILE A CB  1 
ATOM   521 C  CG1 . ILE A 1 67  ? 3.774   -5.580  7.895   1.00 15.34 ? 67  ILE A CG1 1 
ATOM   522 C  CG2 . ILE A 1 67  ? 3.539   -6.352  5.532   1.00 11.50 ? 67  ILE A CG2 1 
ATOM   523 C  CD1 . ILE A 1 67  ? 2.722   -6.456  8.543   1.00 16.14 ? 67  ILE A CD1 1 
ATOM   524 N  N   . LEU A 1 68  ? 3.234   -2.881  4.275   1.00 12.66 ? 68  LEU A N   1 
ATOM   525 C  CA  . LEU A 1 68  ? 2.937   -2.514  2.904   1.00 13.30 ? 68  LEU A CA  1 
ATOM   526 C  C   . LEU A 1 68  ? 4.106   -1.702  2.343   1.00 12.99 ? 68  LEU A C   1 
ATOM   527 O  O   . LEU A 1 68  ? 4.546   -1.917  1.209   1.00 11.61 ? 68  LEU A O   1 
ATOM   528 C  CB  . LEU A 1 68  ? 1.654   -1.688  2.837   1.00 10.53 ? 68  LEU A CB  1 
ATOM   529 C  CG  . LEU A 1 68  ? 1.141   -1.590  1.402   1.00 11.60 ? 68  LEU A CG  1 
ATOM   530 C  CD1 . LEU A 1 68  ? 0.441   -2.883  1.056   1.00 12.42 ? 68  LEU A CD1 1 
ATOM   531 C  CD2 . LEU A 1 68  ? 0.182   -0.409  1.249   1.00 13.44 ? 68  LEU A CD2 1 
ATOM   532 N  N   . VAL A 1 69  ? 4.623   -0.777  3.146   1.00 14.47 ? 69  VAL A N   1 
ATOM   533 C  CA  . VAL A 1 69  ? 5.726   0.056   2.686   1.00 17.55 ? 69  VAL A CA  1 
ATOM   534 C  C   . VAL A 1 69  ? 6.993   -0.762  2.450   1.00 19.30 ? 69  VAL A C   1 
ATOM   535 O  O   . VAL A 1 69  ? 7.753   -0.509  1.491   1.00 19.91 ? 69  VAL A O   1 
ATOM   536 C  CB  . VAL A 1 69  ? 6.011   1.193   3.685   1.00 18.92 ? 69  VAL A CB  1 
ATOM   537 C  CG1 . VAL A 1 69  ? 7.399   1.787   3.435   1.00 19.27 ? 69  VAL A CG1 1 
ATOM   538 C  CG2 . VAL A 1 69  ? 4.969   2.277   3.526   1.00 17.92 ? 69  VAL A CG2 1 
ATOM   539 N  N   . CYS A 1 70  ? 7.224   -1.745  3.317   1.00 19.83 ? 70  CYS A N   1 
ATOM   540 C  CA  . CYS A 1 70  ? 8.396   -2.598  3.173   1.00 20.28 ? 70  CYS A CA  1 
ATOM   541 C  C   . CYS A 1 70  ? 8.208   -3.353  1.876   1.00 20.34 ? 70  CYS A C   1 
ATOM   542 O  O   . CYS A 1 70  ? 9.108   -3.423  1.040   1.00 24.14 ? 70  CYS A O   1 
ATOM   543 C  CB  . CYS A 1 70  ? 8.509   -3.579  4.351   1.00 18.84 ? 70  CYS A CB  1 
ATOM   544 S  SG  . CYS A 1 70  ? 9.502   -5.056  3.993   1.00 22.82 ? 70  CYS A SG  1 
ATOM   545 N  N   . GLN A 1 71  ? 7.019   -3.902  1.687   1.00 21.01 ? 71  GLN A N   1 
ATOM   546 C  CA  . GLN A 1 71  ? 6.747   -4.642  0.466   1.00 21.68 ? 71  GLN A CA  1 
ATOM   547 C  C   . GLN A 1 71  ? 6.937   -3.760  -0.765  1.00 21.56 ? 71  GLN A C   1 
ATOM   548 O  O   . GLN A 1 71  ? 7.573   -4.169  -1.741  1.00 21.05 ? 71  GLN A O   1 
ATOM   549 C  CB  . GLN A 1 71  ? 5.332   -5.206  0.496   1.00 19.66 ? 71  GLN A CB  1 
ATOM   550 C  CG  . GLN A 1 71  ? 5.213   -6.458  1.331   1.00 25.71 ? 71  GLN A CG  1 
ATOM   551 C  CD  . GLN A 1 71  ? 3.875   -7.128  1.160   1.00 26.70 ? 71  GLN A CD  1 
ATOM   552 O  OE1 . GLN A 1 71  ? 2.867   -6.654  1.679   1.00 29.17 ? 71  GLN A OE1 1 
ATOM   553 N  NE2 . GLN A 1 71  ? 3.849   -8.229  0.409   1.00 30.72 ? 71  GLN A NE2 1 
ATOM   554 N  N   . ILE A 1 72  ? 6.385   -2.550  -0.701  1.00 17.46 ? 72  ILE A N   1 
ATOM   555 C  CA  . ILE A 1 72  ? 6.479   -1.602  -1.800  1.00 15.26 ? 72  ILE A CA  1 
ATOM   556 C  C   . ILE A 1 72  ? 7.932   -1.302  -2.142  1.00 15.10 ? 72  ILE A C   1 
ATOM   557 O  O   . ILE A 1 72  ? 8.295   -1.282  -3.320  1.00 11.65 ? 72  ILE A O   1 
ATOM   558 C  CB  . ILE A 1 72  ? 5.742   -0.280  -1.458  1.00 15.22 ? 72  ILE A CB  1 
ATOM   559 C  CG1 . ILE A 1 72  ? 4.230   -0.514  -1.530  1.00 11.40 ? 72  ILE A CG1 1 
ATOM   560 C  CG2 . ILE A 1 72  ? 6.184   0.849   -2.392  1.00 13.35 ? 72  ILE A CG2 1 
ATOM   561 C  CD1 . ILE A 1 72  ? 3.388   0.698   -1.117  1.00 6.88  ? 72  ILE A CD1 1 
ATOM   562 N  N   . ASP A 1 73  ? 8.765   -1.068  -1.125  1.00 15.93 ? 73  ASP A N   1 
ATOM   563 C  CA  . ASP A 1 73  ? 10.185  -0.797  -1.373  1.00 18.70 ? 73  ASP A CA  1 
ATOM   564 C  C   . ASP A 1 73  ? 10.892  -1.976  -2.054  1.00 19.10 ? 73  ASP A C   1 
ATOM   565 O  O   . ASP A 1 73  ? 11.814  -1.783  -2.843  1.00 18.10 ? 73  ASP A O   1 
ATOM   566 C  CB  . ASP A 1 73  ? 10.927  -0.446  -0.076  1.00 18.99 ? 73  ASP A CB  1 
ATOM   567 C  CG  . ASP A 1 73  ? 10.641  0.966   0.394   1.00 21.40 ? 73  ASP A CG  1 
ATOM   568 O  OD1 . ASP A 1 73  ? 10.231  1.795   -0.456  1.00 18.83 ? 73  ASP A OD1 1 
ATOM   569 O  OD2 . ASP A 1 73  ? 10.842  1.249   1.601   1.00 18.06 ? 73  ASP A OD2 1 
ATOM   570 N  N   . ASP A 1 74  ? 10.479  -3.196  -1.744  1.00 19.74 ? 74  ASP A N   1 
ATOM   571 C  CA  . ASP A 1 74  ? 11.098  -4.342  -2.397  1.00 21.30 ? 74  ASP A CA  1 
ATOM   572 C  C   . ASP A 1 74  ? 10.711  -4.311  -3.889  1.00 22.13 ? 74  ASP A C   1 
ATOM   573 O  O   . ASP A 1 74  ? 11.528  -4.602  -4.776  1.00 21.78 ? 74  ASP A O   1 
ATOM   574 C  CB  . ASP A 1 74  ? 10.634  -5.637  -1.730  1.00 22.07 ? 74  ASP A CB  1 
ATOM   575 C  CG  . ASP A 1 74  ? 11.251  -5.833  -0.346  1.00 28.24 ? 74  ASP A CG  1 
ATOM   576 O  OD1 . ASP A 1 74  ? 10.807  -6.737  0.398   1.00 30.69 ? 74  ASP A OD1 1 
ATOM   577 O  OD2 . ASP A 1 74  ? 12.193  -5.084  0.003   1.00 31.74 ? 74  ASP A OD2 1 
ATOM   578 N  N   . ALA A 1 75  ? 9.471   -3.925  -4.170  1.00 20.00 ? 75  ALA A N   1 
ATOM   579 C  CA  . ALA A 1 75  ? 9.035   -3.858  -5.556  1.00 20.85 ? 75  ALA A CA  1 
ATOM   580 C  C   . ALA A 1 75  ? 9.844   -2.799  -6.302  1.00 21.04 ? 75  ALA A C   1 
ATOM   581 O  O   . ALA A 1 75  ? 10.210  -3.006  -7.458  1.00 21.62 ? 75  ALA A O   1 
ATOM   582 C  CB  . ALA A 1 75  ? 7.559   -3.542  -5.629  1.00 17.43 ? 75  ALA A CB  1 
ATOM   583 N  N   . LEU A 1 76  ? 10.130  -1.678  -5.637  1.00 20.76 ? 76  LEU A N   1 
ATOM   584 C  CA  . LEU A 1 76  ? 10.921  -0.602  -6.246  1.00 22.97 ? 76  LEU A CA  1 
ATOM   585 C  C   . LEU A 1 76  ? 12.341  -1.065  -6.526  1.00 23.14 ? 76  LEU A C   1 
ATOM   586 O  O   . LEU A 1 76  ? 12.935  -0.705  -7.551  1.00 23.34 ? 76  LEU A O   1 
ATOM   587 C  CB  . LEU A 1 76  ? 10.984  0.633   -5.342  1.00 22.17 ? 76  LEU A CB  1 
ATOM   588 C  CG  . LEU A 1 76  ? 9.815   1.613   -5.378  1.00 25.00 ? 76  LEU A CG  1 
ATOM   589 C  CD1 . LEU A 1 76  ? 9.621   2.167   -6.795  1.00 21.29 ? 76  LEU A CD1 1 
ATOM   590 C  CD2 . LEU A 1 76  ? 8.566   0.899   -4.915  1.00 27.36 ? 76  LEU A CD2 1 
ATOM   591 N  N   . LYS A 1 77  ? 12.895  -1.842  -5.599  1.00 23.53 ? 77  LYS A N   1 
ATOM   592 C  CA  . LYS A 1 77  ? 14.233  -2.373  -5.767  1.00 23.23 ? 77  LYS A CA  1 
ATOM   593 C  C   . LYS A 1 77  ? 14.248  -3.184  -7.060  1.00 23.66 ? 77  LYS A C   1 
ATOM   594 O  O   . LYS A 1 77  ? 15.140  -3.023  -7.888  1.00 24.23 ? 77  LYS A O   1 
ATOM   595 C  CB  . LYS A 1 77  ? 14.592  -3.247  -4.583  1.00 24.39 ? 77  LYS A CB  1 
ATOM   596 C  CG  . LYS A 1 77  ? 15.865  -4.068  -4.761  1.00 31.75 ? 77  LYS A CG  1 
ATOM   597 C  CD  . LYS A 1 77  ? 16.142  -4.967  -3.536  1.00 31.07 ? 77  LYS A CD  1 
ATOM   598 C  CE  . LYS A 1 77  ? 14.870  -5.698  -3.050  1.00 35.81 ? 77  LYS A CE  1 
ATOM   599 N  NZ  . LYS A 1 77  ? 14.019  -6.291  -4.138  1.00 33.33 ? 77  LYS A NZ  1 
ATOM   600 N  N   . LEU A 1 78  ? 13.235  -4.028  -7.239  1.00 24.46 ? 78  LEU A N   1 
ATOM   601 C  CA  . LEU A 1 78  ? 13.129  -4.854  -8.439  1.00 25.83 ? 78  LEU A CA  1 
ATOM   602 C  C   . LEU A 1 78  ? 12.913  -3.998  -9.687  1.00 26.37 ? 78  LEU A C   1 
ATOM   603 O  O   . LEU A 1 78  ? 13.539  -4.239  -10.725 1.00 24.75 ? 78  LEU A O   1 
ATOM   604 C  CB  . LEU A 1 78  ? 11.985  -5.868  -8.302  1.00 25.72 ? 78  LEU A CB  1 
ATOM   605 C  CG  . LEU A 1 78  ? 12.177  -7.011  -7.295  1.00 30.07 ? 78  LEU A CG  1 
ATOM   606 C  CD1 . LEU A 1 78  ? 10.872  -7.817  -7.186  1.00 28.71 ? 78  LEU A CD1 1 
ATOM   607 C  CD2 . LEU A 1 78  ? 13.345  -7.909  -7.724  1.00 28.46 ? 78  LEU A CD2 1 
ATOM   608 N  N   . ALA A 1 79  ? 12.021  -3.016  -9.593  1.00 24.93 ? 79  ALA A N   1 
ATOM   609 C  CA  . ALA A 1 79  ? 11.788  -2.137  -10.724 1.00 26.74 ? 79  ALA A CA  1 
ATOM   610 C  C   . ALA A 1 79  ? 13.097  -1.402  -11.020 1.00 27.58 ? 79  ALA A C   1 
ATOM   611 O  O   . ALA A 1 79  ? 13.458  -1.199  -12.182 1.00 28.35 ? 79  ALA A O   1 
ATOM   612 C  CB  . ALA A 1 79  ? 10.675  -1.129  -10.410 1.00 25.31 ? 79  ALA A CB  1 
ATOM   613 N  N   . ASN A 1 80  ? 13.810  -1.013  -9.966  1.00 26.80 ? 80  ASN A N   1 
ATOM   614 C  CA  . ASN A 1 80  ? 15.077  -0.306  -10.145 1.00 29.71 ? 80  ASN A CA  1 
ATOM   615 C  C   . ASN A 1 80  ? 16.099  -1.163  -10.859 1.00 30.13 ? 80  ASN A C   1 
ATOM   616 O  O   . ASN A 1 80  ? 17.013  -0.629  -11.485 1.00 31.68 ? 80  ASN A O   1 
ATOM   617 C  CB  . ASN A 1 80  ? 15.656  0.138   -8.799  1.00 30.07 ? 80  ASN A CB  1 
ATOM   618 C  CG  . ASN A 1 80  ? 15.015  1.406   -8.282  1.00 32.62 ? 80  ASN A CG  1 
ATOM   619 O  OD1 . ASN A 1 80  ? 15.195  1.774   -7.113  1.00 34.00 ? 80  ASN A OD1 1 
ATOM   620 N  ND2 . ASN A 1 80  ? 14.265  2.090   -9.151  1.00 29.09 ? 80  ASN A ND2 1 
ATOM   621 N  N   . GLU A 1 81  ? 15.954  -2.484  -10.766 1.00 28.91 ? 81  GLU A N   1 
ATOM   622 C  CA  . GLU A 1 81  ? 16.886  -3.396  -11.419 1.00 26.67 ? 81  GLU A CA  1 
ATOM   623 C  C   . GLU A 1 81  ? 16.461  -3.773  -12.839 1.00 26.25 ? 81  GLU A C   1 
ATOM   624 O  O   . GLU A 1 81  ? 17.097  -4.610  -13.479 1.00 28.85 ? 81  GLU A O   1 
ATOM   625 C  CB  . GLU A 1 81  ? 17.073  -4.653  -10.566 1.00 27.50 ? 81  GLU A CB  1 
ATOM   626 C  CG  . GLU A 1 81  ? 17.800  -4.395  -9.247  1.00 28.02 ? 81  GLU A CG  1 
ATOM   627 C  CD  . GLU A 1 81  ? 17.729  -5.574  -8.283  1.00 29.56 ? 81  GLU A CD  1 
ATOM   628 O  OE1 . GLU A 1 81  ? 18.250  -5.456  -7.144  1.00 27.52 ? 81  GLU A OE1 1 
ATOM   629 O  OE2 . GLU A 1 81  ? 17.147  -6.612  -8.663  1.00 31.65 ? 81  GLU A OE2 1 
ATOM   630 N  N   . GLY A 1 82  ? 15.395  -3.156  -13.334 1.00 24.47 ? 82  GLY A N   1 
ATOM   631 C  CA  . GLY A 1 82  ? 14.928  -3.458  -14.678 1.00 25.88 ? 82  GLY A CA  1 
ATOM   632 C  C   . GLY A 1 82  ? 14.058  -4.705  -14.796 1.00 25.99 ? 82  GLY A C   1 
ATOM   633 O  O   . GLY A 1 82  ? 13.553  -5.030  -15.877 1.00 24.82 ? 82  GLY A O   1 
ATOM   634 N  N   . LYS A 1 83  ? 13.881  -5.405  -13.683 1.00 26.15 ? 83  LYS A N   1 
ATOM   635 C  CA  . LYS A 1 83  ? 13.074  -6.612  -13.669 1.00 25.42 ? 83  LYS A CA  1 
ATOM   636 C  C   . LYS A 1 83  ? 11.621  -6.194  -13.555 1.00 25.27 ? 83  LYS A C   1 
ATOM   637 O  O   . LYS A 1 83  ? 11.051  -6.162  -12.475 1.00 28.93 ? 83  LYS A O   1 
ATOM   638 C  CB  . LYS A 1 83  ? 13.502  -7.467  -12.492 1.00 25.52 ? 83  LYS A CB  1 
ATOM   639 C  CG  . LYS A 1 83  ? 15.012  -7.458  -12.310 1.00 26.86 ? 83  LYS A CG  1 
ATOM   640 C  CD  . LYS A 1 83  ? 15.476  -8.505  -11.301 1.00 30.31 ? 83  LYS A CD  1 
ATOM   641 C  CE  . LYS A 1 83  ? 16.983  -8.431  -11.060 1.00 28.42 ? 83  LYS A CE  1 
ATOM   642 N  NZ  . LYS A 1 83  ? 17.430  -9.514  -10.141 1.00 30.14 ? 83  LYS A NZ  1 
ATOM   643 N  N   . VAL A 1 84  ? 11.028  -5.863  -14.691 1.00 25.89 ? 84  VAL A N   1 
ATOM   644 C  CA  . VAL A 1 84  ? 9.654   -5.400  -14.759 1.00 26.30 ? 84  VAL A CA  1 
ATOM   645 C  C   . VAL A 1 84  ? 8.595   -6.440  -14.446 1.00 28.07 ? 84  VAL A C   1 
ATOM   646 O  O   . VAL A 1 84  ? 7.581   -6.132  -13.801 1.00 30.61 ? 84  VAL A O   1 
ATOM   647 C  CB  . VAL A 1 84  ? 9.359   -4.827  -16.149 1.00 26.37 ? 84  VAL A CB  1 
ATOM   648 C  CG1 . VAL A 1 84  ? 8.003   -4.166  -16.163 1.00 27.90 ? 84  VAL A CG1 1 
ATOM   649 C  CG2 . VAL A 1 84  ? 10.449  -3.850  -16.540 1.00 24.81 ? 84  VAL A CG2 1 
ATOM   650 N  N   . LYS A 1 85  ? 8.815   -7.663  -14.914 1.00 26.90 ? 85  LYS A N   1 
ATOM   651 C  CA  . LYS A 1 85  ? 7.864   -8.749  -14.692 1.00 24.43 ? 85  LYS A CA  1 
ATOM   652 C  C   . LYS A 1 85  ? 7.746   -9.125  -13.212 1.00 20.11 ? 85  LYS A C   1 
ATOM   653 O  O   . LYS A 1 85  ? 6.639   -9.325  -12.697 1.00 18.00 ? 85  LYS A O   1 
ATOM   654 C  CB  . LYS A 1 85  ? 8.283   -9.990  -15.495 1.00 27.64 ? 85  LYS A CB  1 
ATOM   655 C  CG  . LYS A 1 85  ? 8.443   -9.776  -17.002 1.00 29.58 ? 85  LYS A CG  1 
ATOM   656 C  CD  . LYS A 1 85  ? 7.172   -10.069 -17.780 1.00 33.01 ? 85  LYS A CD  1 
ATOM   657 C  CE  . LYS A 1 85  ? 6.048   -9.125  -17.420 1.00 32.84 ? 85  LYS A CE  1 
ATOM   658 N  NZ  . LYS A 1 85  ? 4.889   -9.341  -18.331 1.00 36.48 ? 85  LYS A NZ  1 
ATOM   659 N  N   . GLU A 1 86  ? 8.874   -9.235  -12.524 1.00 16.80 ? 86  GLU A N   1 
ATOM   660 C  CA  . GLU A 1 86  ? 8.774   -9.621  -11.139 1.00 19.52 ? 86  GLU A CA  1 
ATOM   661 C  C   . GLU A 1 86  ? 8.489   -8.441  -10.247 1.00 19.08 ? 86  GLU A C   1 
ATOM   662 O  O   . GLU A 1 86  ? 8.100   -8.610  -9.101  1.00 20.05 ? 86  GLU A O   1 
ATOM   663 C  CB  . GLU A 1 86  ? 10.002  -10.423 -10.664 1.00 19.66 ? 86  GLU A CB  1 
ATOM   664 C  CG  . GLU A 1 86  ? 11.343  -9.753  -10.727 1.00 23.08 ? 86  GLU A CG  1 
ATOM   665 C  CD  . GLU A 1 86  ? 12.415  -10.573 -10.006 1.00 24.25 ? 86  GLU A CD  1 
ATOM   666 O  OE1 . GLU A 1 86  ? 13.613  -10.273 -10.187 1.00 27.84 ? 86  GLU A OE1 1 
ATOM   667 O  OE2 . GLU A 1 86  ? 12.063  -11.509 -9.250  1.00 24.30 ? 86  GLU A OE2 1 
ATOM   668 N  N   . ALA A 1 87  ? 8.670   -7.237  -10.769 1.00 19.28 ? 87  ALA A N   1 
ATOM   669 C  CA  . ALA A 1 87  ? 8.343   -6.061  -9.975  1.00 17.43 ? 87  ALA A CA  1 
ATOM   670 C  C   . ALA A 1 87  ? 6.814   -6.046  -10.004 1.00 15.91 ? 87  ALA A C   1 
ATOM   671 O  O   . ALA A 1 87  ? 6.164   -5.662  -9.039  1.00 14.85 ? 87  ALA A O   1 
ATOM   672 C  CB  . ALA A 1 87  ? 8.910   -4.816  -10.614 1.00 18.39 ? 87  ALA A CB  1 
ATOM   673 N  N   . GLN A 1 88  ? 6.244   -6.494  -11.121 1.00 15.11 ? 88  GLN A N   1 
ATOM   674 C  CA  . GLN A 1 88  ? 4.799   -6.564  -11.246 1.00 19.57 ? 88  GLN A CA  1 
ATOM   675 C  C   . GLN A 1 88  ? 4.265   -7.675  -10.344 1.00 20.05 ? 88  GLN A C   1 
ATOM   676 O  O   . GLN A 1 88  ? 3.272   -7.506  -9.644  1.00 19.87 ? 88  GLN A O   1 
ATOM   677 C  CB  . GLN A 1 88  ? 4.407   -6.816  -12.707 1.00 21.23 ? 88  GLN A CB  1 
ATOM   678 C  CG  . GLN A 1 88  ? 4.298   -5.529  -13.538 1.00 23.41 ? 88  GLN A CG  1 
ATOM   679 C  CD  . GLN A 1 88  ? 4.249   -5.776  -15.042 1.00 25.32 ? 88  GLN A CD  1 
ATOM   680 O  OE1 . GLN A 1 88  ? 3.519   -5.091  -15.773 1.00 26.00 ? 88  GLN A OE1 1 
ATOM   681 N  NE2 . GLN A 1 88  ? 5.042   -6.738  -15.514 1.00 22.30 ? 88  GLN A NE2 1 
ATOM   682 N  N   . ALA A 1 89  ? 4.933   -8.819  -10.356 1.00 22.17 ? 89  ALA A N   1 
ATOM   683 C  CA  . ALA A 1 89  ? 4.502   -9.930  -9.519  1.00 21.85 ? 89  ALA A CA  1 
ATOM   684 C  C   . ALA A 1 89  ? 4.533   -9.468  -8.065  1.00 21.05 ? 89  ALA A C   1 
ATOM   685 O  O   . ALA A 1 89  ? 3.575   -9.670  -7.318  1.00 24.44 ? 89  ALA A O   1 
ATOM   686 C  CB  . ALA A 1 89  ? 5.421   -11.133 -9.714  1.00 20.36 ? 89  ALA A CB  1 
ATOM   687 N  N   . ALA A 1 90  ? 5.637   -8.846  -7.669  1.00 17.96 ? 90  ALA A N   1 
ATOM   688 C  CA  . ALA A 1 90  ? 5.782   -8.347  -6.305  1.00 18.83 ? 90  ALA A CA  1 
ATOM   689 C  C   . ALA A 1 90  ? 4.614   -7.422  -5.974  1.00 18.45 ? 90  ALA A C   1 
ATOM   690 O  O   . ALA A 1 90  ? 4.102   -7.410  -4.850  1.00 18.29 ? 90  ALA A O   1 
ATOM   691 C  CB  . ALA A 1 90  ? 7.095   -7.593  -6.165  1.00 17.21 ? 90  ALA A CB  1 
ATOM   692 N  N   . ALA A 1 91  ? 4.202   -6.647  -6.971  1.00 17.58 ? 91  ALA A N   1 
ATOM   693 C  CA  . ALA A 1 91  ? 3.102   -5.717  -6.814  1.00 18.47 ? 91  ALA A CA  1 
ATOM   694 C  C   . ALA A 1 91  ? 1.847   -6.468  -6.404  1.00 20.53 ? 91  ALA A C   1 
ATOM   695 O  O   . ALA A 1 91  ? 1.194   -6.108  -5.416  1.00 17.69 ? 91  ALA A O   1 
ATOM   696 C  CB  . ALA A 1 91  ? 2.859   -4.959  -8.115  1.00 15.23 ? 91  ALA A CB  1 
ATOM   697 N  N   . GLU A 1 92  ? 1.515   -7.510  -7.162  1.00 23.37 ? 92  GLU A N   1 
ATOM   698 C  CA  . GLU A 1 92  ? 0.334   -8.325  -6.877  1.00 24.81 ? 92  GLU A CA  1 
ATOM   699 C  C   . GLU A 1 92  ? 0.370   -8.877  -5.471  1.00 23.33 ? 92  GLU A C   1 
ATOM   700 O  O   . GLU A 1 92  ? -0.593  -8.742  -4.720  1.00 24.34 ? 92  GLU A O   1 
ATOM   701 C  CB  . GLU A 1 92  ? 0.231   -9.481  -7.871  1.00 30.19 ? 92  GLU A CB  1 
ATOM   702 C  CG  . GLU A 1 92  ? -0.371  -9.056  -9.176  1.00 35.81 ? 92  GLU A CG  1 
ATOM   703 C  CD  . GLU A 1 92  ? -1.741  -8.455  -8.975  1.00 39.17 ? 92  GLU A CD  1 
ATOM   704 O  OE1 . GLU A 1 92  ? -2.669  -9.227  -8.654  1.00 43.72 ? 92  GLU A OE1 1 
ATOM   705 O  OE2 . GLU A 1 92  ? -1.893  -7.218  -9.119  1.00 40.06 ? 92  GLU A OE2 1 
ATOM   706 N  N   . GLN A 1 93  ? 1.488   -9.495  -5.117  1.00 23.34 ? 93  GLN A N   1 
ATOM   707 C  CA  . GLN A 1 93  ? 1.660   -10.064 -3.790  1.00 24.19 ? 93  GLN A CA  1 
ATOM   708 C  C   . GLN A 1 93  ? 1.258   -9.099  -2.678  1.00 24.42 ? 93  GLN A C   1 
ATOM   709 O  O   . GLN A 1 93  ? 1.058   -9.516  -1.540  1.00 24.95 ? 93  GLN A O   1 
ATOM   710 C  CB  . GLN A 1 93  ? 3.115   -10.498 -3.605  1.00 26.21 ? 93  GLN A CB  1 
ATOM   711 C  CG  . GLN A 1 93  ? 3.486   -11.745 -4.403  1.00 24.63 ? 93  GLN A CG  1 
ATOM   712 C  CD  . GLN A 1 93  ? 4.973   -11.864 -4.661  0.00 25.05 ? 93  GLN A CD  1 
ATOM   713 O  OE1 . GLN A 1 93  ? 5.431   -12.837 -5.260  0.00 24.88 ? 93  GLN A OE1 1 
ATOM   714 N  NE2 . GLN A 1 93  ? 5.737   -10.871 -4.219  0.00 24.88 ? 93  GLN A NE2 1 
ATOM   715 N  N   . LEU A 1 94  ? 1.141   -7.813  -3.002  1.00 22.58 ? 94  LEU A N   1 
ATOM   716 C  CA  . LEU A 1 94  ? 0.767   -6.801  -2.008  1.00 21.84 ? 94  LEU A CA  1 
ATOM   717 C  C   . LEU A 1 94  ? -0.684  -6.967  -1.559  1.00 20.91 ? 94  LEU A C   1 
ATOM   718 O  O   . LEU A 1 94  ? -1.050  -6.597  -0.430  1.00 15.32 ? 94  LEU A O   1 
ATOM   719 C  CB  . LEU A 1 94  ? 0.923   -5.393  -2.588  1.00 24.47 ? 94  LEU A CB  1 
ATOM   720 C  CG  . LEU A 1 94  ? 2.316   -4.887  -2.960  1.00 26.75 ? 94  LEU A CG  1 
ATOM   721 C  CD1 . LEU A 1 94  ? 2.184   -3.649  -3.858  1.00 27.70 ? 94  LEU A CD1 1 
ATOM   722 C  CD2 . LEU A 1 94  ? 3.089   -4.560  -1.707  1.00 23.50 ? 94  LEU A CD2 1 
ATOM   723 N  N   . LYS A 1 95  ? -1.510  -7.493  -2.459  1.00 20.18 ? 95  LYS A N   1 
ATOM   724 C  CA  . LYS A 1 95  ? -2.926  -7.696  -2.154  1.00 23.87 ? 95  LYS A CA  1 
ATOM   725 C  C   . LYS A 1 95  ? -3.132  -8.480  -0.863  1.00 24.46 ? 95  LYS A C   1 
ATOM   726 O  O   . LYS A 1 95  ? -4.100  -8.245  -0.132  1.00 26.61 ? 95  LYS A O   1 
ATOM   727 C  CB  . LYS A 1 95  ? -3.625  -8.395  -3.326  1.00 24.27 ? 95  LYS A CB  1 
ATOM   728 C  CG  . LYS A 1 95  ? -4.168  -7.416  -4.386  1.00 26.16 ? 95  LYS A CG  1 
ATOM   729 C  CD  . LYS A 1 95  ? -4.344  -8.088  -5.754  1.00 27.40 ? 95  LYS A CD  1 
ATOM   730 C  CE  . LYS A 1 95  ? -4.988  -7.152  -6.782  1.00 29.53 ? 95  LYS A CE  1 
ATOM   731 N  NZ  . LYS A 1 95  ? -5.002  -7.732  -8.174  1.00 23.98 ? 95  LYS A NZ  1 
ATOM   732 N  N   . THR A 1 96  ? -2.219  -9.404  -0.577  1.00 22.71 ? 96  THR A N   1 
ATOM   733 C  CA  . THR A 1 96  ? -2.316  -10.192 0.643   1.00 22.51 ? 96  THR A CA  1 
ATOM   734 C  C   . THR A 1 96  ? -2.435  -9.242  1.826   1.00 21.13 ? 96  THR A C   1 
ATOM   735 O  O   . THR A 1 96  ? -3.331  -9.377  2.656   1.00 21.23 ? 96  THR A O   1 
ATOM   736 C  CB  . THR A 1 96  ? -1.075  -11.084 0.837   1.00 21.91 ? 96  THR A CB  1 
ATOM   737 O  OG1 . THR A 1 96  ? -1.128  -12.172 -0.089  1.00 25.10 ? 96  THR A OG1 1 
ATOM   738 C  CG2 . THR A 1 96  ? -1.021  -11.646 2.250   1.00 23.92 ? 96  THR A CG2 1 
ATOM   739 N  N   . THR A 1 97  ? -1.531  -8.275  1.886   1.00 19.42 ? 97  THR A N   1 
ATOM   740 C  CA  . THR A 1 97  ? -1.527  -7.302  2.964   1.00 18.45 ? 97  THR A CA  1 
ATOM   741 C  C   . THR A 1 97  ? -2.841  -6.509  2.906   1.00 19.10 ? 97  THR A C   1 
ATOM   742 O  O   . THR A 1 97  ? -3.585  -6.441  3.884   1.00 16.42 ? 97  THR A O   1 
ATOM   743 C  CB  . THR A 1 97  ? -0.299  -6.394  2.809   1.00 18.00 ? 97  THR A CB  1 
ATOM   744 O  OG1 . THR A 1 97  ? 0.830   -7.229  2.562   1.00 16.66 ? 97  THR A OG1 1 
ATOM   745 C  CG2 . THR A 1 97  ? -0.022  -5.569  4.066   1.00 13.50 ? 97  THR A CG2 1 
ATOM   746 N  N   . CYS A 1 98  ? -3.143  -5.950  1.742   1.00 21.27 ? 98  CYS A N   1 
ATOM   747 C  CA  . CYS A 1 98  ? -4.371  -5.185  1.577   1.00 23.83 ? 98  CYS A CA  1 
ATOM   748 C  C   . CYS A 1 98  ? -5.572  -5.924  2.204   1.00 24.75 ? 98  CYS A C   1 
ATOM   749 O  O   . CYS A 1 98  ? -6.240  -5.404  3.097   1.00 25.61 ? 98  CYS A O   1 
ATOM   750 C  CB  . CYS A 1 98  ? -4.672  -4.952  0.086   1.00 24.19 ? 98  CYS A CB  1 
ATOM   751 S  SG  . CYS A 1 98  ? -3.357  -4.274  -0.981  1.00 23.14 ? 98  CYS A SG  1 
ATOM   752 N  N   . ASN A 1 99  ? -5.854  -7.127  1.705   1.00 24.43 ? 99  ASN A N   1 
ATOM   753 C  CA  . ASN A 1 99  ? -6.983  -7.933  2.180   1.00 24.66 ? 99  ASN A CA  1 
ATOM   754 C  C   . ASN A 1 99  ? -6.939  -8.112  3.691   1.00 25.44 ? 99  ASN A C   1 
ATOM   755 O  O   . ASN A 1 99  ? -7.893  -7.770  4.404   1.00 25.48 ? 99  ASN A O   1 
ATOM   756 C  CB  . ASN A 1 99  ? -6.963  -9.301  1.489   1.00 25.35 ? 99  ASN A CB  1 
ATOM   757 C  CG  . ASN A 1 99  ? -6.956  -9.185  -0.039  1.00 27.64 ? 99  ASN A CG  1 
ATOM   758 O  OD1 . ASN A 1 99  ? -6.987  -10.191 -0.753  1.00 31.89 ? 99  ASN A OD1 1 
ATOM   759 N  ND2 . ASN A 1 99  ? -6.907  -7.953  -0.544  1.00 32.08 ? 99  ASN A ND2 1 
ATOM   760 N  N   . ALA A 1 100 ? -5.822  -8.638  4.172   1.00 25.49 ? 100 ALA A N   1 
ATOM   761 C  CA  . ALA A 1 100 ? -5.604  -8.849  5.596   1.00 27.37 ? 100 ALA A CA  1 
ATOM   762 C  C   . ALA A 1 100 ? -6.113  -7.687  6.445   1.00 26.76 ? 100 ALA A C   1 
ATOM   763 O  O   . ALA A 1 100 ? -6.884  -7.881  7.379   1.00 27.39 ? 100 ALA A O   1 
ATOM   764 C  CB  . ALA A 1 100 ? -4.123  -9.054  5.858   1.00 26.56 ? 100 ALA A CB  1 
ATOM   765 N  N   . CYS A 1 101 ? -5.674  -6.477  6.132   1.00 27.21 ? 101 CYS A N   1 
ATOM   766 C  CA  . CYS A 1 101 ? -6.106  -5.337  6.929   1.00 28.73 ? 101 CYS A CA  1 
ATOM   767 C  C   . CYS A 1 101 ? -7.571  -4.984  6.715   1.00 30.29 ? 101 CYS A C   1 
ATOM   768 O  O   . CYS A 1 101 ? -8.230  -4.479  7.624   1.00 31.20 ? 101 CYS A O   1 
ATOM   769 C  CB  . CYS A 1 101 ? -5.256  -4.110  6.628   1.00 25.00 ? 101 CYS A CB  1 
ATOM   770 S  SG  . CYS A 1 101 ? -5.832  -2.654  7.532   1.00 22.94 ? 101 CYS A SG  1 
ATOM   771 N  N   . HIS A 1 102 ? -8.075  -5.252  5.517   1.00 30.18 ? 102 HIS A N   1 
ATOM   772 C  CA  . HIS A 1 102 ? -9.454  -4.939  5.182   1.00 33.00 ? 102 HIS A CA  1 
ATOM   773 C  C   . HIS A 1 102 ? -10.506 -5.747  5.953   1.00 35.28 ? 102 HIS A C   1 
ATOM   774 O  O   . HIS A 1 102 ? -11.519 -5.206  6.396   1.00 35.30 ? 102 HIS A O   1 
ATOM   775 C  CB  . HIS A 1 102 ? -9.679  -5.124  3.673   1.00 29.62 ? 102 HIS A CB  1 
ATOM   776 C  CG  . HIS A 1 102 ? -9.102  -4.028  2.829   1.00 29.67 ? 102 HIS A CG  1 
ATOM   777 N  ND1 . HIS A 1 102 ? -8.861  -4.180  1.479   1.00 27.25 ? 102 HIS A ND1 1 
ATOM   778 C  CD2 . HIS A 1 102 ? -8.731  -2.761  3.137   1.00 25.27 ? 102 HIS A CD2 1 
ATOM   779 C  CE1 . HIS A 1 102 ? -8.369  -3.054  0.993   1.00 25.58 ? 102 HIS A CE1 1 
ATOM   780 N  NE2 . HIS A 1 102 ? -8.278  -2.177  1.978   1.00 24.37 ? 102 HIS A NE2 1 
ATOM   781 N  N   . GLN A 1 103 ? -10.262 -7.039  6.120   1.00 37.00 ? 103 GLN A N   1 
ATOM   782 C  CA  . GLN A 1 103 ? -11.229 -7.884  6.796   1.00 39.67 ? 103 GLN A CA  1 
ATOM   783 C  C   . GLN A 1 103 ? -11.235 -7.711  8.307   1.00 39.16 ? 103 GLN A C   1 
ATOM   784 O  O   . GLN A 1 103 ? -12.140 -8.185  8.994   1.00 38.39 ? 103 GLN A O   1 
ATOM   785 C  CB  . GLN A 1 103 ? -10.985 -9.343  6.423   1.00 42.87 ? 103 GLN A CB  1 
ATOM   786 C  CG  . GLN A 1 103 ? -9.587  -9.826  6.724   1.00 49.39 ? 103 GLN A CG  1 
ATOM   787 C  CD  . GLN A 1 103 ? -9.349  -11.207 6.172   1.00 53.77 ? 103 GLN A CD  1 
ATOM   788 O  OE1 . GLN A 1 103 ? -9.439  -11.422 4.958   1.00 56.54 ? 103 GLN A OE1 1 
ATOM   789 N  NE2 . GLN A 1 103 ? -9.048  -12.163 7.057   1.00 54.92 ? 103 GLN A NE2 1 
ATOM   790 N  N   . LYS A 1 104 ? -10.227 -7.024  8.823   1.00 37.87 ? 104 LYS A N   1 
ATOM   791 C  CA  . LYS A 1 104 ? -10.171 -6.794  10.250  1.00 36.73 ? 104 LYS A CA  1 
ATOM   792 C  C   . LYS A 1 104 ? -10.684 -5.414  10.582  1.00 37.54 ? 104 LYS A C   1 
ATOM   793 O  O   . LYS A 1 104 ? -11.410 -5.245  11.553  1.00 39.02 ? 104 LYS A O   1 
ATOM   794 C  CB  . LYS A 1 104 ? -8.738  -6.928  10.775  1.00 36.51 ? 104 LYS A CB  1 
ATOM   795 C  CG  . LYS A 1 104 ? -8.302  -8.352  11.103  1.00 36.17 ? 104 LYS A CG  1 
ATOM   796 C  CD  . LYS A 1 104 ? -6.872  -8.372  11.618  1.00 37.88 ? 104 LYS A CD  1 
ATOM   797 C  CE  . LYS A 1 104 ? -5.907  -7.907  10.535  1.00 39.84 ? 104 LYS A CE  1 
ATOM   798 N  NZ  . LYS A 1 104 ? -4.517  -7.814  11.036  1.00 40.80 ? 104 LYS A NZ  1 
ATOM   799 N  N   . TYR A 1 105 ? -10.336 -4.424  9.766   1.00 37.39 ? 105 TYR A N   1 
ATOM   800 C  CA  . TYR A 1 105 ? -10.741 -3.060  10.067  1.00 36.73 ? 105 TYR A CA  1 
ATOM   801 C  C   . TYR A 1 105 ? -11.602 -2.289  9.071   1.00 36.14 ? 105 TYR A C   1 
ATOM   802 O  O   . TYR A 1 105 ? -12.133 -1.234  9.413   1.00 36.50 ? 105 TYR A O   1 
ATOM   803 C  CB  . TYR A 1 105 ? -9.488  -2.254  10.402  1.00 37.87 ? 105 TYR A CB  1 
ATOM   804 C  CG  . TYR A 1 105 ? -8.670  -2.921  11.471  1.00 37.78 ? 105 TYR A CG  1 
ATOM   805 C  CD1 . TYR A 1 105 ? -7.353  -3.305  11.237  1.00 39.48 ? 105 TYR A CD1 1 
ATOM   806 C  CD2 . TYR A 1 105 ? -9.231  -3.216  12.710  1.00 39.39 ? 105 TYR A CD2 1 
ATOM   807 C  CE1 . TYR A 1 105 ? -6.613  -3.975  12.213  1.00 41.93 ? 105 TYR A CE1 1 
ATOM   808 C  CE2 . TYR A 1 105 ? -8.510  -3.883  13.692  1.00 40.38 ? 105 TYR A CE2 1 
ATOM   809 C  CZ  . TYR A 1 105 ? -7.203  -4.261  13.442  1.00 42.68 ? 105 TYR A CZ  1 
ATOM   810 O  OH  . TYR A 1 105 ? -6.493  -4.928  14.415  1.00 43.80 ? 105 TYR A OH  1 
ATOM   811 N  N   . ARG A 1 106 ? -11.748 -2.791  7.852   1.00 35.40 ? 106 ARG A N   1 
ATOM   812 C  CA  . ARG A 1 106 ? -12.571 -2.094  6.863   1.00 36.72 ? 106 ARG A CA  1 
ATOM   813 C  C   . ARG A 1 106 ? -14.065 -2.449  7.015   1.00 37.07 ? 106 ARG A C   1 
ATOM   814 O  O   . ARG A 1 106 ? -14.396 -3.638  7.243   1.00 37.09 ? 106 ARG A O   1 
ATOM   815 C  CB  . ARG A 1 106 ? -12.089 -2.439  5.448   1.00 37.36 ? 106 ARG A CB  1 
ATOM   816 C  CG  . ARG A 1 106 ? -12.917 -1.837  4.319   1.00 36.61 ? 106 ARG A CG  1 
ATOM   817 C  CD  . ARG A 1 106 ? -12.967 -2.801  3.150   1.00 38.74 ? 106 ARG A CD  1 
ATOM   818 N  NE  . ARG A 1 106 ? -12.465 -2.227  1.906   1.00 41.77 ? 106 ARG A NE  1 
ATOM   819 C  CZ  . ARG A 1 106 ? -12.282 -2.924  0.786   1.00 44.33 ? 106 ARG A CZ  1 
ATOM   820 N  NH1 . ARG A 1 106 ? -11.822 -2.322  -0.309  1.00 45.37 ? 106 ARG A NH1 1 
ATOM   821 N  NH2 . ARG A 1 106 ? -12.549 -4.225  0.759   1.00 42.62 ? 106 ARG A NH2 1 
ATOM   822 O  OXT . ARG A 1 106 ? -14.895 -1.525  6.894   1.00 36.92 ? 106 ARG A OXT 1 
HETATM 823 C  CHA . HEM B 2 .   ? -10.753 0.902   2.153   1.00 28.06 ? 150 HEM A CHA 1 
HETATM 824 C  CHB . HEM B 2 .   ? -7.790  -0.517  -1.435  1.00 24.39 ? 150 HEM A CHB 1 
HETATM 825 C  CHC . HEM B 2 .   ? -4.339  -1.559  1.831   1.00 17.31 ? 150 HEM A CHC 1 
HETATM 826 C  CHD . HEM B 2 .   ? -7.296  -0.152  5.434   1.00 26.67 ? 150 HEM A CHD 1 
HETATM 827 C  C1A . HEM B 2 .   ? -10.255 0.596   0.892   1.00 30.20 ? 150 HEM A C1A 1 
HETATM 828 C  C2A . HEM B 2 .   ? -11.009 0.775   -0.356  1.00 33.49 ? 150 HEM A C2A 1 
HETATM 829 C  C3A . HEM B 2 .   ? -10.171 0.331   -1.345  1.00 30.65 ? 150 HEM A C3A 1 
HETATM 830 C  C4A . HEM B 2 .   ? -8.900  -0.053  -0.737  1.00 27.93 ? 150 HEM A C4A 1 
HETATM 831 C  CMA . HEM B 2 .   ? -10.542 0.210   -2.808  1.00 29.52 ? 150 HEM A CMA 1 
HETATM 832 C  CAA . HEM B 2 .   ? -12.326 1.550   -0.577  1.00 34.84 ? 150 HEM A CAA 1 
HETATM 833 C  CBA . HEM B 2 .   ? -12.222 2.990   -0.051  1.00 39.40 ? 150 HEM A CBA 1 
HETATM 834 C  CGA . HEM B 2 .   ? -13.292 3.914   -0.618  1.00 41.08 ? 150 HEM A CGA 1 
HETATM 835 O  O1A . HEM B 2 .   ? -13.027 4.562   -1.659  1.00 39.86 ? 150 HEM A O1A 1 
HETATM 836 O  O2A . HEM B 2 .   ? -14.392 3.982   -0.021  1.00 41.54 ? 150 HEM A O2A 1 
HETATM 837 C  C1B . HEM B 2 .   ? -6.583  -0.901  -0.859  1.00 23.04 ? 150 HEM A C1B 1 
HETATM 838 C  C2B . HEM B 2 .   ? -5.474  -1.479  -1.594  1.00 21.96 ? 150 HEM A C2B 1 
HETATM 839 C  C3B . HEM B 2 .   ? -4.515  -1.798  -0.671  1.00 21.10 ? 150 HEM A C3B 1 
HETATM 840 C  C4B . HEM B 2 .   ? -5.026  -1.397  0.636   1.00 20.17 ? 150 HEM A C4B 1 
HETATM 841 C  CMB . HEM B 2 .   ? -5.372  -1.675  -3.108  1.00 20.53 ? 150 HEM A CMB 1 
HETATM 842 C  CAB . HEM B 2 .   ? -3.315  -2.477  -0.910  1.00 22.37 ? 150 HEM A CAB 1 
HETATM 843 C  CBB . HEM B 2 .   ? -2.323  -2.008  -1.744  1.00 23.06 ? 150 HEM A CBB 1 
HETATM 844 C  C1C . HEM B 2 .   ? -4.830  -1.240  3.082   1.00 19.42 ? 150 HEM A C1C 1 
HETATM 845 C  C2C . HEM B 2 .   ? -4.091  -1.503  4.283   1.00 19.88 ? 150 HEM A C2C 1 
HETATM 846 C  C3C . HEM B 2 .   ? -4.921  -1.131  5.320   1.00 23.12 ? 150 HEM A C3C 1 
HETATM 847 C  C4C . HEM B 2 .   ? -6.172  -0.636  4.727   1.00 24.29 ? 150 HEM A C4C 1 
HETATM 848 C  CMC . HEM B 2 .   ? -2.703  -2.173  4.383   1.00 16.24 ? 150 HEM A CMC 1 
HETATM 849 C  CAC . HEM B 2 .   ? -4.635  -1.288  6.704   1.00 24.77 ? 150 HEM A CAC 1 
HETATM 850 C  CBC . HEM B 2 .   ? -3.416  -0.820  7.227   1.00 23.44 ? 150 HEM A CBC 1 
HETATM 851 C  C1D . HEM B 2 .   ? -8.492  0.284   4.850   1.00 28.73 ? 150 HEM A C1D 1 
HETATM 852 C  C2D . HEM B 2 .   ? -9.681  0.857   5.546   1.00 31.71 ? 150 HEM A C2D 1 
HETATM 853 C  C3D . HEM B 2 .   ? -10.595 1.128   4.586   1.00 31.26 ? 150 HEM A C3D 1 
HETATM 854 C  C4D . HEM B 2 .   ? -10.039 0.754   3.328   1.00 29.06 ? 150 HEM A C4D 1 
HETATM 855 C  CMD . HEM B 2 .   ? -9.955  1.208   7.017   1.00 31.53 ? 150 HEM A CMD 1 
HETATM 856 C  CAD . HEM B 2 .   ? -11.955 1.767   4.825   1.00 32.37 ? 150 HEM A CAD 1 
HETATM 857 C  CBD . HEM B 2 .   ? -11.920 3.278   4.837   1.00 29.83 ? 150 HEM A CBD 1 
HETATM 858 C  CGD . HEM B 2 .   ? -13.286 3.871   5.135   1.00 33.83 ? 150 HEM A CGD 1 
HETATM 859 O  O1D . HEM B 2 .   ? -13.400 5.118   5.235   1.00 31.66 ? 150 HEM A O1D 1 
HETATM 860 O  O2D . HEM B 2 .   ? -14.248 3.079   5.272   1.00 29.78 ? 150 HEM A O2D 1 
HETATM 861 N  NA  . HEM B 2 .   ? -8.967  0.105   0.639   1.00 27.66 ? 150 HEM A NA  1 
HETATM 862 N  NB  . HEM B 2 .   ? -6.300  -0.858  0.512   1.00 23.91 ? 150 HEM A NB  1 
HETATM 863 N  NC  . HEM B 2 .   ? -6.088  -0.715  3.356   1.00 23.12 ? 150 HEM A NC  1 
HETATM 864 N  ND  . HEM B 2 .   ? -8.733  0.246   3.476   1.00 28.42 ? 150 HEM A ND  1 
HETATM 865 FE FE  . HEM B 2 .   ? -7.486  -0.266  2.004   1.00 22.56 ? 150 HEM A FE  1 
HETATM 866 N  N1  . HQI C 3 .   ? 7.896   -6.070  6.379   1.00 27.27 ? 151 HQI A N1  1 
HETATM 867 N  N2  . HQI C 3 .   ? 7.163   -4.720  10.831  1.00 21.27 ? 151 HQI A N2  1 
HETATM 868 C  CAA . HQI C 3 .   ? 8.322   -6.286  4.009   1.00 26.12 ? 151 HQI A CAA 1 
HETATM 869 O  OAB . HQI C 3 .   ? 7.165   -7.933  5.304   1.00 34.40 ? 151 HQI A OAB 1 
HETATM 870 O  OAC . HQI C 3 .   ? 6.255   -7.214  11.486  1.00 15.27 ? 151 HQI A OAC 1 
HETATM 871 C  CAD . HQI C 3 .   ? 7.972   -3.152  9.261   1.00 21.27 ? 151 HQI A CAD 1 
HETATM 872 C  CAE . HQI C 3 .   ? 7.561   -3.493  10.545  1.00 21.72 ? 151 HQI A CAE 1 
HETATM 873 C  CAF . HQI C 3 .   ? 6.638   -7.941  9.244   1.00 20.45 ? 151 HQI A CAF 1 
HETATM 874 C  CAG . HQI C 3 .   ? 7.046   -7.662  7.942   1.00 21.15 ? 151 HQI A CAG 1 
HETATM 875 C  CAH . HQI C 3 .   ? 7.965   -4.123  8.269   1.00 20.43 ? 151 HQI A CAH 1 
HETATM 876 C  CAK . HQI C 3 .   ? 7.765   -6.862  5.313   1.00 31.36 ? 151 HQI A CAK 1 
HETATM 877 C  CAL . HQI C 3 .   ? 6.684   -6.953  10.221  1.00 18.53 ? 151 HQI A CAL 1 
HETATM 878 C  CAM . HQI C 3 .   ? 7.504   -6.390  7.612   1.00 22.99 ? 151 HQI A CAM 1 
HETATM 879 C  CAN . HQI C 3 .   ? 7.541   -5.407  8.593   1.00 20.12 ? 151 HQI A CAN 1 
HETATM 880 C  CAO . HQI C 3 .   ? 7.139   -5.681  9.896   1.00 20.89 ? 151 HQI A CAO 1 
HETATM 881 NI NI  . NI  D 4 .   ? 6.565   -5.524  12.648  0.50 7.20  ? 107 NI  A NI  1 
HETATM 882 O  O   . HOH E 5 .   ? 8.196   0.123   6.810   1.00 26.16 ? 108 HOH A O   1 
HETATM 883 O  O   . HOH E 5 .   ? 6.923   7.454   0.679   1.00 24.57 ? 109 HOH A O   1 
HETATM 884 O  O   . HOH E 5 .   ? -8.773  3.054   -11.241 1.00 25.46 ? 110 HOH A O   1 
HETATM 885 O  O   . HOH E 5 .   ? 7.225   9.274   -9.304  1.00 34.12 ? 111 HOH A O   1 
HETATM 886 O  O   . HOH E 5 .   ? 0.996   -2.976  16.933  1.00 19.70 ? 112 HOH A O   1 
HETATM 887 O  O   . HOH E 5 .   ? 12.325  -7.490  2.539   1.00 23.15 ? 113 HOH A O   1 
HETATM 888 O  O   . HOH E 5 .   ? -12.315 7.025   6.603   1.00 37.48 ? 114 HOH A O   1 
HETATM 889 O  O   . HOH E 5 .   ? 3.168   4.630   -13.651 1.00 15.02 ? 115 HOH A O   1 
HETATM 890 O  O   . HOH E 5 .   ? 11.315  2.605   -18.412 1.00 26.64 ? 116 HOH A O   1 
HETATM 891 O  O   . HOH E 5 .   ? -11.341 -2.092  -8.176  1.00 26.00 ? 117 HOH A O   1 
HETATM 892 O  O   . HOH E 5 .   ? -9.592  9.721   7.106   1.00 23.28 ? 118 HOH A O   1 
HETATM 893 O  O   . HOH E 5 .   ? 0.314   -5.732  16.242  0.50 7.20  ? 119 HOH A O   1 
HETATM 894 O  O   . HOH E 5 .   ? 8.594   -8.234  0.008   1.00 20.96 ? 120 HOH A O   1 
HETATM 895 O  O   . HOH E 5 .   ? -18.370 5.415   12.419  1.00 42.53 ? 121 HOH A O   1 
HETATM 896 O  O   . HOH E 5 .   ? 1.326   -6.181  -10.722 1.00 33.78 ? 122 HOH A O   1 
HETATM 897 O  O   . HOH E 5 .   ? 15.817  -11.462 -10.371 1.00 17.91 ? 123 HOH A O   1 
HETATM 898 O  O   . HOH E 5 .   ? -3.774  9.824   -2.084  1.00 16.14 ? 124 HOH A O   1 
HETATM 899 O  O   . HOH E 5 .   ? 0.150   -8.087  -12.680 1.00 15.13 ? 125 HOH A O   1 
HETATM 900 O  O   . HOH E 5 .   ? -3.273  -5.076  9.378   1.00 22.38 ? 126 HOH A O   1 
HETATM 901 O  O   . HOH E 5 .   ? -5.178  9.646   5.062   1.00 46.03 ? 127 HOH A O   1 
HETATM 902 O  O   . HOH E 5 .   ? -6.248  14.795  5.396   1.00 30.68 ? 128 HOH A O   1 
HETATM 903 O  O   . HOH E 5 .   ? 3.261   10.560  2.355   1.00 24.36 ? 129 HOH A O   1 
HETATM 904 O  O   . HOH E 5 .   ? -11.718 9.106   4.232   1.00 38.10 ? 130 HOH A O   1 
HETATM 905 O  O   . HOH E 5 .   ? -8.895  -4.038  -4.065  1.00 29.92 ? 131 HOH A O   1 
HETATM 906 O  O   . HOH E 5 .   ? -2.360  10.540  -5.817  1.00 30.46 ? 132 HOH A O   1 
HETATM 907 O  O   . HOH E 5 .   ? 0.599   9.510   -2.895  1.00 29.42 ? 133 HOH A O   1 
HETATM 908 O  O   . HOH E 5 .   ? 4.480   10.218  -5.042  1.00 37.67 ? 134 HOH A O   1 
HETATM 909 O  O   . HOH E 5 .   ? -1.531  8.370   -8.389  1.00 29.18 ? 135 HOH A O   1 
HETATM 910 O  O   . HOH E 5 .   ? 0.296   1.649   -17.239 1.00 29.92 ? 136 HOH A O   1 
HETATM 911 O  O   . HOH E 5 .   ? 4.430   6.849   -15.119 1.00 22.14 ? 137 HOH A O   1 
HETATM 912 O  O   . HOH E 5 .   ? 0.961   -3.480  -22.190 1.00 41.85 ? 138 HOH A O   1 
HETATM 913 O  O   . HOH E 5 .   ? 12.107  -1.699  -18.820 1.00 22.61 ? 139 HOH A O   1 
HETATM 914 O  O   . HOH E 5 .   ? 13.936  2.873   -17.092 1.00 29.50 ? 140 HOH A O   1 
HETATM 915 O  O   . HOH E 5 .   ? 15.893  5.119   -11.590 1.00 45.49 ? 141 HOH A O   1 
HETATM 916 O  O   . HOH E 5 .   ? 1.501   11.928  -7.058  1.00 27.32 ? 142 HOH A O   1 
HETATM 917 O  O   . HOH E 5 .   ? 11.317  -1.550  3.732   1.00 24.81 ? 143 HOH A O   1 
HETATM 918 O  O   . HOH E 5 .   ? 7.492   -6.756  -2.343  1.00 21.11 ? 144 HOH A O   1 
HETATM 919 O  O   . HOH E 5 .   ? 19.817  -9.732  -9.623  1.00 26.85 ? 145 HOH A O   1 
HETATM 920 O  O   . HOH E 5 .   ? -9.687  -6.541  0.110   1.00 28.98 ? 146 HOH A O   1 
HETATM 921 O  O   . HOH E 5 .   ? 11.249  -5.366  9.977   0.50 6.26  ? 147 HOH A O   1 
HETATM 922 O  O   . HOH E 5 .   ? -6.370  -5.350  -9.284  1.00 39.50 ? 148 HOH A O   1 
HETATM 923 O  O   . HOH E 5 .   ? 7.041   7.824   -2.479  1.00 25.91 ? 149 HOH A O   1 
HETATM 924 O  O   . HOH E 5 .   ? 7.621   3.440   7.111   1.00 42.56 ? 152 HOH A O   1 
HETATM 925 O  O   . HOH E 5 .   ? -5.379  1.066   25.933  1.00 39.05 ? 153 HOH A O   1 
HETATM 926 O  O   . HOH E 5 .   ? 10.818  -8.403  9.302   1.00 29.43 ? 154 HOH A O   1 
HETATM 927 O  O   . HOH E 5 .   ? 3.826   -9.937  -13.376 1.00 33.68 ? 155 HOH A O   1 
# 
